data_2EJ2
#
_entry.id   2EJ2
#
_cell.length_a   117.020
_cell.length_b   144.216
_cell.length_c   147.042
_cell.angle_alpha   90.00
_cell.angle_beta   90.00
_cell.angle_gamma   90.00
#
_symmetry.space_group_name_H-M   'P 21 21 21'
#
loop_
_entity.id
_entity.type
_entity.pdbx_description
1 polymer 'Branched-chain amino acid aminotransferase'
2 non-polymer 4-[(1,3-DICARBOXY-PROPYLAMINO)-METHYL]-3-HYDROXY-2-METHYL-5-PHOSPHONOOXYMETHYL-PYRIDINIUM
3 non-polymer (4S)-2-METHYL-2,4-PENTANEDIOL
4 water water
#
_entity_poly.entity_id   1
_entity_poly.type   'polypeptide(L)'
_entity_poly.pdbx_seq_one_letter_code
;MQIKAGLIWMNGAFVPQEEAKTSVLSHALHYGTSVFEGIRAYETAKGPAIFRLKEHVKRFYNSAKVLRMEIPFAPEELEE
AIKEVVRRNGYRSCYIRPLAWMGAKALGVNPLPNNPAEVMVAAWEWGAYLGEEAVRKGARLITSSWARFPANVMPGKAKV
GGNYVNSALAKMEAVAAGADEALLLDEEGYVAEGSGENLFFVRDGVIYALEHSVNLEGITRDSVIRIAKDLGYEVQVVRA
TRDQLYMADEVFMTGTAAEVTPVSMIDWRPIGKGTAGPVALRLREVYLEAVTGRRPEYEGWLTYVNGQ
;
_entity_poly.pdbx_strand_id   A,B,C,D,E,F
#
# COMPACT_ATOMS: atom_id res chain seq x y z
N GLN A 2 -31.90 -22.99 -17.84
CA GLN A 2 -32.51 -23.03 -16.48
C GLN A 2 -31.83 -24.05 -15.58
N ILE A 3 -31.98 -23.87 -14.27
CA ILE A 3 -31.40 -24.78 -13.28
C ILE A 3 -32.46 -25.79 -12.84
N LYS A 4 -32.09 -27.07 -12.85
CA LYS A 4 -33.02 -28.13 -12.45
C LYS A 4 -32.91 -28.38 -10.95
N ALA A 5 -33.48 -27.47 -10.17
CA ALA A 5 -33.43 -27.56 -8.71
C ALA A 5 -34.60 -28.35 -8.11
N GLY A 6 -35.79 -28.20 -8.69
CA GLY A 6 -36.95 -28.92 -8.19
C GLY A 6 -37.57 -28.28 -6.97
N LEU A 7 -37.74 -29.05 -5.90
CA LEU A 7 -38.33 -28.53 -4.67
C LEU A 7 -37.31 -27.70 -3.88
N ILE A 8 -37.70 -26.47 -3.55
CA ILE A 8 -36.84 -25.56 -2.82
C ILE A 8 -37.40 -25.19 -1.45
N TRP A 9 -36.56 -25.29 -0.44
CA TRP A 9 -36.96 -24.95 0.92
C TRP A 9 -37.00 -23.42 1.02
N MET A 10 -38.19 -22.89 1.27
CA MET A 10 -38.38 -21.45 1.38
C MET A 10 -38.88 -21.06 2.76
N ASN A 11 -38.02 -20.43 3.55
CA ASN A 11 -38.39 -19.98 4.88
C ASN A 11 -39.21 -20.97 5.72
N GLY A 12 -38.73 -22.20 5.84
CA GLY A 12 -39.44 -23.17 6.65
C GLY A 12 -40.25 -24.25 5.95
N ALA A 13 -40.44 -24.13 4.63
CA ALA A 13 -41.22 -25.13 3.92
C ALA A 13 -40.81 -25.28 2.46
N PHE A 14 -40.93 -26.51 1.96
CA PHE A 14 -40.57 -26.78 0.58
C PHE A 14 -41.68 -26.36 -0.38
N VAL A 15 -41.27 -25.79 -1.51
CA VAL A 15 -42.21 -25.33 -2.53
C VAL A 15 -41.60 -25.61 -3.89
N PRO A 16 -42.46 -25.73 -4.93
CA PRO A 16 -41.95 -25.99 -6.28
C PRO A 16 -41.00 -24.87 -6.68
N GLN A 17 -40.04 -25.18 -7.55
CA GLN A 17 -39.07 -24.18 -7.98
C GLN A 17 -39.72 -22.88 -8.47
N GLU A 18 -40.66 -23.00 -9.40
CA GLU A 18 -41.34 -21.84 -9.96
C GLU A 18 -41.95 -20.92 -8.91
N GLU A 19 -42.12 -21.42 -7.69
CA GLU A 19 -42.70 -20.61 -6.62
C GLU A 19 -41.65 -20.01 -5.71
N ALA A 20 -40.40 -20.43 -5.86
CA ALA A 20 -39.31 -19.92 -5.05
C ALA A 20 -38.84 -18.59 -5.62
N LYS A 21 -39.57 -17.52 -5.30
CA LYS A 21 -39.23 -16.20 -5.81
C LYS A 21 -39.26 -15.16 -4.70
N THR A 22 -38.64 -14.01 -4.98
CA THR A 22 -38.58 -12.92 -4.01
C THR A 22 -38.74 -11.60 -4.75
N SER A 23 -39.18 -10.57 -4.03
CA SER A 23 -39.39 -9.25 -4.61
C SER A 23 -38.14 -8.65 -5.24
N VAL A 24 -38.31 -7.96 -6.37
CA VAL A 24 -37.19 -7.32 -7.04
C VAL A 24 -36.75 -6.09 -6.26
N LEU A 25 -37.43 -5.83 -5.14
CA LEU A 25 -37.09 -4.71 -4.29
C LEU A 25 -36.31 -5.19 -3.08
N SER A 26 -35.94 -6.48 -3.08
CA SER A 26 -35.17 -7.06 -1.99
C SER A 26 -33.81 -6.38 -1.89
N HIS A 27 -33.45 -5.98 -0.67
CA HIS A 27 -32.20 -5.30 -0.39
C HIS A 27 -31.00 -6.01 -1.05
N ALA A 28 -30.91 -7.32 -0.90
CA ALA A 28 -29.80 -8.09 -1.44
C ALA A 28 -29.66 -8.03 -2.97
N LEU A 29 -30.78 -7.86 -3.67
CA LEU A 29 -30.74 -7.81 -5.13
C LEU A 29 -30.12 -6.48 -5.57
N HIS A 30 -30.19 -5.49 -4.69
CA HIS A 30 -29.66 -4.16 -4.99
C HIS A 30 -28.28 -3.87 -4.37
N TYR A 31 -28.02 -4.44 -3.20
CA TYR A 31 -26.78 -4.14 -2.51
C TYR A 31 -25.85 -5.29 -2.13
N GLY A 32 -26.07 -6.45 -2.74
CA GLY A 32 -25.22 -7.62 -2.48
C GLY A 32 -25.26 -8.14 -1.05
N THR A 33 -26.29 -7.75 -0.30
CA THR A 33 -26.43 -8.15 1.08
C THR A 33 -27.04 -9.54 1.32
N SER A 34 -26.29 -10.57 0.94
CA SER A 34 -26.72 -11.95 1.14
C SER A 34 -25.50 -12.77 1.51
N VAL A 35 -25.76 -13.96 2.06
CA VAL A 35 -24.69 -14.89 2.43
C VAL A 35 -25.16 -16.27 1.96
N PHE A 36 -24.22 -17.10 1.54
CA PHE A 36 -24.59 -18.42 1.05
C PHE A 36 -23.52 -19.45 1.36
N GLU A 37 -23.83 -20.70 1.06
CA GLU A 37 -22.88 -21.77 1.25
C GLU A 37 -22.88 -22.68 0.04
N GLY A 38 -21.86 -23.53 -0.02
CA GLY A 38 -21.72 -24.47 -1.11
C GLY A 38 -21.45 -25.80 -0.42
N ILE A 39 -22.37 -26.74 -0.56
CA ILE A 39 -22.20 -28.03 0.10
C ILE A 39 -22.45 -29.17 -0.88
N ARG A 40 -21.65 -30.22 -0.76
CA ARG A 40 -21.81 -31.35 -1.63
C ARG A 40 -22.23 -32.63 -0.95
N ALA A 41 -22.96 -33.45 -1.70
CA ALA A 41 -23.41 -34.75 -1.27
C ALA A 41 -22.87 -35.71 -2.31
N TYR A 42 -22.31 -36.83 -1.85
CA TYR A 42 -21.76 -37.84 -2.75
C TYR A 42 -22.44 -39.18 -2.51
N GLU A 43 -22.46 -40.03 -3.54
CA GLU A 43 -23.06 -41.34 -3.41
C GLU A 43 -22.09 -42.23 -2.64
N THR A 44 -22.61 -43.09 -1.77
CA THR A 44 -21.78 -44.01 -1.00
C THR A 44 -22.51 -45.34 -0.92
N ALA A 45 -21.84 -46.37 -0.41
CA ALA A 45 -22.43 -47.69 -0.27
C ALA A 45 -23.65 -47.62 0.65
N LYS A 46 -23.67 -46.61 1.52
CA LYS A 46 -24.78 -46.45 2.47
C LYS A 46 -25.70 -45.31 2.10
N GLY A 47 -25.74 -44.95 0.82
CA GLY A 47 -26.61 -43.87 0.37
C GLY A 47 -25.90 -42.52 0.33
N PRO A 48 -26.60 -41.46 -0.09
CA PRO A 48 -26.04 -40.10 -0.17
C PRO A 48 -25.45 -39.62 1.15
N ALA A 49 -24.29 -38.98 1.07
CA ALA A 49 -23.62 -38.46 2.25
C ALA A 49 -23.17 -37.01 2.01
N ILE A 50 -23.60 -36.11 2.88
CA ILE A 50 -23.24 -34.71 2.78
C ILE A 50 -21.89 -34.53 3.47
N PHE A 51 -20.96 -33.87 2.78
CA PHE A 51 -19.62 -33.68 3.33
C PHE A 51 -19.45 -32.50 4.28
N ARG A 52 -19.07 -32.83 5.51
CA ARG A 52 -18.84 -31.84 6.56
C ARG A 52 -19.96 -30.80 6.66
N LEU A 53 -21.18 -31.30 6.85
CA LEU A 53 -22.37 -30.47 6.96
C LEU A 53 -22.28 -29.46 8.11
N LYS A 54 -21.80 -29.94 9.26
CA LYS A 54 -21.66 -29.11 10.45
C LYS A 54 -20.82 -27.85 10.19
N GLU A 55 -19.66 -28.04 9.56
CA GLU A 55 -18.75 -26.93 9.27
C GLU A 55 -19.33 -25.91 8.30
N HIS A 56 -20.01 -26.39 7.27
CA HIS A 56 -20.60 -25.47 6.30
C HIS A 56 -21.71 -24.64 6.94
N VAL A 57 -22.52 -25.27 7.79
CA VAL A 57 -23.61 -24.54 8.45
C VAL A 57 -23.04 -23.52 9.44
N LYS A 58 -21.98 -23.90 10.16
CA LYS A 58 -21.38 -22.97 11.11
C LYS A 58 -20.89 -21.75 10.34
N ARG A 59 -20.23 -21.98 9.21
CA ARG A 59 -19.73 -20.86 8.42
C ARG A 59 -20.87 -20.01 7.89
N PHE A 60 -22.00 -20.65 7.59
CA PHE A 60 -23.17 -19.92 7.09
C PHE A 60 -23.59 -18.87 8.13
N TYR A 61 -23.76 -19.30 9.38
CA TYR A 61 -24.15 -18.38 10.44
C TYR A 61 -23.04 -17.37 10.75
N ASN A 62 -21.79 -17.79 10.57
CA ASN A 62 -20.65 -16.90 10.79
C ASN A 62 -20.67 -15.80 9.71
N SER A 63 -21.04 -16.17 8.49
CA SER A 63 -21.10 -15.18 7.42
C SER A 63 -22.16 -14.14 7.71
N ALA A 64 -23.32 -14.59 8.19
CA ALA A 64 -24.41 -13.66 8.52
C ALA A 64 -23.99 -12.67 9.60
N LYS A 65 -23.21 -13.15 10.57
CA LYS A 65 -22.77 -12.28 11.66
C LYS A 65 -21.97 -11.09 11.13
N VAL A 66 -21.17 -11.32 10.10
CA VAL A 66 -20.36 -10.26 9.52
C VAL A 66 -21.24 -9.12 9.00
N LEU A 67 -22.40 -9.47 8.46
CA LEU A 67 -23.33 -8.46 7.95
C LEU A 67 -24.32 -8.06 9.04
N ARG A 68 -24.17 -8.63 10.23
CA ARG A 68 -25.08 -8.35 11.33
C ARG A 68 -26.47 -8.79 10.88
N MET A 69 -26.49 -9.85 10.09
CA MET A 69 -27.71 -10.42 9.56
C MET A 69 -28.27 -11.46 10.54
N GLU A 70 -29.57 -11.40 10.78
CA GLU A 70 -30.22 -12.35 11.68
C GLU A 70 -30.91 -13.46 10.89
N ILE A 71 -30.51 -14.70 11.14
CA ILE A 71 -31.09 -15.86 10.49
C ILE A 71 -32.18 -16.36 11.45
N PRO A 72 -33.45 -16.23 11.07
CA PRO A 72 -34.59 -16.64 11.90
C PRO A 72 -34.83 -18.15 12.06
N PHE A 73 -33.76 -18.93 11.97
CA PHE A 73 -33.86 -20.38 12.13
C PHE A 73 -32.65 -20.88 12.92
N ALA A 74 -32.85 -21.93 13.70
CA ALA A 74 -31.77 -22.52 14.48
C ALA A 74 -30.91 -23.38 13.53
N PRO A 75 -29.60 -23.45 13.76
CA PRO A 75 -28.73 -24.24 12.89
C PRO A 75 -29.28 -25.65 12.65
N GLU A 76 -29.79 -26.26 13.72
CA GLU A 76 -30.34 -27.60 13.63
C GLU A 76 -31.47 -27.67 12.61
N GLU A 77 -32.22 -26.58 12.50
CA GLU A 77 -33.34 -26.53 11.55
C GLU A 77 -32.80 -26.50 10.12
N LEU A 78 -31.75 -25.73 9.90
CA LEU A 78 -31.14 -25.60 8.59
C LEU A 78 -30.54 -26.95 8.15
N GLU A 79 -29.91 -27.63 9.09
CA GLU A 79 -29.32 -28.93 8.80
C GLU A 79 -30.37 -29.90 8.30
N GLU A 80 -31.51 -29.93 8.97
CA GLU A 80 -32.60 -30.81 8.58
C GLU A 80 -33.09 -30.44 7.17
N ALA A 81 -33.23 -29.13 6.91
CA ALA A 81 -33.68 -28.66 5.61
C ALA A 81 -32.70 -29.08 4.51
N ILE A 82 -31.41 -28.97 4.81
CA ILE A 82 -30.37 -29.35 3.87
C ILE A 82 -30.46 -30.85 3.56
N LYS A 83 -30.72 -31.64 4.59
CA LYS A 83 -30.84 -33.08 4.39
C LYS A 83 -32.13 -33.36 3.61
N GLU A 84 -33.19 -32.66 3.97
CA GLU A 84 -34.48 -32.85 3.29
C GLU A 84 -34.44 -32.47 1.81
N VAL A 85 -33.70 -31.42 1.46
CA VAL A 85 -33.64 -31.01 0.05
C VAL A 85 -33.04 -32.11 -0.82
N VAL A 86 -32.18 -32.93 -0.23
CA VAL A 86 -31.56 -34.03 -0.96
C VAL A 86 -32.58 -35.16 -1.08
N ARG A 87 -33.20 -35.51 0.06
CA ARG A 87 -34.19 -36.57 0.10
C ARG A 87 -35.38 -36.32 -0.82
N ARG A 88 -36.11 -35.24 -0.56
CA ARG A 88 -37.30 -34.90 -1.32
C ARG A 88 -37.14 -34.78 -2.82
N ASN A 89 -35.91 -34.56 -3.28
CA ASN A 89 -35.66 -34.43 -4.71
C ASN A 89 -35.04 -35.72 -5.27
N GLY A 90 -34.81 -36.69 -4.41
CA GLY A 90 -34.23 -37.95 -4.85
C GLY A 90 -32.81 -37.80 -5.38
N TYR A 91 -32.07 -36.86 -4.80
CA TYR A 91 -30.69 -36.59 -5.21
C TYR A 91 -29.72 -37.54 -4.53
N ARG A 92 -28.62 -37.84 -5.21
CA ARG A 92 -27.58 -38.72 -4.70
C ARG A 92 -26.27 -37.93 -4.74
N SER A 93 -25.90 -37.50 -5.93
CA SER A 93 -24.69 -36.69 -6.13
C SER A 93 -25.18 -35.30 -6.50
N CYS A 94 -25.04 -34.34 -5.58
CA CYS A 94 -25.53 -33.01 -5.86
C CYS A 94 -24.76 -31.90 -5.16
N TYR A 95 -25.13 -30.68 -5.50
CA TYR A 95 -24.54 -29.48 -4.93
C TYR A 95 -25.71 -28.80 -4.21
N ILE A 96 -25.48 -28.43 -2.96
CA ILE A 96 -26.51 -27.81 -2.13
C ILE A 96 -26.13 -26.34 -1.91
N ARG A 97 -27.10 -25.45 -2.16
CA ARG A 97 -26.86 -24.02 -2.02
C ARG A 97 -27.80 -23.30 -1.06
N PRO A 98 -27.40 -23.18 0.21
CA PRO A 98 -28.21 -22.49 1.21
C PRO A 98 -27.99 -21.00 0.95
N LEU A 99 -29.01 -20.18 1.13
CA LEU A 99 -28.88 -18.74 0.90
C LEU A 99 -29.77 -17.95 1.86
N ALA A 100 -29.20 -16.89 2.43
CA ALA A 100 -29.93 -16.02 3.34
C ALA A 100 -29.77 -14.62 2.74
N TRP A 101 -30.86 -13.89 2.56
CA TRP A 101 -30.75 -12.56 1.99
C TRP A 101 -31.64 -11.53 2.65
N MET A 102 -31.23 -10.26 2.58
CA MET A 102 -32.00 -9.16 3.15
C MET A 102 -33.16 -8.88 2.19
N GLY A 103 -34.36 -8.83 2.74
CA GLY A 103 -35.58 -8.63 1.96
C GLY A 103 -35.98 -7.23 1.52
N ALA A 104 -37.26 -7.11 1.16
CA ALA A 104 -37.80 -5.84 0.65
C ALA A 104 -38.49 -4.91 1.64
N LYS A 105 -38.12 -4.93 2.91
CA LYS A 105 -38.76 -4.03 3.86
C LYS A 105 -38.39 -2.57 3.61
N ALA A 106 -37.17 -2.34 3.14
CA ALA A 106 -36.69 -1.00 2.85
C ALA A 106 -35.47 -1.08 1.95
N LEU A 107 -35.13 0.01 1.29
CA LEU A 107 -33.97 0.03 0.40
C LEU A 107 -32.92 1.05 0.76
N GLY A 108 -32.82 1.39 2.05
CA GLY A 108 -31.78 2.31 2.48
C GLY A 108 -30.56 1.40 2.44
N VAL A 109 -29.36 1.94 2.25
CA VAL A 109 -28.18 1.09 2.19
C VAL A 109 -27.98 0.27 3.47
N ASN A 110 -28.38 0.84 4.61
CA ASN A 110 -28.27 0.15 5.90
C ASN A 110 -29.22 -1.06 5.87
N PRO A 111 -28.68 -2.27 6.04
CA PRO A 111 -29.51 -3.49 6.03
C PRO A 111 -30.24 -3.84 7.34
N LEU A 112 -29.79 -3.30 8.46
CA LEU A 112 -30.40 -3.61 9.75
C LEU A 112 -31.93 -3.56 9.78
N PRO A 113 -32.52 -2.46 9.29
CA PRO A 113 -33.99 -2.38 9.31
C PRO A 113 -34.67 -3.52 8.57
N ASN A 114 -33.92 -4.23 7.72
CA ASN A 114 -34.51 -5.32 6.95
C ASN A 114 -34.52 -6.68 7.62
N ASN A 115 -33.90 -6.78 8.79
CA ASN A 115 -33.89 -8.06 9.50
C ASN A 115 -35.31 -8.41 9.95
N PRO A 116 -35.59 -9.72 10.10
CA PRO A 116 -34.67 -10.85 9.87
C PRO A 116 -34.52 -11.19 8.40
N ALA A 117 -33.44 -11.91 8.08
CA ALA A 117 -33.17 -12.30 6.71
C ALA A 117 -34.12 -13.40 6.25
N GLU A 118 -34.31 -13.49 4.94
CA GLU A 118 -35.15 -14.54 4.38
C GLU A 118 -34.14 -15.63 4.04
N VAL A 119 -34.55 -16.89 4.13
CA VAL A 119 -33.65 -18.00 3.87
C VAL A 119 -34.24 -19.08 2.98
N MET A 120 -33.40 -19.66 2.13
CA MET A 120 -33.84 -20.73 1.24
C MET A 120 -32.68 -21.71 1.04
N VAL A 121 -33.03 -22.95 0.74
CA VAL A 121 -32.03 -23.99 0.48
C VAL A 121 -32.45 -24.73 -0.77
N ALA A 122 -31.59 -24.70 -1.78
CA ALA A 122 -31.84 -25.38 -3.04
C ALA A 122 -30.68 -26.32 -3.34
N ALA A 123 -30.92 -27.28 -4.23
CA ALA A 123 -29.89 -28.24 -4.61
C ALA A 123 -30.17 -28.78 -6.01
N TRP A 124 -29.13 -29.25 -6.67
CA TRP A 124 -29.27 -29.81 -8.01
C TRP A 124 -28.21 -30.88 -8.25
N GLU A 125 -28.56 -31.86 -9.07
CA GLU A 125 -27.65 -32.95 -9.39
C GLU A 125 -26.34 -32.39 -9.89
N TRP A 126 -25.24 -32.88 -9.33
CA TRP A 126 -23.91 -32.42 -9.72
C TRP A 126 -23.56 -32.83 -11.13
N GLY A 138 -4.58 -31.35 -15.98
CA GLY A 138 -4.67 -30.31 -14.92
C GLY A 138 -5.23 -29.00 -15.46
N ALA A 139 -5.61 -28.12 -14.54
CA ALA A 139 -6.18 -26.83 -14.90
C ALA A 139 -5.12 -25.82 -15.29
N ARG A 140 -5.50 -24.87 -16.14
CA ARG A 140 -4.61 -23.80 -16.57
C ARG A 140 -5.13 -22.51 -15.95
N LEU A 141 -4.27 -21.81 -15.21
CA LEU A 141 -4.68 -20.57 -14.58
C LEU A 141 -3.96 -19.37 -15.18
N ILE A 142 -4.52 -18.20 -14.94
CA ILE A 142 -3.93 -16.95 -15.37
C ILE A 142 -4.12 -15.99 -14.20
N THR A 143 -3.10 -15.20 -13.90
CA THR A 143 -3.22 -14.27 -12.80
C THR A 143 -4.10 -13.10 -13.22
N SER A 144 -5.07 -12.78 -12.38
CA SER A 144 -6.03 -11.71 -12.66
C SER A 144 -5.50 -10.28 -12.48
N SER A 145 -6.13 -9.35 -13.19
CA SER A 145 -5.78 -7.95 -13.10
C SER A 145 -6.64 -7.33 -12.00
N TRP A 146 -7.48 -8.16 -11.39
CA TRP A 146 -8.31 -7.70 -10.28
C TRP A 146 -7.69 -8.30 -9.02
N ALA A 147 -7.43 -7.45 -8.04
CA ALA A 147 -6.84 -7.90 -6.78
C ALA A 147 -7.91 -8.35 -5.79
N ARG A 148 -7.60 -9.35 -4.99
CA ARG A 148 -8.54 -9.83 -4.00
C ARG A 148 -8.69 -8.67 -3.00
N PHE A 149 -9.91 -8.45 -2.53
CA PHE A 149 -10.17 -7.35 -1.60
C PHE A 149 -9.41 -7.39 -0.27
N PRO A 150 -8.85 -6.23 0.16
CA PRO A 150 -8.13 -6.19 1.44
C PRO A 150 -9.14 -6.53 2.55
N ALA A 151 -8.64 -6.96 3.71
CA ALA A 151 -9.51 -7.36 4.81
C ALA A 151 -10.31 -6.25 5.48
N ASN A 152 -10.10 -5.01 5.06
CA ASN A 152 -10.84 -3.89 5.63
C ASN A 152 -11.69 -3.24 4.54
N VAL A 153 -11.96 -4.00 3.47
CA VAL A 153 -12.76 -3.52 2.34
C VAL A 153 -13.99 -4.41 2.16
N MET A 154 -13.76 -5.73 2.12
CA MET A 154 -14.83 -6.71 2.01
C MET A 154 -14.44 -7.82 2.98
N PRO A 155 -15.43 -8.44 3.66
CA PRO A 155 -15.14 -9.52 4.61
C PRO A 155 -14.83 -10.85 3.90
N GLY A 156 -13.56 -11.04 3.56
CA GLY A 156 -13.12 -12.23 2.85
C GLY A 156 -13.28 -13.57 3.55
N LYS A 157 -13.53 -13.58 4.85
CA LYS A 157 -13.71 -14.82 5.60
C LYS A 157 -15.16 -15.31 5.48
N ALA A 158 -16.01 -14.47 4.93
CA ALA A 158 -17.42 -14.81 4.79
C ALA A 158 -17.83 -14.91 3.33
N LYS A 159 -18.87 -15.70 3.07
CA LYS A 159 -19.37 -15.82 1.70
C LYS A 159 -20.51 -14.84 1.53
N VAL A 160 -20.16 -13.55 1.45
CA VAL A 160 -21.16 -12.50 1.28
C VAL A 160 -21.33 -12.30 -0.23
N GLY A 161 -22.59 -12.27 -0.67
CA GLY A 161 -22.87 -12.11 -2.08
C GLY A 161 -22.06 -11.05 -2.82
N GLY A 162 -22.02 -9.85 -2.27
CA GLY A 162 -21.28 -8.76 -2.89
C GLY A 162 -19.82 -9.08 -3.14
N ASN A 163 -19.22 -9.90 -2.27
CA ASN A 163 -17.82 -10.29 -2.43
C ASN A 163 -17.57 -10.91 -3.79
N TYR A 164 -18.57 -11.64 -4.29
CA TYR A 164 -18.38 -12.33 -5.56
C TYR A 164 -18.40 -11.54 -6.84
N VAL A 165 -18.49 -10.21 -6.72
CA VAL A 165 -18.41 -9.36 -7.90
C VAL A 165 -16.92 -9.41 -8.27
N ASN A 166 -16.08 -9.37 -7.24
CA ASN A 166 -14.62 -9.42 -7.42
C ASN A 166 -14.26 -10.76 -8.05
N SER A 167 -14.88 -11.84 -7.56
CA SER A 167 -14.63 -13.16 -8.11
C SER A 167 -15.16 -13.27 -9.55
N ALA A 168 -16.33 -12.72 -9.81
CA ALA A 168 -16.93 -12.78 -11.14
C ALA A 168 -16.07 -12.05 -12.17
N LEU A 169 -15.61 -10.86 -11.81
CA LEU A 169 -14.77 -10.07 -12.71
C LEU A 169 -13.49 -10.82 -13.07
N ALA A 170 -12.89 -11.50 -12.08
CA ALA A 170 -11.66 -12.25 -12.33
C ALA A 170 -11.91 -13.49 -13.18
N LYS A 171 -12.99 -14.21 -12.87
CA LYS A 171 -13.31 -15.43 -13.62
C LYS A 171 -13.56 -15.11 -15.09
N MET A 172 -14.35 -14.08 -15.37
CA MET A 172 -14.63 -13.70 -16.76
C MET A 172 -13.34 -13.40 -17.49
N GLU A 173 -12.43 -12.71 -16.80
CA GLU A 173 -11.14 -12.35 -17.38
C GLU A 173 -10.33 -13.59 -17.75
N ALA A 174 -10.24 -14.53 -16.81
CA ALA A 174 -9.47 -15.75 -17.04
C ALA A 174 -10.04 -16.52 -18.24
N VAL A 175 -11.34 -16.77 -18.22
CA VAL A 175 -11.99 -17.48 -19.31
C VAL A 175 -11.80 -16.76 -20.64
N ALA A 176 -11.94 -15.43 -20.62
CA ALA A 176 -11.76 -14.65 -21.85
C ALA A 176 -10.33 -14.77 -22.35
N ALA A 177 -9.40 -14.98 -21.42
CA ALA A 177 -7.99 -15.11 -21.76
C ALA A 177 -7.63 -16.52 -22.19
N GLY A 178 -8.60 -17.43 -22.14
CA GLY A 178 -8.37 -18.81 -22.55
C GLY A 178 -8.01 -19.77 -21.43
N ALA A 179 -8.10 -19.30 -20.19
CA ALA A 179 -7.76 -20.14 -19.04
C ALA A 179 -9.00 -20.79 -18.43
N ASP A 180 -8.77 -21.72 -17.50
CA ASP A 180 -9.85 -22.42 -16.82
C ASP A 180 -10.29 -21.68 -15.58
N GLU A 181 -9.36 -21.01 -14.92
CA GLU A 181 -9.67 -20.32 -13.69
C GLU A 181 -8.74 -19.14 -13.48
N ALA A 182 -9.14 -18.22 -12.62
CA ALA A 182 -8.33 -17.05 -12.33
C ALA A 182 -7.63 -17.21 -10.98
N LEU A 183 -6.41 -16.69 -10.92
CA LEU A 183 -5.61 -16.70 -9.70
C LEU A 183 -5.50 -15.23 -9.31
N LEU A 184 -6.03 -14.87 -8.14
CA LEU A 184 -5.96 -13.48 -7.72
C LEU A 184 -4.85 -13.21 -6.72
N LEU A 185 -4.26 -12.02 -6.84
CA LEU A 185 -3.20 -11.59 -5.93
C LEU A 185 -3.86 -10.59 -4.98
N ASP A 186 -3.27 -10.37 -3.81
CA ASP A 186 -3.84 -9.37 -2.91
C ASP A 186 -3.25 -8.03 -3.38
N GLU A 187 -3.72 -6.93 -2.81
CA GLU A 187 -3.25 -5.61 -3.21
C GLU A 187 -1.75 -5.41 -3.04
N GLU A 188 -1.12 -6.19 -2.17
CA GLU A 188 0.32 -6.09 -1.94
C GLU A 188 1.14 -6.86 -2.98
N GLY A 189 0.47 -7.67 -3.79
CA GLY A 189 1.16 -8.42 -4.82
C GLY A 189 1.36 -9.91 -4.56
N TYR A 190 0.97 -10.38 -3.38
CA TYR A 190 1.11 -11.79 -3.06
C TYR A 190 -0.09 -12.60 -3.56
N VAL A 191 0.11 -13.90 -3.74
CA VAL A 191 -0.96 -14.77 -4.20
C VAL A 191 -2.02 -14.84 -3.10
N ALA A 192 -3.29 -14.76 -3.51
CA ALA A 192 -4.38 -14.83 -2.56
C ALA A 192 -5.11 -16.16 -2.72
N GLU A 193 -6.02 -16.23 -3.67
CA GLU A 193 -6.78 -17.44 -3.91
C GLU A 193 -7.39 -17.43 -5.31
N GLY A 194 -8.08 -18.51 -5.67
CA GLY A 194 -8.73 -18.57 -6.96
C GLY A 194 -10.04 -17.82 -6.82
N SER A 195 -10.78 -17.65 -7.90
CA SER A 195 -12.04 -16.92 -7.80
C SER A 195 -12.98 -17.68 -6.86
N GLY A 196 -12.76 -18.98 -6.73
CA GLY A 196 -13.59 -19.79 -5.86
C GLY A 196 -12.87 -21.00 -5.28
N GLU A 197 -11.55 -20.91 -5.17
CA GLU A 197 -10.76 -22.02 -4.65
C GLU A 197 -9.57 -21.51 -3.83
N ASN A 198 -8.99 -22.39 -3.02
CA ASN A 198 -7.82 -22.05 -2.22
C ASN A 198 -6.63 -22.67 -2.96
N LEU A 199 -5.44 -22.16 -2.71
CA LEU A 199 -4.25 -22.66 -3.41
C LEU A 199 -3.16 -23.27 -2.53
N PHE A 200 -2.46 -24.24 -3.12
CA PHE A 200 -1.34 -24.95 -2.49
C PHE A 200 -0.28 -25.12 -3.58
N PHE A 201 0.97 -25.34 -3.17
CA PHE A 201 2.04 -25.64 -4.12
C PHE A 201 2.96 -26.64 -3.44
N VAL A 202 3.74 -27.38 -4.22
CA VAL A 202 4.63 -28.39 -3.67
C VAL A 202 6.05 -28.16 -4.17
N ARG A 203 7.01 -28.29 -3.28
CA ARG A 203 8.41 -28.08 -3.63
C ARG A 203 9.27 -29.03 -2.82
N ASP A 204 10.04 -29.86 -3.51
CA ASP A 204 10.92 -30.83 -2.86
C ASP A 204 10.23 -31.69 -1.82
N GLY A 205 9.08 -32.25 -2.17
CA GLY A 205 8.36 -33.12 -1.26
C GLY A 205 7.57 -32.47 -0.13
N VAL A 206 7.71 -31.16 0.04
CA VAL A 206 6.99 -30.45 1.08
C VAL A 206 5.75 -29.78 0.49
N ILE A 207 4.64 -29.87 1.20
CA ILE A 207 3.40 -29.26 0.74
C ILE A 207 3.23 -27.90 1.40
N TYR A 208 3.02 -26.88 0.59
CA TYR A 208 2.83 -25.52 1.09
C TYR A 208 1.41 -25.02 0.90
N ALA A 209 0.70 -24.87 2.01
CA ALA A 209 -0.66 -24.34 1.98
C ALA A 209 -0.51 -22.85 2.17
N LEU A 210 -1.31 -22.07 1.45
CA LEU A 210 -1.23 -20.62 1.58
C LEU A 210 -1.95 -20.15 2.84
N GLU A 211 -1.39 -19.13 3.48
CA GLU A 211 -1.99 -18.58 4.70
C GLU A 211 -3.41 -18.11 4.36
N HIS A 212 -4.22 -17.91 5.39
CA HIS A 212 -5.59 -17.47 5.19
C HIS A 212 -5.67 -16.05 4.59
N SER A 213 -4.71 -15.20 4.95
CA SER A 213 -4.65 -13.82 4.50
C SER A 213 -6.06 -13.23 4.29
N VAL A 214 -6.37 -12.80 3.08
CA VAL A 214 -7.68 -12.22 2.79
C VAL A 214 -8.64 -13.24 2.17
N ASN A 215 -8.25 -14.52 2.20
CA ASN A 215 -9.07 -15.58 1.60
C ASN A 215 -10.11 -16.20 2.52
N LEU A 216 -10.93 -17.06 1.92
CA LEU A 216 -11.95 -17.78 2.67
C LEU A 216 -11.18 -18.94 3.31
N GLU A 217 -11.57 -19.35 4.51
CA GLU A 217 -10.91 -20.47 5.17
C GLU A 217 -11.62 -21.71 4.62
N GLY A 218 -11.13 -22.20 3.48
CA GLY A 218 -11.72 -23.34 2.84
C GLY A 218 -11.82 -24.60 3.66
N ILE A 219 -12.98 -25.25 3.59
CA ILE A 219 -13.19 -26.49 4.31
C ILE A 219 -12.46 -27.61 3.54
N THR A 220 -12.36 -27.46 2.22
CA THR A 220 -11.66 -28.45 1.41
C THR A 220 -10.17 -28.32 1.70
N ARG A 221 -9.72 -27.07 1.87
CA ARG A 221 -8.32 -26.80 2.19
C ARG A 221 -8.00 -27.49 3.51
N ASP A 222 -8.89 -27.33 4.48
CA ASP A 222 -8.71 -27.93 5.81
C ASP A 222 -8.62 -29.45 5.72
N SER A 223 -9.51 -30.04 4.94
CA SER A 223 -9.54 -31.50 4.76
C SER A 223 -8.25 -31.99 4.10
N VAL A 224 -7.81 -31.28 3.06
CA VAL A 224 -6.60 -31.66 2.34
C VAL A 224 -5.35 -31.62 3.23
N ILE A 225 -5.30 -30.66 4.14
CA ILE A 225 -4.15 -30.56 5.04
C ILE A 225 -4.12 -31.78 5.98
N ARG A 226 -5.27 -32.16 6.51
CA ARG A 226 -5.31 -33.30 7.41
C ARG A 226 -4.94 -34.57 6.63
N ILE A 227 -5.47 -34.70 5.42
CA ILE A 227 -5.19 -35.86 4.59
C ILE A 227 -3.69 -35.93 4.32
N ALA A 228 -3.11 -34.81 3.93
CA ALA A 228 -1.69 -34.74 3.63
C ALA A 228 -0.86 -35.19 4.82
N LYS A 229 -1.18 -34.67 6.00
CA LYS A 229 -0.43 -35.05 7.20
C LYS A 229 -0.58 -36.52 7.52
N ASP A 230 -1.77 -37.07 7.30
CA ASP A 230 -1.99 -38.49 7.58
C ASP A 230 -1.13 -39.32 6.63
N LEU A 231 -0.93 -38.83 5.42
CA LEU A 231 -0.14 -39.55 4.42
C LEU A 231 1.37 -39.41 4.67
N GLY A 232 1.74 -38.61 5.66
CA GLY A 232 3.15 -38.43 5.98
C GLY A 232 3.84 -37.24 5.35
N TYR A 233 3.09 -36.41 4.63
CA TYR A 233 3.69 -35.23 4.00
C TYR A 233 3.88 -34.13 5.01
N GLU A 234 4.98 -33.40 4.88
CA GLU A 234 5.22 -32.27 5.76
C GLU A 234 4.40 -31.15 5.14
N VAL A 235 3.68 -30.41 5.98
CA VAL A 235 2.87 -29.30 5.49
C VAL A 235 3.28 -28.00 6.18
N GLN A 236 3.54 -26.98 5.38
CA GLN A 236 3.91 -25.67 5.91
C GLN A 236 2.89 -24.65 5.42
N VAL A 237 2.55 -23.69 6.27
CA VAL A 237 1.60 -22.65 5.88
C VAL A 237 2.42 -21.39 5.66
N VAL A 238 2.39 -20.88 4.43
CA VAL A 238 3.18 -19.71 4.08
C VAL A 238 2.48 -18.70 3.19
N ARG A 239 3.15 -17.56 3.02
CA ARG A 239 2.68 -16.51 2.14
C ARG A 239 3.45 -16.84 0.86
N ALA A 240 2.84 -16.64 -0.31
CA ALA A 240 3.51 -16.97 -1.55
C ALA A 240 3.36 -15.95 -2.66
N THR A 241 4.39 -15.89 -3.50
CA THR A 241 4.43 -14.99 -4.63
C THR A 241 4.13 -15.80 -5.89
N ARG A 242 3.80 -15.12 -6.97
CA ARG A 242 3.48 -15.80 -8.21
C ARG A 242 4.67 -16.62 -8.73
N ASP A 243 5.88 -16.08 -8.61
CA ASP A 243 7.03 -16.82 -9.09
C ASP A 243 7.43 -18.00 -8.21
N GLN A 244 6.91 -18.08 -6.99
CA GLN A 244 7.20 -19.23 -6.16
C GLN A 244 6.36 -20.37 -6.76
N LEU A 245 5.18 -20.02 -7.29
CA LEU A 245 4.33 -21.05 -7.91
C LEU A 245 4.93 -21.47 -9.25
N TYR A 246 5.44 -20.52 -10.02
CA TYR A 246 6.04 -20.81 -11.31
C TYR A 246 7.17 -21.81 -11.17
N MET A 247 7.93 -21.67 -10.09
CA MET A 247 9.09 -22.51 -9.81
C MET A 247 8.78 -23.76 -8.99
N ALA A 248 7.51 -23.98 -8.65
CA ALA A 248 7.16 -25.13 -7.83
C ALA A 248 7.08 -26.45 -8.61
N ASP A 249 7.20 -27.57 -7.91
CA ASP A 249 7.11 -28.87 -8.54
C ASP A 249 5.65 -29.14 -8.89
N GLU A 250 4.75 -28.67 -8.03
CA GLU A 250 3.32 -28.84 -8.25
C GLU A 250 2.51 -27.68 -7.67
N VAL A 251 1.30 -27.55 -8.19
CA VAL A 251 0.36 -26.54 -7.73
C VAL A 251 -1.03 -27.16 -7.88
N PHE A 252 -1.90 -26.93 -6.91
CA PHE A 252 -3.26 -27.45 -7.00
C PHE A 252 -4.24 -26.57 -6.24
N MET A 253 -5.51 -26.66 -6.62
CA MET A 253 -6.57 -25.88 -5.98
C MET A 253 -7.48 -26.82 -5.22
N THR A 254 -8.14 -26.30 -4.19
CA THR A 254 -9.10 -27.07 -3.40
C THR A 254 -10.38 -26.24 -3.30
N GLY A 255 -11.52 -26.93 -3.26
CA GLY A 255 -12.79 -26.24 -3.16
C GLY A 255 -13.92 -27.27 -3.16
N THR A 256 -15.07 -26.90 -2.60
CA THR A 256 -16.18 -27.83 -2.56
C THR A 256 -16.52 -28.30 -3.97
N ALA A 257 -16.55 -27.38 -4.92
CA ALA A 257 -16.86 -27.71 -6.31
C ALA A 257 -15.66 -28.27 -7.05
N ALA A 258 -14.49 -27.68 -6.79
CA ALA A 258 -13.28 -28.10 -7.45
C ALA A 258 -12.62 -29.33 -6.83
N GLU A 259 -13.07 -29.72 -5.65
CA GLU A 259 -12.48 -30.88 -4.97
C GLU A 259 -10.98 -30.58 -4.92
N VAL A 260 -10.15 -31.51 -5.36
CA VAL A 260 -8.71 -31.26 -5.40
C VAL A 260 -8.36 -31.27 -6.89
N THR A 261 -8.04 -30.09 -7.41
CA THR A 261 -7.72 -29.95 -8.82
C THR A 261 -6.28 -29.55 -9.10
N PRO A 262 -5.51 -30.45 -9.75
CA PRO A 262 -4.12 -30.15 -10.07
C PRO A 262 -4.04 -28.99 -11.06
N VAL A 263 -2.99 -28.19 -10.95
CA VAL A 263 -2.78 -27.06 -11.84
C VAL A 263 -1.50 -27.33 -12.63
N SER A 264 -1.64 -27.48 -13.95
CA SER A 264 -0.50 -27.79 -14.79
C SER A 264 0.18 -26.57 -15.41
N MET A 265 -0.52 -25.44 -15.42
CA MET A 265 0.03 -24.22 -16.02
C MET A 265 -0.54 -22.94 -15.42
N ILE A 266 0.32 -21.92 -15.30
CA ILE A 266 -0.09 -20.62 -14.79
C ILE A 266 0.58 -19.55 -15.64
N ASP A 267 -0.22 -18.64 -16.17
CA ASP A 267 0.30 -17.57 -17.02
C ASP A 267 1.15 -18.15 -18.16
N TRP A 268 0.66 -19.24 -18.75
CA TRP A 268 1.32 -19.92 -19.86
C TRP A 268 2.67 -20.51 -19.53
N ARG A 269 2.97 -20.61 -18.24
CA ARG A 269 4.23 -21.20 -17.79
C ARG A 269 3.90 -22.55 -17.17
N PRO A 270 4.38 -23.65 -17.78
CA PRO A 270 4.09 -24.97 -17.22
C PRO A 270 4.65 -25.14 -15.81
N ILE A 271 3.86 -25.81 -14.96
CA ILE A 271 4.26 -26.06 -13.59
C ILE A 271 4.94 -27.43 -13.54
N GLY A 272 6.22 -27.45 -13.16
CA GLY A 272 6.93 -28.70 -13.08
C GLY A 272 6.90 -29.45 -14.40
N LYS A 273 6.47 -30.70 -14.34
CA LYS A 273 6.39 -31.57 -15.52
C LYS A 273 5.40 -31.04 -16.57
N GLY A 274 4.52 -30.14 -16.16
CA GLY A 274 3.56 -29.59 -17.11
C GLY A 274 2.24 -30.34 -17.12
N THR A 275 2.13 -31.34 -16.23
CA THR A 275 0.91 -32.13 -16.11
C THR A 275 0.67 -32.32 -14.62
N ALA A 276 -0.45 -32.95 -14.27
CA ALA A 276 -0.77 -33.19 -12.86
C ALA A 276 0.37 -33.95 -12.19
N GLY A 277 0.78 -33.49 -11.01
CA GLY A 277 1.86 -34.13 -10.29
C GLY A 277 1.39 -35.23 -9.36
N PRO A 278 2.32 -36.08 -8.89
CA PRO A 278 2.03 -37.20 -7.99
C PRO A 278 1.37 -36.84 -6.67
N VAL A 279 1.81 -35.76 -6.03
CA VAL A 279 1.23 -35.38 -4.75
C VAL A 279 -0.23 -34.98 -4.88
N ALA A 280 -0.53 -34.10 -5.83
CA ALA A 280 -1.91 -33.65 -6.03
C ALA A 280 -2.82 -34.83 -6.35
N LEU A 281 -2.35 -35.75 -7.18
CA LEU A 281 -3.15 -36.91 -7.56
C LEU A 281 -3.44 -37.83 -6.38
N ARG A 282 -2.49 -37.98 -5.47
CA ARG A 282 -2.72 -38.82 -4.29
C ARG A 282 -3.72 -38.17 -3.34
N LEU A 283 -3.56 -36.87 -3.12
CA LEU A 283 -4.46 -36.14 -2.23
C LEU A 283 -5.86 -36.19 -2.80
N ARG A 284 -5.96 -36.03 -4.12
CA ARG A 284 -7.25 -36.08 -4.78
C ARG A 284 -7.91 -37.44 -4.56
N GLU A 285 -7.15 -38.52 -4.75
CA GLU A 285 -7.69 -39.86 -4.57
C GLU A 285 -8.18 -40.12 -3.14
N VAL A 286 -7.38 -39.76 -2.14
CA VAL A 286 -7.78 -39.97 -0.76
C VAL A 286 -9.02 -39.14 -0.43
N TYR A 287 -9.07 -37.93 -0.95
CA TYR A 287 -10.21 -37.06 -0.71
C TYR A 287 -11.46 -37.67 -1.33
N LEU A 288 -11.36 -38.15 -2.57
CA LEU A 288 -12.51 -38.74 -3.22
C LEU A 288 -12.97 -40.01 -2.48
N GLU A 289 -12.01 -40.76 -1.95
CA GLU A 289 -12.33 -41.97 -1.20
C GLU A 289 -13.05 -41.57 0.09
N ALA A 290 -12.58 -40.49 0.69
CA ALA A 290 -13.17 -40.00 1.94
C ALA A 290 -14.61 -39.54 1.77
N VAL A 291 -14.87 -38.69 0.76
CA VAL A 291 -16.22 -38.17 0.57
C VAL A 291 -17.21 -39.23 0.14
N THR A 292 -16.73 -40.33 -0.43
CA THR A 292 -17.62 -41.40 -0.86
C THR A 292 -17.72 -42.50 0.19
N GLY A 293 -17.27 -42.18 1.40
CA GLY A 293 -17.35 -43.11 2.51
C GLY A 293 -16.53 -44.39 2.44
N ARG A 294 -15.36 -44.32 1.82
CA ARG A 294 -14.51 -45.49 1.70
C ARG A 294 -13.29 -45.38 2.60
N ARG A 295 -13.28 -44.38 3.48
CA ARG A 295 -12.18 -44.17 4.42
C ARG A 295 -12.77 -44.11 5.84
N PRO A 296 -12.68 -45.22 6.58
CA PRO A 296 -13.20 -45.30 7.95
C PRO A 296 -12.72 -44.18 8.86
N GLU A 297 -11.44 -43.84 8.75
CA GLU A 297 -10.87 -42.79 9.60
C GLU A 297 -11.46 -41.39 9.36
N TYR A 298 -12.18 -41.22 8.24
CA TYR A 298 -12.78 -39.93 7.92
C TYR A 298 -14.31 -39.94 7.93
N GLU A 299 -14.90 -41.04 8.38
CA GLU A 299 -16.35 -41.14 8.43
C GLU A 299 -16.98 -40.03 9.24
N GLY A 300 -16.25 -39.50 10.21
CA GLY A 300 -16.77 -38.42 11.03
C GLY A 300 -17.15 -37.20 10.21
N TRP A 301 -16.57 -37.06 9.03
CA TRP A 301 -16.87 -35.93 8.15
C TRP A 301 -18.16 -36.09 7.37
N LEU A 302 -18.74 -37.29 7.37
CA LEU A 302 -19.95 -37.52 6.61
C LEU A 302 -21.25 -37.58 7.40
N THR A 303 -22.32 -37.08 6.77
CA THR A 303 -23.65 -37.10 7.34
C THR A 303 -24.52 -37.85 6.35
N TYR A 304 -24.85 -39.10 6.65
CA TYR A 304 -25.66 -39.88 5.73
C TYR A 304 -27.11 -39.44 5.76
N VAL A 305 -27.65 -39.20 4.57
CA VAL A 305 -29.03 -38.74 4.42
C VAL A 305 -30.06 -39.83 4.71
N ASN A 306 -29.73 -41.07 4.42
CA ASN A 306 -30.64 -42.19 4.66
C ASN A 306 -30.36 -42.89 5.98
N GLN B 2 39.94 -4.23 -15.22
CA GLN B 2 39.29 -5.31 -16.02
C GLN B 2 39.18 -6.61 -15.23
N ILE B 3 38.25 -7.47 -15.65
CA ILE B 3 38.03 -8.75 -14.99
C ILE B 3 38.92 -9.83 -15.60
N LYS B 4 39.65 -10.55 -14.75
CA LYS B 4 40.53 -11.61 -15.23
C LYS B 4 39.75 -12.92 -15.26
N ALA B 5 38.94 -13.09 -16.30
CA ALA B 5 38.12 -14.29 -16.45
C ALA B 5 38.81 -15.44 -17.16
N GLY B 6 39.61 -15.12 -18.18
CA GLY B 6 40.30 -16.16 -18.92
C GLY B 6 39.39 -16.83 -19.93
N LEU B 7 39.41 -18.15 -19.98
CA LEU B 7 38.57 -18.90 -20.91
C LEU B 7 37.11 -18.88 -20.47
N ILE B 8 36.23 -18.48 -21.38
CA ILE B 8 34.80 -18.39 -21.09
C ILE B 8 33.98 -19.33 -21.99
N TRP B 9 33.05 -20.06 -21.38
CA TRP B 9 32.20 -20.98 -22.11
C TRP B 9 31.13 -20.14 -22.82
N MET B 10 31.14 -20.16 -24.14
CA MET B 10 30.17 -19.39 -24.91
C MET B 10 29.33 -20.32 -25.78
N ASN B 11 28.07 -20.50 -25.38
CA ASN B 11 27.15 -21.34 -26.13
C ASN B 11 27.71 -22.68 -26.62
N GLY B 12 28.22 -23.50 -25.71
CA GLY B 12 28.73 -24.79 -26.11
C GLY B 12 30.22 -24.97 -26.23
N ALA B 13 30.98 -23.87 -26.30
CA ALA B 13 32.43 -23.99 -26.42
C ALA B 13 33.19 -22.85 -25.76
N PHE B 14 34.35 -23.17 -25.20
CA PHE B 14 35.18 -22.16 -24.54
C PHE B 14 35.94 -21.31 -25.53
N VAL B 15 36.07 -20.03 -25.20
CA VAL B 15 36.76 -19.08 -26.05
C VAL B 15 37.54 -18.10 -25.17
N PRO B 16 38.59 -17.48 -25.72
CA PRO B 16 39.39 -16.52 -24.97
C PRO B 16 38.47 -15.37 -24.54
N GLN B 17 38.74 -14.78 -23.40
CA GLN B 17 37.91 -13.69 -22.90
C GLN B 17 37.64 -12.62 -23.96
N GLU B 18 38.68 -12.21 -24.66
CA GLU B 18 38.58 -11.19 -25.70
C GLU B 18 37.51 -11.49 -26.74
N GLU B 19 37.20 -12.77 -26.93
CA GLU B 19 36.21 -13.15 -27.93
C GLU B 19 34.80 -13.37 -27.36
N ALA B 20 34.68 -13.38 -26.04
CA ALA B 20 33.38 -13.56 -25.41
C ALA B 20 32.62 -12.24 -25.46
N LYS B 21 32.03 -11.94 -26.62
CA LYS B 21 31.28 -10.70 -26.78
C LYS B 21 29.93 -10.95 -27.43
N THR B 22 29.03 -9.98 -27.29
CA THR B 22 27.69 -10.09 -27.87
C THR B 22 27.33 -8.74 -28.47
N SER B 23 26.36 -8.75 -29.39
CA SER B 23 25.92 -7.53 -30.06
C SER B 23 25.36 -6.48 -29.10
N VAL B 24 25.63 -5.20 -29.38
CA VAL B 24 25.12 -4.14 -28.52
C VAL B 24 23.62 -3.96 -28.79
N LEU B 25 23.09 -4.78 -29.70
CA LEU B 25 21.67 -4.73 -30.01
C LEU B 25 20.95 -5.88 -29.30
N SER B 26 21.67 -6.55 -28.40
CA SER B 26 21.10 -7.66 -27.64
C SER B 26 19.96 -7.13 -26.76
N HIS B 27 18.83 -7.82 -26.79
CA HIS B 27 17.65 -7.46 -26.02
C HIS B 27 17.97 -7.16 -24.55
N ALA B 28 18.71 -8.08 -23.92
CA ALA B 28 19.08 -7.93 -22.51
C ALA B 28 19.87 -6.67 -22.17
N LEU B 29 20.60 -6.14 -23.15
CA LEU B 29 21.42 -4.96 -22.91
C LEU B 29 20.53 -3.71 -22.86
N HIS B 30 19.35 -3.83 -23.47
CA HIS B 30 18.41 -2.71 -23.53
C HIS B 30 17.26 -2.82 -22.54
N TYR B 31 16.85 -4.05 -22.25
CA TYR B 31 15.69 -4.27 -21.39
C TYR B 31 15.88 -5.15 -20.14
N GLY B 32 17.12 -5.41 -19.76
CA GLY B 32 17.40 -6.21 -18.57
C GLY B 32 16.89 -7.64 -18.61
N THR B 33 16.60 -8.14 -19.80
CA THR B 33 16.08 -9.48 -19.99
C THR B 33 17.12 -10.61 -19.98
N SER B 34 17.78 -10.78 -18.85
CA SER B 34 18.77 -11.84 -18.68
C SER B 34 18.58 -12.47 -17.30
N VAL B 35 19.19 -13.63 -17.09
CA VAL B 35 19.14 -14.32 -15.82
C VAL B 35 20.56 -14.78 -15.54
N PHE B 36 20.93 -14.90 -14.28
CA PHE B 36 22.29 -15.33 -13.95
C PHE B 36 22.36 -16.03 -12.62
N GLU B 37 23.52 -16.61 -12.34
CA GLU B 37 23.72 -17.28 -11.07
C GLU B 37 25.04 -16.85 -10.45
N GLY B 38 25.22 -17.20 -9.19
CA GLY B 38 26.43 -16.87 -8.46
C GLY B 38 26.79 -18.15 -7.75
N ILE B 39 27.92 -18.74 -8.13
CA ILE B 39 28.36 -20.00 -7.53
C ILE B 39 29.82 -19.89 -7.08
N ARG B 40 30.12 -20.48 -5.93
CA ARG B 40 31.49 -20.44 -5.42
C ARG B 40 32.15 -21.81 -5.46
N ALA B 41 33.46 -21.79 -5.65
CA ALA B 41 34.26 -23.00 -5.63
C ALA B 41 35.33 -22.70 -4.59
N TYR B 42 35.56 -23.65 -3.69
CA TYR B 42 36.57 -23.47 -2.64
C TYR B 42 37.62 -24.58 -2.75
N GLU B 43 38.80 -24.31 -2.20
CA GLU B 43 39.86 -25.31 -2.22
C GLU B 43 39.61 -26.28 -1.08
N THR B 44 39.86 -27.56 -1.31
CA THR B 44 39.70 -28.58 -0.29
C THR B 44 40.88 -29.52 -0.40
N ALA B 45 40.98 -30.46 0.54
CA ALA B 45 42.09 -31.42 0.52
C ALA B 45 41.99 -32.32 -0.71
N LYS B 46 40.83 -32.29 -1.37
CA LYS B 46 40.60 -33.09 -2.56
C LYS B 46 40.45 -32.21 -3.81
N GLY B 47 41.06 -31.03 -3.78
CA GLY B 47 40.98 -30.13 -4.91
C GLY B 47 39.77 -29.22 -4.82
N PRO B 48 39.56 -28.35 -5.82
CA PRO B 48 38.44 -27.42 -5.85
C PRO B 48 37.08 -28.11 -5.72
N ALA B 49 36.19 -27.53 -4.94
CA ALA B 49 34.85 -28.08 -4.75
C ALA B 49 33.84 -26.96 -4.96
N ILE B 50 32.88 -27.19 -5.85
CA ILE B 50 31.84 -26.21 -6.14
C ILE B 50 30.72 -26.46 -5.14
N PHE B 51 30.25 -25.39 -4.51
CA PHE B 51 29.20 -25.51 -3.50
C PHE B 51 27.77 -25.52 -4.03
N ARG B 52 27.05 -26.60 -3.74
CA ARG B 52 25.66 -26.77 -4.14
C ARG B 52 25.39 -26.35 -5.58
N LEU B 53 26.11 -26.99 -6.50
CA LEU B 53 26.01 -26.74 -7.92
C LEU B 53 24.62 -27.00 -8.51
N LYS B 54 24.07 -28.18 -8.22
CA LYS B 54 22.76 -28.51 -8.77
C LYS B 54 21.65 -27.59 -8.27
N GLU B 55 21.76 -27.13 -7.03
CA GLU B 55 20.73 -26.24 -6.51
C GLU B 55 20.80 -24.92 -7.28
N HIS B 56 22.02 -24.43 -7.53
CA HIS B 56 22.22 -23.19 -8.26
C HIS B 56 21.76 -23.30 -9.72
N VAL B 57 22.05 -24.44 -10.34
CA VAL B 57 21.66 -24.65 -11.73
C VAL B 57 20.14 -24.74 -11.82
N LYS B 58 19.53 -25.37 -10.82
CA LYS B 58 18.07 -25.49 -10.78
C LYS B 58 17.45 -24.11 -10.73
N ARG B 59 18.02 -23.22 -9.92
CA ARG B 59 17.50 -21.86 -9.80
C ARG B 59 17.69 -21.09 -11.10
N PHE B 60 18.81 -21.37 -11.78
CA PHE B 60 19.13 -20.72 -13.04
C PHE B 60 17.99 -20.99 -14.04
N TYR B 61 17.63 -22.27 -14.19
CA TYR B 61 16.56 -22.65 -15.10
C TYR B 61 15.20 -22.15 -14.60
N ASN B 62 15.04 -22.06 -13.28
CA ASN B 62 13.79 -21.57 -12.72
C ASN B 62 13.63 -20.08 -13.01
N SER B 63 14.73 -19.33 -12.95
CA SER B 63 14.69 -17.90 -13.23
C SER B 63 14.30 -17.69 -14.69
N ALA B 64 14.81 -18.52 -15.58
CA ALA B 64 14.50 -18.42 -17.00
C ALA B 64 13.01 -18.65 -17.22
N LYS B 65 12.44 -19.62 -16.50
CA LYS B 65 11.02 -19.93 -16.61
C LYS B 65 10.16 -18.68 -16.37
N VAL B 66 10.57 -17.88 -15.39
CA VAL B 66 9.85 -16.66 -15.04
C VAL B 66 9.76 -15.70 -16.22
N LEU B 67 10.83 -15.59 -16.99
CA LEU B 67 10.86 -14.71 -18.14
C LEU B 67 10.38 -15.41 -19.41
N ARG B 68 9.99 -16.68 -19.27
CA ARG B 68 9.56 -17.48 -20.42
C ARG B 68 10.72 -17.55 -21.39
N MET B 69 11.92 -17.60 -20.82
CA MET B 69 13.17 -17.69 -21.55
C MET B 69 13.55 -19.16 -21.75
N GLU B 70 13.93 -19.51 -22.96
CA GLU B 70 14.31 -20.89 -23.26
C GLU B 70 15.84 -21.01 -23.25
N ILE B 71 16.35 -21.93 -22.45
CA ILE B 71 17.78 -22.19 -22.37
C ILE B 71 18.02 -23.43 -23.22
N PRO B 72 18.63 -23.27 -24.40
CA PRO B 72 18.91 -24.36 -25.34
C PRO B 72 20.01 -25.35 -24.94
N PHE B 73 20.08 -25.67 -23.65
CA PHE B 73 21.06 -26.62 -23.14
C PHE B 73 20.47 -27.37 -21.96
N ALA B 74 20.78 -28.65 -21.87
CA ALA B 74 20.30 -29.48 -20.77
C ALA B 74 21.09 -29.08 -19.53
N PRO B 75 20.45 -29.14 -18.34
CA PRO B 75 21.16 -28.77 -17.12
C PRO B 75 22.47 -29.53 -16.97
N GLU B 76 22.51 -30.76 -17.49
CA GLU B 76 23.70 -31.59 -17.42
C GLU B 76 24.86 -30.91 -18.15
N GLU B 77 24.57 -30.30 -19.29
CA GLU B 77 25.60 -29.61 -20.08
C GLU B 77 26.16 -28.41 -19.32
N LEU B 78 25.27 -27.60 -18.75
CA LEU B 78 25.69 -26.41 -18.00
C LEU B 78 26.53 -26.77 -16.79
N GLU B 79 26.14 -27.82 -16.08
CA GLU B 79 26.88 -28.26 -14.91
C GLU B 79 28.28 -28.69 -15.32
N GLU B 80 28.40 -29.34 -16.47
CA GLU B 80 29.69 -29.76 -16.97
C GLU B 80 30.52 -28.55 -17.39
N ALA B 81 29.87 -27.56 -18.00
CA ALA B 81 30.57 -26.35 -18.42
C ALA B 81 31.05 -25.58 -17.18
N ILE B 82 30.27 -25.62 -16.12
CA ILE B 82 30.61 -24.94 -14.88
C ILE B 82 31.84 -25.62 -14.26
N LYS B 83 31.92 -26.94 -14.39
CA LYS B 83 33.06 -27.67 -13.86
C LYS B 83 34.28 -27.35 -14.72
N GLU B 84 34.09 -27.39 -16.04
CA GLU B 84 35.17 -27.12 -16.98
C GLU B 84 35.72 -25.71 -16.90
N VAL B 85 34.88 -24.74 -16.54
CA VAL B 85 35.36 -23.37 -16.44
C VAL B 85 36.34 -23.25 -15.27
N VAL B 86 36.19 -24.11 -14.28
CA VAL B 86 37.09 -24.10 -13.13
C VAL B 86 38.38 -24.81 -13.52
N ARG B 87 38.23 -26.01 -14.08
CA ARG B 87 39.37 -26.83 -14.52
C ARG B 87 40.25 -26.13 -15.56
N ARG B 88 39.65 -25.82 -16.70
CA ARG B 88 40.35 -25.16 -17.80
C ARG B 88 41.14 -23.93 -17.41
N ASN B 89 40.65 -23.17 -16.43
CA ASN B 89 41.35 -21.96 -16.01
C ASN B 89 42.27 -22.20 -14.81
N GLY B 90 42.31 -23.43 -14.34
CA GLY B 90 43.17 -23.78 -13.22
C GLY B 90 42.83 -23.07 -11.92
N TYR B 91 41.56 -22.74 -11.73
CA TYR B 91 41.11 -22.05 -10.52
C TYR B 91 41.02 -22.96 -9.31
N ARG B 92 41.11 -22.36 -8.12
CA ARG B 92 41.01 -23.08 -6.86
C ARG B 92 39.83 -22.45 -6.11
N SER B 93 40.03 -21.23 -5.64
CA SER B 93 38.98 -20.49 -4.94
C SER B 93 38.49 -19.46 -5.95
N CYS B 94 37.29 -19.67 -6.49
CA CYS B 94 36.76 -18.75 -7.49
C CYS B 94 35.25 -18.52 -7.40
N TYR B 95 34.79 -17.52 -8.14
CA TYR B 95 33.37 -17.16 -8.22
C TYR B 95 32.97 -17.50 -9.65
N ILE B 96 31.84 -18.18 -9.81
CA ILE B 96 31.38 -18.59 -11.13
C ILE B 96 30.08 -17.85 -11.50
N ARG B 97 30.07 -17.26 -12.69
CA ARG B 97 28.91 -16.50 -13.13
C ARG B 97 28.25 -16.99 -14.41
N PRO B 98 27.28 -17.92 -14.28
CA PRO B 98 26.61 -18.41 -15.48
C PRO B 98 25.66 -17.27 -15.89
N LEU B 99 25.45 -17.08 -17.19
CA LEU B 99 24.54 -16.02 -17.64
C LEU B 99 23.79 -16.46 -18.89
N ALA B 100 22.49 -16.16 -18.94
CA ALA B 100 21.66 -16.47 -20.09
C ALA B 100 20.93 -15.16 -20.42
N TRP B 101 21.08 -14.68 -21.65
CA TRP B 101 20.45 -13.42 -22.02
C TRP B 101 19.77 -13.46 -23.38
N MET B 102 18.76 -12.62 -23.55
CA MET B 102 18.04 -12.55 -24.82
C MET B 102 18.93 -11.81 -25.80
N GLY B 103 19.11 -12.41 -26.98
CA GLY B 103 19.95 -11.84 -28.01
C GLY B 103 19.41 -10.72 -28.88
N ALA B 104 20.09 -10.49 -30.01
CA ALA B 104 19.73 -9.41 -30.91
C ALA B 104 18.84 -9.73 -32.11
N LYS B 105 17.94 -10.69 -31.99
CA LYS B 105 17.06 -11.01 -33.11
C LYS B 105 16.12 -9.85 -33.41
N ALA B 106 15.68 -9.17 -32.35
CA ALA B 106 14.77 -8.03 -32.49
C ALA B 106 14.81 -7.21 -31.21
N LEU B 107 14.33 -5.97 -31.29
CA LEU B 107 14.32 -5.10 -30.12
C LEU B 107 12.94 -4.64 -29.69
N GLY B 108 11.93 -5.46 -29.97
CA GLY B 108 10.58 -5.14 -29.52
C GLY B 108 10.69 -5.46 -28.03
N VAL B 109 9.87 -4.85 -27.18
CA VAL B 109 10.00 -5.12 -25.76
C VAL B 109 9.70 -6.58 -25.42
N ASN B 110 8.77 -7.17 -26.16
CA ASN B 110 8.41 -8.58 -25.96
C ASN B 110 9.67 -9.39 -26.28
N PRO B 111 10.14 -10.21 -25.33
CA PRO B 111 11.35 -11.01 -25.57
C PRO B 111 11.14 -12.37 -26.24
N LEU B 112 9.90 -12.84 -26.27
CA LEU B 112 9.62 -14.15 -26.86
C LEU B 112 10.21 -14.38 -28.25
N PRO B 113 10.10 -13.40 -29.16
CA PRO B 113 10.66 -13.56 -30.51
C PRO B 113 12.17 -13.80 -30.51
N ASN B 114 12.83 -13.40 -29.43
CA ASN B 114 14.28 -13.54 -29.31
C ASN B 114 14.79 -14.91 -28.85
N ASN B 115 13.88 -15.79 -28.41
CA ASN B 115 14.28 -17.11 -27.96
C ASN B 115 14.91 -17.91 -29.12
N PRO B 116 15.81 -18.84 -28.80
CA PRO B 116 16.27 -19.20 -27.46
C PRO B 116 17.35 -18.24 -26.97
N ALA B 117 17.55 -18.22 -25.66
CA ALA B 117 18.55 -17.34 -25.08
C ALA B 117 19.98 -17.80 -25.38
N GLU B 118 20.89 -16.84 -25.37
CA GLU B 118 22.29 -17.16 -25.56
C GLU B 118 22.80 -17.41 -24.14
N VAL B 119 23.82 -18.24 -24.01
CA VAL B 119 24.33 -18.58 -22.69
C VAL B 119 25.84 -18.56 -22.60
N MET B 120 26.36 -18.20 -21.43
CA MET B 120 27.79 -18.18 -21.22
C MET B 120 28.08 -18.47 -19.76
N VAL B 121 29.27 -19.02 -19.50
CA VAL B 121 29.68 -19.31 -18.13
C VAL B 121 31.09 -18.78 -17.98
N ALA B 122 31.26 -17.81 -17.09
CA ALA B 122 32.56 -17.22 -16.83
C ALA B 122 32.91 -17.38 -15.36
N ALA B 123 34.19 -17.28 -15.04
CA ALA B 123 34.64 -17.41 -13.66
C ALA B 123 35.95 -16.67 -13.45
N TRP B 124 36.18 -16.21 -12.22
CA TRP B 124 37.40 -15.49 -11.88
C TRP B 124 37.82 -15.77 -10.45
N GLU B 125 39.12 -15.66 -10.20
CA GLU B 125 39.66 -15.93 -8.88
C GLU B 125 38.99 -15.14 -7.76
N TRP B 126 38.84 -15.78 -6.61
CA TRP B 126 38.24 -15.14 -5.44
C TRP B 126 39.22 -15.29 -4.28
N GLY B 127 39.75 -14.16 -3.79
CA GLY B 127 40.69 -14.20 -2.70
C GLY B 127 40.16 -14.74 -1.38
N ALA B 128 40.82 -15.77 -0.85
CA ALA B 128 40.41 -16.36 0.42
C ALA B 128 40.80 -15.44 1.57
N TYR B 129 39.90 -15.29 2.54
CA TYR B 129 40.14 -14.43 3.71
C TYR B 129 40.72 -15.23 4.88
N LEU B 130 41.96 -14.92 5.24
CA LEU B 130 42.64 -15.60 6.34
C LEU B 130 42.76 -14.72 7.58
N GLY B 131 42.14 -13.54 7.53
CA GLY B 131 42.19 -12.62 8.66
C GLY B 131 41.02 -12.81 9.62
N GLU B 132 40.72 -11.77 10.39
CA GLU B 132 39.63 -11.85 11.36
C GLU B 132 39.11 -10.49 11.84
N GLU B 133 39.95 -9.46 11.80
CA GLU B 133 39.53 -8.15 12.27
C GLU B 133 38.26 -7.60 11.62
N ALA B 134 38.21 -7.62 10.29
CA ALA B 134 37.03 -7.12 9.59
C ALA B 134 35.77 -7.90 9.99
N VAL B 135 35.89 -9.22 10.04
CA VAL B 135 34.77 -10.09 10.40
C VAL B 135 34.25 -9.86 11.82
N ARG B 136 35.17 -9.77 12.78
CA ARG B 136 34.80 -9.58 14.17
C ARG B 136 34.28 -8.18 14.44
N LYS B 137 34.69 -7.23 13.61
CA LYS B 137 34.23 -5.84 13.75
C LYS B 137 32.77 -5.81 13.30
N GLY B 138 32.44 -6.68 12.36
CA GLY B 138 31.07 -6.74 11.85
C GLY B 138 30.81 -5.68 10.80
N ALA B 139 29.89 -5.99 9.89
CA ALA B 139 29.54 -5.05 8.82
C ALA B 139 28.55 -4.00 9.32
N ARG B 140 28.56 -2.84 8.67
CA ARG B 140 27.66 -1.76 9.03
C ARG B 140 26.63 -1.61 7.91
N LEU B 141 25.36 -1.64 8.27
CA LEU B 141 24.29 -1.50 7.28
C LEU B 141 23.50 -0.23 7.52
N ILE B 142 22.86 0.26 6.47
CA ILE B 142 22.01 1.42 6.55
C ILE B 142 20.77 1.07 5.73
N THR B 143 19.60 1.36 6.29
CA THR B 143 18.35 1.06 5.61
C THR B 143 18.21 1.97 4.40
N SER B 144 17.92 1.35 3.25
CA SER B 144 17.79 2.08 1.99
C SER B 144 16.50 2.87 1.83
N SER B 145 16.54 3.87 0.95
CA SER B 145 15.38 4.70 0.66
C SER B 145 14.70 4.09 -0.57
N TRP B 146 15.25 2.98 -1.07
CA TRP B 146 14.66 2.28 -2.19
C TRP B 146 14.00 1.03 -1.63
N ALA B 147 12.72 0.84 -1.92
CA ALA B 147 12.01 -0.33 -1.43
C ALA B 147 12.22 -1.50 -2.37
N ARG B 148 12.25 -2.71 -1.78
CA ARG B 148 12.41 -3.92 -2.55
C ARG B 148 11.11 -4.07 -3.35
N PHE B 149 11.23 -4.50 -4.60
CA PHE B 149 10.06 -4.65 -5.46
C PHE B 149 8.96 -5.61 -5.01
N PRO B 150 7.69 -5.16 -5.11
CA PRO B 150 6.54 -5.99 -4.74
C PRO B 150 6.56 -7.21 -5.65
N ALA B 151 5.97 -8.31 -5.20
CA ALA B 151 5.95 -9.55 -5.99
C ALA B 151 5.16 -9.50 -7.28
N ASN B 152 4.46 -8.40 -7.54
CA ASN B 152 3.72 -8.26 -8.79
C ASN B 152 4.30 -7.13 -9.62
N VAL B 153 5.55 -6.77 -9.33
CA VAL B 153 6.25 -5.70 -10.05
C VAL B 153 7.50 -6.26 -10.74
N MET B 154 8.29 -7.01 -9.98
CA MET B 154 9.50 -7.66 -10.50
C MET B 154 9.54 -9.03 -9.83
N PRO B 155 10.01 -10.06 -10.53
CA PRO B 155 10.07 -11.42 -9.96
C PRO B 155 11.25 -11.59 -9.01
N GLY B 156 11.02 -11.30 -7.73
CA GLY B 156 12.07 -11.38 -6.72
C GLY B 156 12.62 -12.75 -6.36
N LYS B 157 11.96 -13.82 -6.81
CA LYS B 157 12.44 -15.17 -6.53
C LYS B 157 13.42 -15.60 -7.62
N ALA B 158 13.51 -14.79 -8.68
CA ALA B 158 14.40 -15.09 -9.79
C ALA B 158 15.56 -14.11 -9.84
N LYS B 159 16.69 -14.56 -10.38
CA LYS B 159 17.83 -13.65 -10.52
C LYS B 159 17.79 -13.09 -11.93
N VAL B 160 16.86 -12.18 -12.16
CA VAL B 160 16.68 -11.52 -13.44
C VAL B 160 17.51 -10.24 -13.45
N GLY B 161 18.28 -10.04 -14.51
CA GLY B 161 19.13 -8.86 -14.62
C GLY B 161 18.48 -7.56 -14.22
N GLY B 162 17.32 -7.25 -14.82
CA GLY B 162 16.62 -6.02 -14.51
C GLY B 162 16.36 -5.77 -13.03
N ASN B 163 16.16 -6.84 -12.26
CA ASN B 163 15.91 -6.72 -10.82
C ASN B 163 17.03 -5.95 -10.13
N TYR B 164 18.26 -6.17 -10.59
CA TYR B 164 19.40 -5.56 -9.94
C TYR B 164 19.59 -4.07 -10.08
N VAL B 165 18.70 -3.41 -10.82
CA VAL B 165 18.77 -1.97 -10.93
C VAL B 165 18.38 -1.51 -9.51
N ASN B 166 17.40 -2.20 -8.94
CA ASN B 166 16.93 -1.89 -7.58
C ASN B 166 18.08 -2.11 -6.59
N SER B 167 18.75 -3.26 -6.70
CA SER B 167 19.89 -3.57 -5.82
C SER B 167 21.03 -2.56 -5.99
N ALA B 168 21.30 -2.18 -7.24
CA ALA B 168 22.37 -1.23 -7.53
C ALA B 168 22.11 0.14 -6.91
N LEU B 169 20.89 0.64 -7.03
CA LEU B 169 20.53 1.93 -6.48
C LEU B 169 20.70 1.94 -4.96
N ALA B 170 20.29 0.84 -4.32
CA ALA B 170 20.41 0.72 -2.88
C ALA B 170 21.87 0.59 -2.45
N LYS B 171 22.66 -0.18 -3.18
CA LYS B 171 24.06 -0.35 -2.82
C LYS B 171 24.84 0.96 -2.93
N MET B 172 24.63 1.71 -4.01
CA MET B 172 25.31 3.00 -4.19
C MET B 172 24.97 3.94 -3.05
N GLU B 173 23.69 3.96 -2.67
CA GLU B 173 23.21 4.81 -1.60
C GLU B 173 23.91 4.50 -0.28
N ALA B 174 23.93 3.22 0.08
CA ALA B 174 24.56 2.78 1.33
C ALA B 174 26.04 3.13 1.35
N VAL B 175 26.74 2.80 0.28
CA VAL B 175 28.17 3.09 0.18
C VAL B 175 28.42 4.58 0.30
N ALA B 176 27.58 5.38 -0.37
CA ALA B 176 27.73 6.83 -0.32
C ALA B 176 27.50 7.35 1.09
N ALA B 177 26.67 6.65 1.86
CA ALA B 177 26.38 7.05 3.23
C ALA B 177 27.45 6.57 4.21
N GLY B 178 28.44 5.85 3.70
CA GLY B 178 29.52 5.35 4.54
C GLY B 178 29.33 3.94 5.08
N ALA B 179 28.25 3.29 4.69
CA ALA B 179 27.98 1.94 5.15
C ALA B 179 28.58 0.90 4.22
N ASP B 180 28.64 -0.35 4.68
CA ASP B 180 29.19 -1.43 3.89
C ASP B 180 28.13 -2.04 2.96
N GLU B 181 26.88 -2.01 3.38
CA GLU B 181 25.82 -2.62 2.59
C GLU B 181 24.47 -1.97 2.88
N ALA B 182 23.51 -2.19 1.98
CA ALA B 182 22.18 -1.64 2.16
C ALA B 182 21.21 -2.70 2.65
N LEU B 183 20.26 -2.26 3.46
CA LEU B 183 19.21 -3.11 3.99
C LEU B 183 17.94 -2.53 3.38
N LEU B 184 17.25 -3.30 2.56
CA LEU B 184 16.02 -2.81 1.93
C LEU B 184 14.76 -3.29 2.63
N LEU B 185 13.77 -2.40 2.71
CA LEU B 185 12.48 -2.73 3.31
C LEU B 185 11.55 -2.97 2.13
N ASP B 186 10.45 -3.69 2.35
CA ASP B 186 9.49 -3.89 1.27
C ASP B 186 8.61 -2.64 1.25
N GLU B 187 7.70 -2.56 0.30
CA GLU B 187 6.83 -1.38 0.18
C GLU B 187 5.98 -1.15 1.42
N GLU B 188 5.71 -2.20 2.18
CA GLU B 188 4.90 -2.09 3.38
C GLU B 188 5.69 -1.61 4.60
N GLY B 189 7.02 -1.60 4.50
CA GLY B 189 7.82 -1.12 5.62
C GLY B 189 8.57 -2.18 6.41
N TYR B 190 8.37 -3.45 6.07
CA TYR B 190 9.07 -4.54 6.76
C TYR B 190 10.43 -4.79 6.13
N VAL B 191 11.33 -5.38 6.89
CA VAL B 191 12.65 -5.69 6.37
C VAL B 191 12.50 -6.73 5.26
N ALA B 192 13.21 -6.54 4.17
CA ALA B 192 13.18 -7.49 3.07
C ALA B 192 14.50 -8.25 3.04
N GLU B 193 15.52 -7.66 2.42
CA GLU B 193 16.83 -8.30 2.32
C GLU B 193 17.90 -7.24 1.99
N GLY B 194 19.16 -7.68 1.93
CA GLY B 194 20.23 -6.76 1.58
C GLY B 194 20.22 -6.62 0.06
N SER B 195 21.07 -5.77 -0.50
CA SER B 195 21.09 -5.61 -1.95
C SER B 195 21.47 -6.92 -2.64
N GLY B 196 22.19 -7.79 -1.91
CA GLY B 196 22.60 -9.06 -2.48
C GLY B 196 22.77 -10.14 -1.43
N GLU B 197 22.02 -10.02 -0.33
CA GLU B 197 22.09 -10.99 0.76
C GLU B 197 20.74 -11.15 1.48
N ASN B 198 20.59 -12.26 2.20
CA ASN B 198 19.39 -12.51 2.99
C ASN B 198 19.75 -12.12 4.42
N LEU B 199 18.74 -11.85 5.24
CA LEU B 199 18.97 -11.44 6.62
C LEU B 199 18.45 -12.38 7.71
N PHE B 200 19.15 -12.36 8.85
CA PHE B 200 18.81 -13.15 10.02
C PHE B 200 19.06 -12.27 11.25
N PHE B 201 18.46 -12.63 12.37
CA PHE B 201 18.73 -11.93 13.61
C PHE B 201 18.63 -12.95 14.72
N VAL B 202 19.23 -12.63 15.86
CA VAL B 202 19.24 -13.54 16.99
C VAL B 202 18.77 -12.81 18.23
N ARG B 203 17.90 -13.45 19.01
CA ARG B 203 17.39 -12.83 20.22
C ARG B 203 17.18 -13.91 21.27
N ASP B 204 17.85 -13.74 22.41
CA ASP B 204 17.77 -14.69 23.51
C ASP B 204 18.08 -16.13 23.10
N GLY B 205 19.17 -16.31 22.36
CA GLY B 205 19.57 -17.65 21.94
C GLY B 205 18.79 -18.28 20.79
N VAL B 206 17.75 -17.61 20.32
CA VAL B 206 16.94 -18.14 19.22
C VAL B 206 17.30 -17.45 17.91
N ILE B 207 17.47 -18.24 16.86
CA ILE B 207 17.82 -17.70 15.56
C ILE B 207 16.54 -17.46 14.76
N TYR B 208 16.43 -16.25 14.22
CA TYR B 208 15.27 -15.89 13.42
C TYR B 208 15.65 -15.62 11.98
N ALA B 209 15.18 -16.47 11.07
CA ALA B 209 15.45 -16.28 9.66
C ALA B 209 14.23 -15.50 9.15
N LEU B 210 14.44 -14.60 8.20
CA LEU B 210 13.29 -13.84 7.70
C LEU B 210 12.55 -14.68 6.67
N GLU B 211 11.24 -14.46 6.57
CA GLU B 211 10.43 -15.19 5.60
C GLU B 211 10.89 -14.76 4.21
N HIS B 212 10.52 -15.54 3.20
CA HIS B 212 10.92 -15.24 1.83
C HIS B 212 10.33 -13.95 1.27
N SER B 213 9.13 -13.59 1.73
CA SER B 213 8.42 -12.40 1.24
C SER B 213 8.77 -12.09 -0.22
N VAL B 214 9.33 -10.92 -0.50
CA VAL B 214 9.69 -10.54 -1.87
C VAL B 214 11.18 -10.78 -2.19
N ASN B 215 11.86 -11.49 -1.29
CA ASN B 215 13.29 -11.77 -1.45
C ASN B 215 13.62 -12.99 -2.27
N LEU B 216 14.91 -13.16 -2.54
CA LEU B 216 15.40 -14.31 -3.26
C LEU B 216 15.50 -15.40 -2.19
N GLU B 217 15.21 -16.65 -2.56
CA GLU B 217 15.33 -17.75 -1.59
C GLU B 217 16.80 -18.18 -1.59
N GLY B 218 17.57 -17.53 -0.72
CA GLY B 218 18.99 -17.82 -0.64
C GLY B 218 19.43 -19.24 -0.38
N ILE B 219 20.39 -19.71 -1.17
CA ILE B 219 20.93 -21.06 -0.99
C ILE B 219 21.86 -21.05 0.23
N THR B 220 22.45 -19.89 0.52
CA THR B 220 23.32 -19.78 1.69
C THR B 220 22.39 -19.75 2.90
N ARG B 221 21.28 -19.03 2.77
CA ARG B 221 20.28 -18.93 3.83
C ARG B 221 19.84 -20.35 4.19
N ASP B 222 19.52 -21.14 3.17
CA ASP B 222 19.08 -22.52 3.35
C ASP B 222 20.16 -23.32 4.09
N SER B 223 21.40 -23.21 3.62
CA SER B 223 22.51 -23.94 4.24
C SER B 223 22.67 -23.54 5.71
N VAL B 224 22.62 -22.25 5.97
CA VAL B 224 22.77 -21.72 7.33
C VAL B 224 21.68 -22.23 8.27
N ILE B 225 20.46 -22.34 7.78
CA ILE B 225 19.37 -22.82 8.60
C ILE B 225 19.62 -24.29 8.97
N ARG B 226 20.06 -25.09 8.01
CA ARG B 226 20.32 -26.49 8.30
C ARG B 226 21.47 -26.61 9.31
N ILE B 227 22.56 -25.90 9.06
CA ILE B 227 23.70 -25.93 9.96
C ILE B 227 23.25 -25.57 11.38
N ALA B 228 22.53 -24.46 11.51
CA ALA B 228 22.04 -24.00 12.81
C ALA B 228 21.27 -25.10 13.53
N LYS B 229 20.29 -25.69 12.84
CA LYS B 229 19.50 -26.76 13.41
C LYS B 229 20.39 -27.94 13.82
N ASP B 230 21.35 -28.27 12.98
CA ASP B 230 22.26 -29.37 13.28
C ASP B 230 23.07 -29.09 14.54
N LEU B 231 23.40 -27.83 14.78
CA LEU B 231 24.17 -27.45 15.95
C LEU B 231 23.32 -27.36 17.22
N GLY B 232 22.00 -27.53 17.06
CA GLY B 232 21.12 -27.49 18.22
C GLY B 232 20.36 -26.21 18.48
N TYR B 233 20.54 -25.19 17.64
CA TYR B 233 19.84 -23.92 17.82
C TYR B 233 18.40 -24.02 17.36
N GLU B 234 17.53 -23.25 18.00
CA GLU B 234 16.13 -23.21 17.61
C GLU B 234 16.08 -22.17 16.49
N VAL B 235 15.40 -22.49 15.41
CA VAL B 235 15.31 -21.58 14.27
C VAL B 235 13.85 -21.29 13.93
N GLN B 236 13.50 -20.02 13.93
CA GLN B 236 12.14 -19.61 13.59
C GLN B 236 12.19 -18.76 12.34
N VAL B 237 11.12 -18.79 11.55
CA VAL B 237 11.04 -18.02 10.33
C VAL B 237 9.94 -17.00 10.58
N VAL B 238 10.29 -15.72 10.52
CA VAL B 238 9.32 -14.67 10.79
C VAL B 238 9.45 -13.45 9.88
N ARG B 239 8.51 -12.54 10.04
CA ARG B 239 8.53 -11.28 9.30
C ARG B 239 9.14 -10.33 10.33
N ALA B 240 9.99 -9.41 9.89
CA ALA B 240 10.64 -8.50 10.84
C ALA B 240 10.63 -7.04 10.44
N THR B 241 10.69 -6.16 11.44
CA THR B 241 10.73 -4.72 11.25
C THR B 241 12.14 -4.26 11.57
N ARG B 242 12.48 -3.04 11.14
CA ARG B 242 13.81 -2.50 11.38
C ARG B 242 14.15 -2.42 12.87
N ASP B 243 13.16 -2.09 13.71
CA ASP B 243 13.45 -1.98 15.13
C ASP B 243 13.56 -3.33 15.84
N GLN B 244 13.07 -4.40 15.21
CA GLN B 244 13.24 -5.71 15.83
C GLN B 244 14.73 -6.02 15.65
N LEU B 245 15.31 -5.54 14.56
CA LEU B 245 16.73 -5.76 14.32
C LEU B 245 17.56 -4.88 15.26
N TYR B 246 17.16 -3.63 15.42
CA TYR B 246 17.88 -2.71 16.30
C TYR B 246 18.07 -3.30 17.70
N MET B 247 17.05 -3.97 18.22
CA MET B 247 17.15 -4.54 19.55
C MET B 247 17.48 -6.03 19.63
N ALA B 248 17.92 -6.62 18.52
CA ALA B 248 18.29 -8.02 18.50
C ALA B 248 19.66 -8.17 19.18
N ASP B 249 20.00 -9.39 19.61
CA ASP B 249 21.30 -9.61 20.24
C ASP B 249 22.35 -9.69 19.14
N GLU B 250 21.95 -10.20 17.98
CA GLU B 250 22.82 -10.33 16.82
C GLU B 250 22.02 -10.22 15.54
N VAL B 251 22.71 -9.80 14.48
CA VAL B 251 22.13 -9.68 13.15
C VAL B 251 23.25 -10.16 12.24
N PHE B 252 22.90 -10.87 11.17
CA PHE B 252 23.89 -11.32 10.22
C PHE B 252 23.28 -11.52 8.84
N MET B 253 24.13 -11.44 7.81
CA MET B 253 23.70 -11.63 6.43
C MET B 253 24.30 -12.93 5.88
N THR B 254 23.63 -13.49 4.88
CA THR B 254 24.10 -14.69 4.22
C THR B 254 23.98 -14.48 2.73
N GLY B 255 24.89 -15.09 1.98
CA GLY B 255 24.88 -14.96 0.53
C GLY B 255 26.09 -15.70 -0.01
N THR B 256 26.05 -16.07 -1.28
CA THR B 256 27.16 -16.79 -1.87
C THR B 256 28.47 -16.02 -1.73
N ALA B 257 28.44 -14.71 -1.98
CA ALA B 257 29.64 -13.91 -1.86
C ALA B 257 29.89 -13.50 -0.41
N ALA B 258 28.81 -13.18 0.30
CA ALA B 258 28.93 -12.77 1.70
C ALA B 258 29.15 -13.93 2.68
N GLU B 259 28.88 -15.16 2.25
CA GLU B 259 29.03 -16.32 3.12
C GLU B 259 28.15 -15.98 4.34
N VAL B 260 28.72 -16.01 5.55
CA VAL B 260 27.95 -15.63 6.74
C VAL B 260 28.66 -14.39 7.30
N THR B 261 28.02 -13.23 7.15
CA THR B 261 28.62 -11.99 7.62
C THR B 261 27.90 -11.32 8.78
N PRO B 262 28.56 -11.25 9.94
CA PRO B 262 27.96 -10.62 11.13
C PRO B 262 27.71 -9.14 10.87
N VAL B 263 26.58 -8.63 11.36
CA VAL B 263 26.23 -7.23 11.22
C VAL B 263 26.27 -6.63 12.61
N SER B 264 27.17 -5.67 12.82
CA SER B 264 27.34 -5.05 14.13
C SER B 264 26.64 -3.71 14.31
N MET B 265 26.14 -3.14 13.22
CA MET B 265 25.47 -1.85 13.31
C MET B 265 24.52 -1.59 12.15
N ILE B 266 23.35 -1.03 12.47
CA ILE B 266 22.36 -0.69 11.47
C ILE B 266 21.89 0.74 11.76
N ASP B 267 21.96 1.59 10.74
CA ASP B 267 21.54 2.98 10.89
C ASP B 267 22.21 3.62 12.11
N TRP B 268 23.51 3.41 12.22
CA TRP B 268 24.33 3.96 13.29
C TRP B 268 23.93 3.51 14.69
N ARG B 269 23.08 2.50 14.76
CA ARG B 269 22.64 1.97 16.04
C ARG B 269 23.35 0.62 16.21
N PRO B 270 24.19 0.50 17.24
CA PRO B 270 24.91 -0.75 17.48
C PRO B 270 24.00 -1.93 17.78
N ILE B 271 24.34 -3.08 17.22
CA ILE B 271 23.57 -4.29 17.43
C ILE B 271 24.21 -5.06 18.59
N GLY B 272 23.44 -5.24 19.66
CA GLY B 272 23.96 -5.96 20.81
C GLY B 272 25.25 -5.35 21.33
N LYS B 273 26.28 -6.18 21.48
CA LYS B 273 27.57 -5.73 22.00
C LYS B 273 28.29 -4.76 21.07
N GLY B 274 27.83 -4.64 19.83
CA GLY B 274 28.47 -3.70 18.91
C GLY B 274 29.57 -4.28 18.03
N THR B 275 29.78 -5.59 18.12
CA THR B 275 30.77 -6.28 17.31
C THR B 275 30.10 -7.60 16.92
N ALA B 276 30.76 -8.42 16.12
CA ALA B 276 30.18 -9.68 15.73
C ALA B 276 29.89 -10.48 17.00
N GLY B 277 28.78 -11.22 16.99
CA GLY B 277 28.39 -12.02 18.15
C GLY B 277 28.80 -13.47 18.02
N PRO B 278 28.77 -14.24 19.11
CA PRO B 278 29.15 -15.66 19.10
C PRO B 278 28.35 -16.55 18.18
N VAL B 279 27.04 -16.30 18.05
CA VAL B 279 26.21 -17.13 17.18
C VAL B 279 26.58 -16.98 15.71
N ALA B 280 26.66 -15.74 15.21
CA ALA B 280 27.01 -15.54 13.82
C ALA B 280 28.41 -16.05 13.52
N LEU B 281 29.34 -15.82 14.44
CA LEU B 281 30.72 -16.27 14.24
C LEU B 281 30.79 -17.78 14.15
N ARG B 282 30.00 -18.47 14.97
CA ARG B 282 30.01 -19.92 14.96
C ARG B 282 29.42 -20.49 13.67
N LEU B 283 28.30 -19.91 13.22
CA LEU B 283 27.67 -20.38 11.99
C LEU B 283 28.63 -20.17 10.83
N ARG B 284 29.33 -19.04 10.82
CA ARG B 284 30.29 -18.75 9.76
C ARG B 284 31.39 -19.80 9.77
N GLU B 285 31.90 -20.08 10.97
CA GLU B 285 32.96 -21.07 11.14
C GLU B 285 32.56 -22.43 10.58
N VAL B 286 31.42 -22.97 11.03
CA VAL B 286 30.96 -24.27 10.56
C VAL B 286 30.62 -24.23 9.07
N TYR B 287 30.07 -23.10 8.61
CA TYR B 287 29.73 -22.98 7.19
C TYR B 287 30.99 -23.11 6.35
N LEU B 288 32.04 -22.38 6.74
CA LEU B 288 33.30 -22.42 6.02
C LEU B 288 33.95 -23.80 6.09
N GLU B 289 33.77 -24.52 7.19
CA GLU B 289 34.34 -25.86 7.30
C GLU B 289 33.58 -26.76 6.32
N ALA B 290 32.30 -26.48 6.13
CA ALA B 290 31.46 -27.27 5.24
C ALA B 290 31.82 -27.10 3.77
N VAL B 291 31.96 -25.85 3.32
CA VAL B 291 32.29 -25.61 1.91
C VAL B 291 33.72 -25.97 1.56
N THR B 292 34.60 -26.07 2.57
CA THR B 292 35.99 -26.44 2.31
C THR B 292 36.21 -27.94 2.48
N GLY B 293 35.12 -28.69 2.50
CA GLY B 293 35.20 -30.14 2.61
C GLY B 293 35.69 -30.72 3.93
N ARG B 294 35.47 -30.02 5.03
CA ARG B 294 35.91 -30.51 6.33
C ARG B 294 34.78 -31.08 7.18
N ARG B 295 33.56 -31.04 6.65
CA ARG B 295 32.40 -31.57 7.37
C ARG B 295 31.83 -32.73 6.56
N PRO B 296 32.13 -33.98 6.96
CA PRO B 296 31.62 -35.15 6.24
C PRO B 296 30.11 -35.13 6.08
N GLU B 297 29.40 -34.65 7.09
CA GLU B 297 27.94 -34.59 7.05
C GLU B 297 27.39 -33.66 5.98
N TYR B 298 28.24 -32.77 5.46
CA TYR B 298 27.81 -31.81 4.44
C TYR B 298 28.47 -32.04 3.09
N GLU B 299 29.18 -33.15 2.96
CA GLU B 299 29.85 -33.49 1.71
C GLU B 299 28.92 -33.58 0.53
N GLY B 300 27.66 -33.95 0.80
CA GLY B 300 26.68 -34.07 -0.27
C GLY B 300 26.44 -32.75 -0.98
N TRP B 301 26.86 -31.65 -0.35
CA TRP B 301 26.71 -30.32 -0.94
C TRP B 301 27.83 -29.97 -1.91
N LEU B 302 28.92 -30.72 -1.86
CA LEU B 302 30.08 -30.43 -2.71
C LEU B 302 30.24 -31.25 -3.98
N THR B 303 30.71 -30.59 -5.02
CA THR B 303 30.98 -31.22 -6.29
C THR B 303 32.46 -30.98 -6.58
N TYR B 304 33.26 -32.03 -6.47
CA TYR B 304 34.69 -31.91 -6.72
C TYR B 304 34.97 -31.91 -8.21
N VAL B 305 35.77 -30.95 -8.67
CA VAL B 305 36.09 -30.86 -10.08
C VAL B 305 37.18 -31.83 -10.50
N ASN B 306 37.98 -32.29 -9.54
CA ASN B 306 39.06 -33.23 -9.83
C ASN B 306 38.76 -34.62 -9.27
N GLN C 2 -5.71 15.24 39.92
CA GLN C 2 -4.22 15.10 39.96
C GLN C 2 -3.82 13.66 40.30
N ILE C 3 -2.59 13.29 39.95
CA ILE C 3 -2.09 11.95 40.20
C ILE C 3 -1.35 11.89 41.54
N LYS C 4 -1.64 10.86 42.33
CA LYS C 4 -1.02 10.69 43.64
C LYS C 4 0.23 9.82 43.54
N ALA C 5 1.32 10.41 43.07
CA ALA C 5 2.58 9.68 42.89
C ALA C 5 3.48 9.69 44.13
N GLY C 6 3.55 10.84 44.80
CA GLY C 6 4.39 10.94 45.99
C GLY C 6 5.84 11.21 45.64
N LEU C 7 6.75 10.44 46.22
CA LEU C 7 8.17 10.62 45.95
C LEU C 7 8.50 10.06 44.57
N ILE C 8 9.23 10.85 43.78
CA ILE C 8 9.62 10.46 42.43
C ILE C 8 11.12 10.50 42.25
N TRP C 9 11.67 9.50 41.59
CA TRP C 9 13.10 9.41 41.33
C TRP C 9 13.41 10.34 40.16
N MET C 10 14.23 11.36 40.41
CA MET C 10 14.61 12.32 39.38
C MET C 10 16.12 12.30 39.13
N ASN C 11 16.53 11.64 38.06
CA ASN C 11 17.93 11.57 37.69
C ASN C 11 18.90 11.22 38.82
N GLY C 12 18.59 10.17 39.57
CA GLY C 12 19.49 9.77 40.64
C GLY C 12 19.06 10.04 42.07
N ALA C 13 18.04 10.84 42.28
CA ALA C 13 17.59 11.14 43.64
C ALA C 13 16.09 11.38 43.74
N PHE C 14 15.48 10.93 44.83
CA PHE C 14 14.05 11.12 45.01
C PHE C 14 13.71 12.54 45.48
N VAL C 15 12.60 13.05 44.99
CA VAL C 15 12.13 14.39 45.35
C VAL C 15 10.62 14.36 45.45
N PRO C 16 10.03 15.31 46.21
CA PRO C 16 8.58 15.36 46.35
C PRO C 16 7.96 15.57 44.96
N GLN C 17 6.74 15.09 44.78
CA GLN C 17 6.08 15.21 43.47
C GLN C 17 6.06 16.63 42.92
N GLU C 18 5.71 17.60 43.77
CA GLU C 18 5.64 18.99 43.33
C GLU C 18 6.96 19.52 42.77
N GLU C 19 8.07 18.85 43.09
CA GLU C 19 9.38 19.28 42.62
C GLU C 19 9.81 18.53 41.35
N ALA C 20 9.10 17.46 41.02
CA ALA C 20 9.43 16.68 39.84
C ALA C 20 8.88 17.38 38.60
N LYS C 21 9.62 18.39 38.14
CA LYS C 21 9.21 19.17 36.98
C LYS C 21 10.35 19.35 35.99
N THR C 22 10.01 19.70 34.76
CA THR C 22 11.01 19.88 33.71
C THR C 22 10.66 21.11 32.88
N SER C 23 11.66 21.70 32.23
CA SER C 23 11.45 22.89 31.41
C SER C 23 10.40 22.64 30.33
N VAL C 24 9.60 23.67 30.04
CA VAL C 24 8.59 23.55 29.00
C VAL C 24 9.25 23.65 27.64
N LEU C 25 10.57 23.83 27.65
CA LEU C 25 11.34 23.93 26.41
C LEU C 25 11.98 22.58 26.13
N SER C 26 11.63 21.56 26.91
CA SER C 26 12.18 20.23 26.72
C SER C 26 11.77 19.70 25.35
N HIS C 27 12.75 19.17 24.63
CA HIS C 27 12.57 18.63 23.29
C HIS C 27 11.38 17.65 23.21
N ALA C 28 11.25 16.78 24.19
CA ALA C 28 10.18 15.78 24.23
C ALA C 28 8.77 16.35 24.35
N LEU C 29 8.64 17.51 24.99
CA LEU C 29 7.33 18.13 25.15
C LEU C 29 6.86 18.74 23.83
N HIS C 30 7.81 18.98 22.92
CA HIS C 30 7.50 19.57 21.63
C HIS C 30 7.50 18.57 20.47
N TYR C 31 8.32 17.54 20.57
CA TYR C 31 8.47 16.57 19.49
C TYR C 31 8.25 15.09 19.80
N GLY C 32 7.65 14.80 20.95
CA GLY C 32 7.36 13.41 21.32
C GLY C 32 8.55 12.50 21.51
N THR C 33 9.72 13.10 21.70
CA THR C 33 10.95 12.35 21.86
C THR C 33 11.25 11.84 23.28
N SER C 34 10.44 10.89 23.73
CA SER C 34 10.60 10.27 25.03
C SER C 34 10.29 8.79 24.90
N VAL C 35 10.71 8.00 25.88
CA VAL C 35 10.41 6.57 25.90
C VAL C 35 9.96 6.27 27.32
N PHE C 36 9.10 5.28 27.50
CA PHE C 36 8.64 4.95 28.84
C PHE C 36 8.31 3.48 28.99
N GLU C 37 8.02 3.07 30.21
CA GLU C 37 7.65 1.70 30.47
C GLU C 37 6.45 1.66 31.40
N GLY C 38 5.80 0.50 31.44
CA GLY C 38 4.64 0.30 32.29
C GLY C 38 4.95 -0.98 33.03
N ILE C 39 5.13 -0.88 34.34
CA ILE C 39 5.45 -2.05 35.15
C ILE C 39 4.54 -2.12 36.35
N ARG C 40 4.15 -3.33 36.72
CA ARG C 40 3.28 -3.47 37.88
C ARG C 40 3.87 -4.29 39.00
N ALA C 41 3.43 -3.95 40.20
CA ALA C 41 3.83 -4.64 41.41
C ALA C 41 2.52 -5.15 41.99
N TYR C 42 2.50 -6.40 42.44
CA TYR C 42 1.30 -6.98 43.04
C TYR C 42 1.62 -7.39 44.47
N GLU C 43 0.60 -7.36 45.33
CA GLU C 43 0.79 -7.76 46.71
C GLU C 43 0.84 -9.28 46.74
N THR C 44 1.78 -9.83 47.50
CA THR C 44 1.90 -11.28 47.63
C THR C 44 2.01 -11.61 49.11
N ALA C 45 2.17 -12.90 49.41
CA ALA C 45 2.29 -13.35 50.78
C ALA C 45 3.62 -12.87 51.38
N LYS C 46 4.59 -12.58 50.50
CA LYS C 46 5.90 -12.11 50.94
C LYS C 46 6.14 -10.64 50.61
N GLY C 47 5.06 -9.86 50.62
CA GLY C 47 5.19 -8.44 50.32
C GLY C 47 5.05 -8.16 48.82
N PRO C 48 5.19 -6.88 48.42
CA PRO C 48 5.08 -6.47 47.00
C PRO C 48 6.08 -7.14 46.09
N ALA C 49 5.61 -7.59 44.93
CA ALA C 49 6.46 -8.24 43.94
C ALA C 49 6.24 -7.57 42.59
N ILE C 50 7.34 -7.14 41.98
CA ILE C 50 7.31 -6.48 40.67
C ILE C 50 7.35 -7.58 39.60
N PHE C 51 6.45 -7.48 38.64
CA PHE C 51 6.37 -8.50 37.59
C PHE C 51 7.30 -8.27 36.40
N ARG C 52 8.19 -9.23 36.18
CA ARG C 52 9.17 -9.21 35.10
C ARG C 52 9.87 -7.86 34.93
N LEU C 53 10.49 -7.43 36.01
CA LEU C 53 11.22 -6.17 36.06
C LEU C 53 12.33 -6.09 35.02
N LYS C 54 13.17 -7.12 34.94
CA LYS C 54 14.28 -7.13 34.00
C LYS C 54 13.86 -7.05 32.53
N GLU C 55 12.78 -7.71 32.15
CA GLU C 55 12.31 -7.65 30.77
C GLU C 55 11.83 -6.24 30.43
N HIS C 56 11.15 -5.61 31.37
CA HIS C 56 10.66 -4.26 31.18
C HIS C 56 11.81 -3.27 31.08
N VAL C 57 12.83 -3.44 31.94
CA VAL C 57 13.97 -2.53 31.91
C VAL C 57 14.76 -2.73 30.61
N LYS C 58 14.87 -3.98 30.17
CA LYS C 58 15.57 -4.27 28.93
C LYS C 58 14.88 -3.52 27.79
N ARG C 59 13.54 -3.57 27.77
CA ARG C 59 12.77 -2.90 26.73
C ARG C 59 12.91 -1.38 26.81
N PHE C 60 13.04 -0.86 28.03
CA PHE C 60 13.19 0.58 28.22
C PHE C 60 14.43 1.06 27.48
N TYR C 61 15.54 0.36 27.70
CA TYR C 61 16.79 0.72 27.04
C TYR C 61 16.73 0.44 25.54
N ASN C 62 15.98 -0.60 25.16
CA ASN C 62 15.83 -0.93 23.75
C ASN C 62 15.05 0.19 23.04
N SER C 63 14.02 0.70 23.71
CA SER C 63 13.22 1.79 23.14
C SER C 63 14.10 3.02 22.93
N ALA C 64 15.00 3.26 23.88
CA ALA C 64 15.90 4.41 23.79
C ALA C 64 16.86 4.26 22.61
N LYS C 65 17.34 3.04 22.36
CA LYS C 65 18.25 2.80 21.26
C LYS C 65 17.62 3.17 19.92
N VAL C 66 16.32 2.94 19.80
CA VAL C 66 15.61 3.25 18.57
C VAL C 66 15.67 4.74 18.24
N LEU C 67 15.68 5.58 19.27
CA LEU C 67 15.75 7.03 19.07
C LEU C 67 17.19 7.52 19.16
N ARG C 68 18.12 6.59 19.36
CA ARG C 68 19.52 6.94 19.52
C ARG C 68 19.64 7.82 20.76
N MET C 69 18.78 7.54 21.73
CA MET C 69 18.74 8.26 22.99
C MET C 69 19.69 7.62 23.99
N GLU C 70 20.45 8.44 24.71
CA GLU C 70 21.40 7.94 25.70
C GLU C 70 20.83 8.05 27.11
N ILE C 71 20.74 6.92 27.80
CA ILE C 71 20.23 6.92 29.17
C ILE C 71 21.48 6.89 30.05
N PRO C 72 21.75 8.01 30.76
CA PRO C 72 22.90 8.18 31.65
C PRO C 72 22.92 7.38 32.95
N PHE C 73 22.30 6.21 32.95
CA PHE C 73 22.27 5.34 34.12
C PHE C 73 22.33 3.89 33.67
N ALA C 74 22.98 3.05 34.46
CA ALA C 74 23.09 1.63 34.15
C ALA C 74 21.76 0.96 34.54
N PRO C 75 21.37 -0.10 33.81
CA PRO C 75 20.12 -0.81 34.12
C PRO C 75 19.97 -1.14 35.61
N GLU C 76 21.06 -1.61 36.21
CA GLU C 76 21.06 -1.95 37.63
C GLU C 76 20.64 -0.77 38.50
N GLU C 77 21.02 0.45 38.11
CA GLU C 77 20.65 1.63 38.88
C GLU C 77 19.15 1.89 38.76
N LEU C 78 18.65 1.80 37.53
CA LEU C 78 17.24 2.03 37.26
C LEU C 78 16.37 0.99 37.97
N GLU C 79 16.84 -0.26 37.97
CA GLU C 79 16.11 -1.33 38.62
C GLU C 79 16.01 -1.05 40.11
N GLU C 80 17.09 -0.51 40.68
CA GLU C 80 17.12 -0.16 42.09
C GLU C 80 16.15 0.98 42.36
N ALA C 81 16.14 1.96 41.46
CA ALA C 81 15.26 3.12 41.60
C ALA C 81 13.80 2.65 41.55
N ILE C 82 13.52 1.69 40.68
CA ILE C 82 12.17 1.17 40.53
C ILE C 82 11.73 0.46 41.80
N LYS C 83 12.62 -0.31 42.40
CA LYS C 83 12.30 -1.01 43.64
C LYS C 83 12.10 0.00 44.78
N GLU C 84 12.90 1.07 44.78
CA GLU C 84 12.82 2.11 45.80
C GLU C 84 11.55 2.94 45.70
N VAL C 85 11.05 3.21 44.50
CA VAL C 85 9.85 4.00 44.34
C VAL C 85 8.66 3.29 44.95
N VAL C 86 8.78 1.96 45.09
CA VAL C 86 7.71 1.17 45.70
C VAL C 86 7.88 1.27 47.20
N ARG C 87 9.08 0.96 47.69
CA ARG C 87 9.38 1.02 49.12
C ARG C 87 9.16 2.39 49.73
N ARG C 88 9.86 3.39 49.20
CA ARG C 88 9.76 4.76 49.70
C ARG C 88 8.34 5.33 49.77
N ASN C 89 7.46 4.85 48.91
CA ASN C 89 6.08 5.34 48.93
C ASN C 89 5.14 4.38 49.65
N GLY C 90 5.72 3.30 50.19
CA GLY C 90 4.93 2.32 50.90
C GLY C 90 3.83 1.70 50.06
N TYR C 91 4.10 1.50 48.77
CA TYR C 91 3.10 0.89 47.89
C TYR C 91 3.11 -0.62 48.00
N ARG C 92 1.97 -1.22 47.69
CA ARG C 92 1.82 -2.66 47.70
C ARG C 92 1.47 -3.00 46.25
N SER C 93 0.24 -2.71 45.85
CA SER C 93 -0.20 -2.93 44.48
C SER C 93 -0.07 -1.58 43.79
N CYS C 94 0.77 -1.49 42.77
CA CYS C 94 0.95 -0.22 42.08
C CYS C 94 1.42 -0.37 40.65
N TYR C 95 1.35 0.74 39.92
CA TYR C 95 1.78 0.82 38.54
C TYR C 95 3.01 1.71 38.56
N ILE C 96 4.10 1.27 37.93
CA ILE C 96 5.33 2.03 37.91
C ILE C 96 5.61 2.58 36.50
N ARG C 97 5.90 3.87 36.43
CA ARG C 97 6.14 4.52 35.15
C ARG C 97 7.51 5.15 34.96
N PRO C 98 8.47 4.39 34.41
CA PRO C 98 9.80 4.92 34.17
C PRO C 98 9.68 5.80 32.93
N LEU C 99 10.42 6.90 32.88
CA LEU C 99 10.37 7.80 31.73
C LEU C 99 11.71 8.47 31.44
N ALA C 100 12.14 8.41 30.18
CA ALA C 100 13.37 9.04 29.75
C ALA C 100 12.96 10.00 28.63
N TRP C 101 13.35 11.27 28.73
CA TRP C 101 12.99 12.24 27.72
C TRP C 101 14.12 13.20 27.36
N MET C 102 14.05 13.74 26.15
CA MET C 102 15.06 14.68 25.68
C MET C 102 14.76 16.04 26.30
N GLY C 103 15.77 16.59 26.98
CA GLY C 103 15.64 17.86 27.67
C GLY C 103 15.60 19.13 26.84
N ALA C 104 15.89 20.25 27.50
CA ALA C 104 15.85 21.56 26.87
C ALA C 104 17.16 22.19 26.43
N LYS C 105 18.14 21.38 26.02
CA LYS C 105 19.40 21.97 25.56
C LYS C 105 19.18 22.72 24.24
N ALA C 106 18.27 22.21 23.41
CA ALA C 106 17.98 22.83 22.12
C ALA C 106 16.64 22.35 21.58
N LEU C 107 16.10 23.07 20.60
CA LEU C 107 14.81 22.69 20.01
C LEU C 107 14.83 22.45 18.50
N GLY C 108 15.98 22.05 17.97
CA GLY C 108 16.05 21.72 16.57
C GLY C 108 15.40 20.34 16.56
N VAL C 109 14.71 19.95 15.49
CA VAL C 109 14.06 18.65 15.46
C VAL C 109 14.99 17.48 15.75
N ASN C 110 16.26 17.60 15.37
CA ASN C 110 17.24 16.54 15.62
C ASN C 110 17.44 16.51 17.14
N PRO C 111 17.27 15.32 17.76
CA PRO C 111 17.43 15.20 19.21
C PRO C 111 18.84 14.87 19.70
N LEU C 112 19.71 14.43 18.80
CA LEU C 112 21.07 14.07 19.19
C LEU C 112 21.80 15.12 20.04
N PRO C 113 21.68 16.40 19.67
CA PRO C 113 22.35 17.45 20.46
C PRO C 113 21.82 17.55 21.88
N ASN C 114 20.67 16.95 22.15
CA ASN C 114 20.08 17.01 23.48
C ASN C 114 20.51 15.91 24.47
N ASN C 115 21.24 14.91 23.99
CA ASN C 115 21.70 13.82 24.86
C ASN C 115 22.67 14.32 25.94
N PRO C 116 22.71 13.63 27.10
CA PRO C 116 21.92 12.44 27.42
C PRO C 116 20.51 12.80 27.89
N ALA C 117 19.60 11.84 27.79
CA ALA C 117 18.22 12.06 28.21
C ALA C 117 18.11 12.26 29.71
N GLU C 118 17.02 12.89 30.13
CA GLU C 118 16.73 13.10 31.54
C GLU C 118 15.93 11.84 31.88
N VAL C 119 15.99 11.38 33.11
CA VAL C 119 15.25 10.18 33.49
C VAL C 119 14.52 10.31 34.82
N MET C 120 13.36 9.67 34.92
CA MET C 120 12.57 9.70 36.14
C MET C 120 11.76 8.42 36.28
N VAL C 121 11.39 8.12 37.51
CA VAL C 121 10.58 6.94 37.79
C VAL C 121 9.52 7.35 38.81
N ALA C 122 8.26 7.19 38.42
CA ALA C 122 7.15 7.53 39.30
C ALA C 122 6.27 6.29 39.43
N ALA C 123 5.40 6.28 40.43
CA ALA C 123 4.50 5.17 40.64
C ALA C 123 3.30 5.62 41.46
N TRP C 124 2.20 4.87 41.33
CA TRP C 124 0.99 5.20 42.07
C TRP C 124 0.16 3.95 42.32
N GLU C 125 -0.64 3.97 43.38
CA GLU C 125 -1.48 2.83 43.75
C GLU C 125 -2.36 2.41 42.58
N TRP C 126 -2.46 1.10 42.38
CA TRP C 126 -3.27 0.57 41.28
C TRP C 126 -4.75 0.82 41.48
N VAL C 135 -15.20 -7.15 32.40
CA VAL C 135 -14.37 -8.38 32.50
C VAL C 135 -15.23 -9.65 32.45
N ARG C 136 -16.21 -9.73 33.34
CA ARG C 136 -17.10 -10.88 33.38
C ARG C 136 -18.00 -10.80 32.16
N LYS C 137 -18.51 -9.60 31.89
CA LYS C 137 -19.37 -9.40 30.73
C LYS C 137 -18.44 -9.33 29.52
N GLY C 138 -17.21 -8.88 29.75
CA GLY C 138 -16.24 -8.77 28.69
C GLY C 138 -16.15 -7.35 28.16
N ALA C 139 -14.98 -6.97 27.65
CA ALA C 139 -14.80 -5.64 27.11
C ALA C 139 -15.44 -5.53 25.74
N ARG C 140 -15.86 -4.32 25.38
CA ARG C 140 -16.48 -4.08 24.09
C ARG C 140 -15.50 -3.27 23.25
N LEU C 141 -15.14 -3.79 22.09
CA LEU C 141 -14.21 -3.10 21.22
C LEU C 141 -14.85 -2.66 19.91
N ILE C 142 -14.25 -1.63 19.33
CA ILE C 142 -14.68 -1.12 18.03
C ILE C 142 -13.41 -0.90 17.21
N THR C 143 -13.44 -1.32 15.96
CA THR C 143 -12.28 -1.18 15.09
C THR C 143 -12.12 0.31 14.77
N SER C 144 -10.90 0.81 14.95
CA SER C 144 -10.59 2.22 14.72
C SER C 144 -10.45 2.64 13.26
N SER C 145 -10.64 3.93 13.01
CA SER C 145 -10.50 4.51 11.67
C SER C 145 -9.05 4.98 11.54
N TRP C 146 -8.29 4.82 12.61
CA TRP C 146 -6.88 5.20 12.61
C TRP C 146 -6.08 3.90 12.50
N ALA C 147 -5.23 3.83 11.48
CA ALA C 147 -4.41 2.65 11.25
C ALA C 147 -3.16 2.67 12.11
N ARG C 148 -2.72 1.49 12.54
CA ARG C 148 -1.50 1.41 13.35
C ARG C 148 -0.36 1.78 12.40
N PHE C 149 0.59 2.56 12.89
CA PHE C 149 1.70 3.00 12.05
C PHE C 149 2.56 1.92 11.39
N PRO C 150 2.84 2.07 10.08
CA PRO C 150 3.67 1.09 9.38
C PRO C 150 5.03 1.08 10.07
N ALA C 151 5.77 -0.02 9.91
CA ALA C 151 7.08 -0.18 10.56
C ALA C 151 8.19 0.76 10.07
N ASN C 152 7.91 1.54 9.03
CA ASN C 152 8.90 2.48 8.50
C ASN C 152 8.39 3.91 8.66
N VAL C 153 7.42 4.08 9.55
CA VAL C 153 6.82 5.39 9.82
C VAL C 153 7.05 5.78 11.28
N MET C 154 6.74 4.85 12.19
CA MET C 154 6.94 5.04 13.63
C MET C 154 7.47 3.70 14.15
N PRO C 155 8.41 3.74 15.11
CA PRO C 155 8.98 2.50 15.67
C PRO C 155 8.03 1.77 16.63
N GLY C 156 7.18 0.92 16.06
CA GLY C 156 6.21 0.18 16.84
C GLY C 156 6.68 -0.82 17.88
N LYS C 157 7.94 -1.24 17.81
CA LYS C 157 8.48 -2.19 18.78
C LYS C 157 8.98 -1.46 20.02
N ALA C 158 8.96 -0.13 19.95
CA ALA C 158 9.43 0.70 21.06
C ALA C 158 8.28 1.50 21.65
N LYS C 159 8.42 1.89 22.91
CA LYS C 159 7.39 2.69 23.56
C LYS C 159 7.84 4.14 23.53
N VAL C 160 7.82 4.72 22.33
CA VAL C 160 8.21 6.10 22.12
C VAL C 160 6.99 6.99 22.30
N GLY C 161 7.16 8.05 23.09
CA GLY C 161 6.07 8.97 23.37
C GLY C 161 5.21 9.35 22.17
N GLY C 162 5.86 9.82 21.11
CA GLY C 162 5.14 10.23 19.91
C GLY C 162 4.23 9.17 19.32
N ASN C 163 4.59 7.90 19.53
CA ASN C 163 3.79 6.80 19.01
C ASN C 163 2.37 6.84 19.56
N TYR C 164 2.26 7.21 20.82
CA TYR C 164 0.98 7.24 21.48
C TYR C 164 -0.03 8.28 21.04
N VAL C 165 0.35 9.10 20.06
CA VAL C 165 -0.59 10.08 19.53
C VAL C 165 -1.59 9.20 18.74
N ASN C 166 -1.05 8.18 18.08
CA ASN C 166 -1.85 7.24 17.29
C ASN C 166 -2.77 6.47 18.25
N SER C 167 -2.22 6.03 19.38
CA SER C 167 -3.01 5.31 20.38
C SER C 167 -4.10 6.20 20.96
N ALA C 168 -3.73 7.45 21.27
CA ALA C 168 -4.66 8.41 21.84
C ALA C 168 -5.84 8.68 20.91
N LEU C 169 -5.56 8.91 19.63
CA LEU C 169 -6.62 9.18 18.67
C LEU C 169 -7.61 8.01 18.59
N ALA C 170 -7.08 6.79 18.59
CA ALA C 170 -7.92 5.61 18.52
C ALA C 170 -8.72 5.41 19.81
N LYS C 171 -8.07 5.57 20.96
CA LYS C 171 -8.76 5.39 22.23
C LYS C 171 -9.93 6.39 22.37
N MET C 172 -9.69 7.66 22.07
CA MET C 172 -10.76 8.66 22.16
C MET C 172 -11.93 8.27 21.27
N GLU C 173 -11.62 7.86 20.04
CA GLU C 173 -12.63 7.45 19.08
C GLU C 173 -13.50 6.32 19.61
N ALA C 174 -12.85 5.28 20.13
CA ALA C 174 -13.58 4.13 20.67
C ALA C 174 -14.50 4.53 21.81
N VAL C 175 -13.96 5.29 22.76
CA VAL C 175 -14.74 5.74 23.90
C VAL C 175 -15.93 6.58 23.44
N ALA C 176 -15.69 7.49 22.50
CA ALA C 176 -16.75 8.34 21.98
C ALA C 176 -17.83 7.51 21.28
N ALA C 177 -17.43 6.38 20.70
CA ALA C 177 -18.37 5.51 19.99
C ALA C 177 -19.16 4.63 20.96
N GLY C 178 -18.79 4.66 22.23
CA GLY C 178 -19.47 3.87 23.23
C GLY C 178 -18.78 2.58 23.65
N ALA C 179 -17.60 2.32 23.11
CA ALA C 179 -16.85 1.10 23.43
C ALA C 179 -15.85 1.32 24.55
N ASP C 180 -15.24 0.23 25.01
CA ASP C 180 -14.25 0.29 26.09
C ASP C 180 -12.83 0.53 25.57
N GLU C 181 -12.54 -0.06 24.41
CA GLU C 181 -11.21 0.03 23.84
C GLU C 181 -11.28 0.01 22.32
N ALA C 182 -10.21 0.47 21.68
CA ALA C 182 -10.15 0.48 20.22
C ALA C 182 -9.28 -0.65 19.71
N LEU C 183 -9.66 -1.19 18.56
CA LEU C 183 -8.92 -2.24 17.91
C LEU C 183 -8.40 -1.60 16.63
N LEU C 184 -7.08 -1.52 16.48
CA LEU C 184 -6.51 -0.91 15.29
C LEU C 184 -6.03 -1.94 14.27
N LEU C 185 -6.26 -1.62 13.00
CA LEU C 185 -5.81 -2.46 11.89
C LEU C 185 -4.53 -1.81 11.38
N ASP C 186 -3.71 -2.55 10.65
CA ASP C 186 -2.52 -1.97 10.07
C ASP C 186 -2.98 -1.35 8.75
N GLU C 187 -2.07 -0.66 8.05
CA GLU C 187 -2.44 0.00 6.81
C GLU C 187 -2.96 -0.97 5.74
N GLU C 188 -2.57 -2.23 5.82
CA GLU C 188 -3.01 -3.23 4.85
C GLU C 188 -4.40 -3.81 5.12
N GLY C 189 -4.97 -3.48 6.27
CA GLY C 189 -6.30 -3.97 6.59
C GLY C 189 -6.35 -5.10 7.59
N TYR C 190 -5.20 -5.59 8.04
CA TYR C 190 -5.18 -6.68 9.00
C TYR C 190 -5.23 -6.14 10.43
N VAL C 191 -5.67 -6.98 11.35
CA VAL C 191 -5.74 -6.59 12.76
C VAL C 191 -4.31 -6.37 13.26
N ALA C 192 -4.10 -5.32 14.04
CA ALA C 192 -2.78 -5.03 14.59
C ALA C 192 -2.83 -5.24 16.11
N GLU C 193 -3.25 -4.21 16.84
CA GLU C 193 -3.35 -4.32 18.28
C GLU C 193 -4.33 -3.30 18.84
N GLY C 194 -4.55 -3.35 20.15
CA GLY C 194 -5.44 -2.39 20.78
C GLY C 194 -4.63 -1.13 21.01
N SER C 195 -5.25 -0.04 21.45
CA SER C 195 -4.50 1.19 21.66
C SER C 195 -3.37 1.00 22.68
N GLY C 196 -3.51 -0.01 23.54
CA GLY C 196 -2.47 -0.27 24.52
C GLY C 196 -2.42 -1.72 24.97
N GLU C 197 -2.86 -2.62 24.10
CA GLU C 197 -2.91 -4.04 24.39
C GLU C 197 -2.64 -4.90 23.15
N ASN C 198 -2.26 -6.16 23.37
CA ASN C 198 -2.05 -7.10 22.28
C ASN C 198 -3.31 -7.95 22.18
N LEU C 199 -3.54 -8.58 21.03
CA LEU C 199 -4.75 -9.38 20.84
C LEU C 199 -4.54 -10.86 20.59
N PHE C 200 -5.52 -11.64 21.05
CA PHE C 200 -5.56 -13.10 20.89
C PHE C 200 -7.00 -13.48 20.56
N PHE C 201 -7.19 -14.66 19.99
CA PHE C 201 -8.54 -15.16 19.76
C PHE C 201 -8.47 -16.68 19.89
N VAL C 202 -9.61 -17.30 20.16
CA VAL C 202 -9.65 -18.75 20.34
C VAL C 202 -10.67 -19.34 19.38
N ARG C 203 -10.30 -20.44 18.72
CA ARG C 203 -11.18 -21.08 17.77
C ARG C 203 -10.99 -22.59 17.82
N ASP C 204 -12.08 -23.29 18.12
CA ASP C 204 -12.05 -24.74 18.22
C ASP C 204 -10.95 -25.26 19.14
N GLY C 205 -10.92 -24.72 20.36
CA GLY C 205 -9.94 -25.14 21.35
C GLY C 205 -8.52 -24.62 21.17
N VAL C 206 -8.21 -24.05 20.02
CA VAL C 206 -6.87 -23.54 19.76
C VAL C 206 -6.76 -22.05 20.04
N ILE C 207 -5.69 -21.68 20.74
CA ILE C 207 -5.45 -20.27 21.07
C ILE C 207 -4.55 -19.66 19.99
N TYR C 208 -4.98 -18.54 19.43
CA TYR C 208 -4.21 -17.88 18.39
C TYR C 208 -3.72 -16.51 18.85
N ALA C 209 -2.40 -16.37 18.94
CA ALA C 209 -1.80 -15.11 19.30
C ALA C 209 -1.50 -14.44 17.97
N LEU C 210 -1.63 -13.12 17.90
CA LEU C 210 -1.34 -12.42 16.66
C LEU C 210 0.16 -12.23 16.50
N GLU C 211 0.62 -12.25 15.25
CA GLU C 211 2.04 -12.05 14.97
C GLU C 211 2.41 -10.66 15.44
N HIS C 212 3.72 -10.41 15.59
CA HIS C 212 4.18 -9.10 16.04
C HIS C 212 3.88 -7.96 15.06
N SER C 213 3.93 -8.26 13.77
CA SER C 213 3.72 -7.25 12.72
C SER C 213 4.23 -5.86 13.13
N VAL C 214 3.33 -4.87 13.23
CA VAL C 214 3.72 -3.51 13.61
C VAL C 214 3.42 -3.20 15.07
N ASN C 215 3.13 -4.24 15.85
CA ASN C 215 2.78 -4.07 17.26
C ASN C 215 3.95 -4.09 18.24
N LEU C 216 3.64 -3.81 19.49
CA LEU C 216 4.63 -3.87 20.55
C LEU C 216 4.70 -5.35 20.89
N GLU C 217 5.88 -5.85 21.24
CA GLU C 217 6.02 -7.25 21.62
C GLU C 217 5.68 -7.31 23.10
N GLY C 218 4.38 -7.41 23.40
CA GLY C 218 3.91 -7.44 24.77
C GLY C 218 4.52 -8.47 25.70
N ILE C 219 4.90 -8.02 26.89
CA ILE C 219 5.46 -8.91 27.89
C ILE C 219 4.31 -9.75 28.49
N THR C 220 3.11 -9.18 28.50
CA THR C 220 1.96 -9.90 29.02
C THR C 220 1.61 -10.97 27.98
N ARG C 221 1.68 -10.58 26.70
CA ARG C 221 1.41 -11.51 25.60
C ARG C 221 2.36 -12.69 25.73
N ASP C 222 3.64 -12.38 25.94
CA ASP C 222 4.66 -13.41 26.10
C ASP C 222 4.35 -14.31 27.29
N SER C 223 3.97 -13.70 28.41
CA SER C 223 3.63 -14.45 29.62
C SER C 223 2.42 -15.33 29.36
N VAL C 224 1.40 -14.76 28.74
CA VAL C 224 0.17 -15.49 28.43
C VAL C 224 0.43 -16.73 27.60
N ILE C 225 1.28 -16.60 26.59
CA ILE C 225 1.60 -17.72 25.73
C ILE C 225 2.26 -18.85 26.52
N ARG C 226 3.22 -18.51 27.36
CA ARG C 226 3.89 -19.55 28.16
C ARG C 226 2.88 -20.25 29.05
N ILE C 227 2.06 -19.47 29.74
CA ILE C 227 1.06 -20.04 30.63
C ILE C 227 0.10 -20.95 29.87
N ALA C 228 -0.41 -20.48 28.74
CA ALA C 228 -1.34 -21.26 27.94
C ALA C 228 -0.71 -22.61 27.56
N LYS C 229 0.54 -22.58 27.12
CA LYS C 229 1.21 -23.82 26.73
C LYS C 229 1.39 -24.72 27.95
N ASP C 230 1.76 -24.13 29.09
CA ASP C 230 1.95 -24.92 30.29
C ASP C 230 0.66 -25.61 30.73
N LEU C 231 -0.48 -24.95 30.49
CA LEU C 231 -1.77 -25.50 30.86
C LEU C 231 -2.23 -26.59 29.89
N GLY C 232 -1.49 -26.75 28.79
CA GLY C 232 -1.85 -27.78 27.82
C GLY C 232 -2.57 -27.31 26.57
N TYR C 233 -2.75 -26.00 26.42
CA TYR C 233 -3.42 -25.47 25.23
C TYR C 233 -2.47 -25.48 24.03
N GLU C 234 -3.03 -25.58 22.84
CA GLU C 234 -2.22 -25.53 21.63
C GLU C 234 -2.21 -24.05 21.26
N VAL C 235 -1.03 -23.50 21.00
CA VAL C 235 -0.93 -22.09 20.64
C VAL C 235 -0.29 -21.88 19.27
N GLN C 236 -0.98 -21.12 18.43
CA GLN C 236 -0.49 -20.79 17.09
C GLN C 236 -0.34 -19.27 16.98
N VAL C 237 0.65 -18.84 16.22
CA VAL C 237 0.88 -17.40 16.02
C VAL C 237 0.53 -17.14 14.56
N VAL C 238 -0.42 -16.25 14.32
CA VAL C 238 -0.87 -15.97 12.96
C VAL C 238 -1.22 -14.52 12.70
N ARG C 239 -1.47 -14.23 11.42
CA ARG C 239 -1.91 -12.91 10.99
C ARG C 239 -3.43 -13.06 10.97
N ALA C 240 -4.15 -12.07 11.46
CA ALA C 240 -5.61 -12.18 11.52
C ALA C 240 -6.38 -10.99 10.95
N THR C 241 -7.58 -11.26 10.44
CA THR C 241 -8.44 -10.22 9.89
C THR C 241 -9.55 -9.95 10.90
N ARG C 242 -10.23 -8.83 10.76
CA ARG C 242 -11.31 -8.49 11.68
C ARG C 242 -12.41 -9.55 11.68
N ASP C 243 -12.73 -10.12 10.52
CA ASP C 243 -13.77 -11.13 10.50
C ASP C 243 -13.37 -12.51 11.03
N GLN C 244 -12.07 -12.72 11.23
CA GLN C 244 -11.64 -13.98 11.82
C GLN C 244 -11.93 -13.83 13.32
N LEU C 245 -11.87 -12.61 13.82
CA LEU C 245 -12.17 -12.35 15.23
C LEU C 245 -13.69 -12.46 15.43
N TYR C 246 -14.46 -11.85 14.52
CA TYR C 246 -15.92 -11.89 14.61
C TYR C 246 -16.42 -13.32 14.74
N MET C 247 -15.77 -14.23 14.03
CA MET C 247 -16.15 -15.64 14.01
C MET C 247 -15.45 -16.52 15.05
N ALA C 248 -14.57 -15.95 15.85
CA ALA C 248 -13.85 -16.71 16.87
C ALA C 248 -14.78 -17.13 18.03
N ASP C 249 -14.37 -18.16 18.78
CA ASP C 249 -15.17 -18.60 19.93
C ASP C 249 -14.92 -17.61 21.06
N GLU C 250 -13.70 -17.10 21.12
CA GLU C 250 -13.33 -16.11 22.14
C GLU C 250 -12.29 -15.17 21.58
N VAL C 251 -12.17 -14.02 22.22
CA VAL C 251 -11.19 -13.01 21.87
C VAL C 251 -10.79 -12.38 23.20
N PHE C 252 -9.51 -12.07 23.38
CA PHE C 252 -9.08 -11.40 24.59
C PHE C 252 -7.86 -10.54 24.35
N MET C 253 -7.63 -9.58 25.24
CA MET C 253 -6.49 -8.67 25.14
C MET C 253 -5.55 -8.91 26.30
N THR C 254 -4.28 -8.57 26.10
CA THR C 254 -3.29 -8.70 27.15
C THR C 254 -2.50 -7.40 27.21
N GLY C 255 -2.01 -7.08 28.40
CA GLY C 255 -1.25 -5.86 28.60
C GLY C 255 -0.96 -5.73 30.09
N THR C 256 0.05 -4.95 30.43
CA THR C 256 0.40 -4.77 31.83
C THR C 256 -0.79 -4.24 32.65
N ALA C 257 -1.50 -3.27 32.09
CA ALA C 257 -2.64 -2.70 32.79
C ALA C 257 -3.88 -3.59 32.63
N ALA C 258 -4.12 -4.07 31.42
CA ALA C 258 -5.28 -4.91 31.14
C ALA C 258 -5.14 -6.36 31.56
N GLU C 259 -3.95 -6.76 32.01
CA GLU C 259 -3.71 -8.14 32.41
C GLU C 259 -4.26 -9.00 31.26
N VAL C 260 -5.22 -9.87 31.55
CA VAL C 260 -5.86 -10.66 30.50
C VAL C 260 -7.31 -10.22 30.54
N THR C 261 -7.77 -9.56 29.48
CA THR C 261 -9.14 -9.08 29.44
C THR C 261 -9.99 -9.72 28.36
N PRO C 262 -11.03 -10.47 28.75
CA PRO C 262 -11.89 -11.11 27.74
C PRO C 262 -12.60 -10.04 26.93
N VAL C 263 -12.83 -10.30 25.65
CA VAL C 263 -13.53 -9.37 24.78
C VAL C 263 -14.82 -10.08 24.36
N SER C 264 -15.96 -9.50 24.73
CA SER C 264 -17.24 -10.13 24.41
C SER C 264 -17.91 -9.58 23.17
N MET C 265 -17.42 -8.47 22.64
CA MET C 265 -18.05 -7.87 21.47
C MET C 265 -17.11 -6.96 20.70
N ILE C 266 -17.20 -7.00 19.37
CA ILE C 266 -16.36 -6.16 18.51
C ILE C 266 -17.27 -5.63 17.42
N ASP C 267 -17.30 -4.31 17.25
CA ASP C 267 -18.12 -3.68 16.24
C ASP C 267 -19.59 -4.13 16.36
N TRP C 268 -20.08 -4.14 17.60
CA TRP C 268 -21.45 -4.52 17.92
C TRP C 268 -21.82 -5.94 17.53
N ARG C 269 -20.82 -6.76 17.27
CA ARG C 269 -21.03 -8.15 16.91
C ARG C 269 -20.54 -9.00 18.08
N PRO C 270 -21.44 -9.80 18.68
CA PRO C 270 -21.06 -10.64 19.81
C PRO C 270 -20.04 -11.71 19.44
N ILE C 271 -19.04 -11.87 20.31
CA ILE C 271 -18.02 -12.87 20.09
C ILE C 271 -18.46 -14.14 20.79
N GLY C 272 -18.65 -15.22 20.04
CA GLY C 272 -19.08 -16.46 20.63
C GLY C 272 -20.38 -16.29 21.41
N LYS C 273 -20.35 -16.67 22.68
CA LYS C 273 -21.52 -16.58 23.56
C LYS C 273 -21.94 -15.15 23.88
N GLY C 274 -21.09 -14.18 23.59
CA GLY C 274 -21.43 -12.80 23.86
C GLY C 274 -21.01 -12.32 25.24
N THR C 275 -20.26 -13.15 25.95
CA THR C 275 -19.77 -12.79 27.27
C THR C 275 -18.41 -13.44 27.39
N ALA C 276 -17.68 -13.13 28.47
CA ALA C 276 -16.37 -13.72 28.68
C ALA C 276 -16.42 -15.24 28.57
N GLY C 277 -15.46 -15.82 27.86
CA GLY C 277 -15.42 -17.26 27.67
C GLY C 277 -14.49 -17.95 28.67
N PRO C 278 -14.62 -19.27 28.84
CA PRO C 278 -13.82 -20.08 29.76
C PRO C 278 -12.30 -20.01 29.61
N VAL C 279 -11.81 -20.02 28.37
CA VAL C 279 -10.36 -19.98 28.15
C VAL C 279 -9.76 -18.67 28.63
N ALA C 280 -10.37 -17.55 28.25
CA ALA C 280 -9.87 -16.23 28.65
C ALA C 280 -9.96 -16.03 30.17
N LEU C 281 -11.05 -16.48 30.76
CA LEU C 281 -11.23 -16.35 32.21
C LEU C 281 -10.21 -17.19 32.95
N ARG C 282 -9.93 -18.38 32.43
CA ARG C 282 -8.96 -19.26 33.07
C ARG C 282 -7.54 -18.69 32.94
N LEU C 283 -7.20 -18.19 31.75
CA LEU C 283 -5.88 -17.61 31.55
C LEU C 283 -5.69 -16.40 32.46
N ARG C 284 -6.74 -15.59 32.59
CA ARG C 284 -6.67 -14.42 33.45
C ARG C 284 -6.42 -14.85 34.89
N GLU C 285 -7.15 -15.85 35.35
CA GLU C 285 -7.01 -16.33 36.72
C GLU C 285 -5.62 -16.89 37.00
N VAL C 286 -5.11 -17.74 36.12
CA VAL C 286 -3.78 -18.31 36.34
C VAL C 286 -2.73 -17.21 36.27
N TYR C 287 -2.93 -16.23 35.39
CA TYR C 287 -1.98 -15.12 35.29
C TYR C 287 -1.96 -14.38 36.64
N LEU C 288 -3.13 -14.16 37.23
CA LEU C 288 -3.22 -13.47 38.51
C LEU C 288 -2.53 -14.29 39.60
N GLU C 289 -2.67 -15.60 39.52
CA GLU C 289 -2.03 -16.48 40.51
C GLU C 289 -0.52 -16.39 40.36
N ALA C 290 -0.06 -16.26 39.12
CA ALA C 290 1.36 -16.18 38.82
C ALA C 290 1.97 -14.87 39.34
N VAL C 291 1.32 -13.74 39.06
CA VAL C 291 1.86 -12.46 39.49
C VAL C 291 1.80 -12.24 40.99
N THR C 292 0.91 -12.96 41.68
CA THR C 292 0.80 -12.82 43.13
C THR C 292 1.60 -13.87 43.88
N GLY C 293 2.47 -14.56 43.15
CA GLY C 293 3.35 -15.57 43.74
C GLY C 293 2.75 -16.88 44.19
N ARG C 294 1.66 -17.33 43.57
CA ARG C 294 1.05 -18.59 43.96
C ARG C 294 1.48 -19.77 43.09
N ARG C 295 2.25 -19.50 42.04
CA ARG C 295 2.72 -20.56 41.13
C ARG C 295 4.25 -20.61 41.16
N PRO C 296 4.82 -21.61 41.85
CA PRO C 296 6.29 -21.75 41.94
C PRO C 296 6.97 -21.77 40.57
N GLU C 297 6.30 -22.35 39.58
CA GLU C 297 6.84 -22.45 38.24
C GLU C 297 7.15 -21.09 37.61
N TYR C 298 6.49 -20.04 38.10
CA TYR C 298 6.69 -18.70 37.57
C TYR C 298 7.37 -17.73 38.54
N GLU C 299 7.90 -18.27 39.64
CA GLU C 299 8.58 -17.46 40.65
C GLU C 299 9.71 -16.62 40.03
N GLY C 300 10.30 -17.13 38.96
CA GLY C 300 11.38 -16.43 38.29
C GLY C 300 10.97 -15.08 37.72
N TRP C 301 9.68 -14.89 37.48
CA TRP C 301 9.18 -13.63 36.92
C TRP C 301 9.01 -12.54 37.98
N LEU C 302 9.07 -12.90 39.25
CA LEU C 302 8.86 -11.94 40.32
C LEU C 302 10.10 -11.38 41.00
N THR C 303 10.01 -10.11 41.37
CA THR C 303 11.08 -9.43 42.09
C THR C 303 10.45 -8.84 43.34
N TYR C 304 10.68 -9.50 44.48
CA TYR C 304 10.13 -9.02 45.74
C TYR C 304 10.94 -7.84 46.22
N VAL C 305 10.27 -6.74 46.53
CA VAL C 305 10.96 -5.53 46.99
C VAL C 305 11.49 -5.63 48.41
N ASN C 306 11.03 -6.63 49.17
CA ASN C 306 11.49 -6.80 50.54
C ASN C 306 12.34 -8.06 50.68
N GLN D 2 16.90 -10.98 -37.56
CA GLN D 2 18.06 -10.06 -37.38
C GLN D 2 17.65 -8.61 -37.61
N ILE D 3 18.41 -7.70 -37.03
CA ILE D 3 18.12 -6.28 -37.19
C ILE D 3 19.07 -5.70 -38.24
N LYS D 4 18.51 -5.01 -39.22
CA LYS D 4 19.31 -4.41 -40.28
C LYS D 4 19.70 -2.99 -39.87
N ALA D 5 20.68 -2.89 -38.98
CA ALA D 5 21.12 -1.60 -38.49
C ALA D 5 22.16 -0.92 -39.38
N GLY D 6 23.12 -1.69 -39.88
CA GLY D 6 24.16 -1.12 -40.73
C GLY D 6 25.28 -0.51 -39.93
N LEU D 7 25.64 0.73 -40.25
CA LEU D 7 26.72 1.42 -39.53
C LEU D 7 26.24 1.91 -38.18
N ILE D 8 26.94 1.49 -37.13
CA ILE D 8 26.61 1.86 -35.76
C ILE D 8 27.71 2.71 -35.12
N TRP D 9 27.31 3.79 -34.47
CA TRP D 9 28.22 4.70 -33.79
C TRP D 9 28.63 4.04 -32.47
N MET D 10 29.92 3.73 -32.33
CA MET D 10 30.43 3.09 -31.10
C MET D 10 31.46 3.97 -30.42
N ASN D 11 31.08 4.55 -29.30
CA ASN D 11 31.98 5.40 -28.52
C ASN D 11 32.85 6.36 -29.33
N GLY D 12 32.23 7.16 -30.19
CA GLY D 12 33.00 8.11 -30.96
C GLY D 12 33.23 7.86 -32.44
N ALA D 13 32.96 6.66 -32.93
CA ALA D 13 33.18 6.37 -34.34
C ALA D 13 32.30 5.25 -34.88
N PHE D 14 31.91 5.37 -36.15
CA PHE D 14 31.06 4.36 -36.78
C PHE D 14 31.83 3.10 -37.18
N VAL D 15 31.19 1.96 -37.00
CA VAL D 15 31.77 0.67 -37.34
C VAL D 15 30.65 -0.19 -37.91
N PRO D 16 31.00 -1.24 -38.67
CA PRO D 16 29.97 -2.11 -39.24
C PRO D 16 29.21 -2.77 -38.09
N GLN D 17 27.97 -3.18 -38.35
CA GLN D 17 27.14 -3.81 -37.33
C GLN D 17 27.84 -5.00 -36.68
N GLU D 18 28.43 -5.86 -37.50
CA GLU D 18 29.12 -7.04 -37.01
C GLU D 18 30.20 -6.73 -35.98
N GLU D 19 30.71 -5.50 -36.00
CA GLU D 19 31.76 -5.10 -35.06
C GLU D 19 31.24 -4.38 -33.82
N ALA D 20 29.95 -4.05 -33.82
CA ALA D 20 29.34 -3.36 -32.68
C ALA D 20 28.96 -4.39 -31.61
N LYS D 21 29.96 -4.81 -30.82
CA LYS D 21 29.73 -5.79 -29.77
C LYS D 21 30.39 -5.36 -28.47
N THR D 22 29.97 -5.97 -27.37
CA THR D 22 30.52 -5.65 -26.06
C THR D 22 30.72 -6.94 -25.29
N SER D 23 31.61 -6.90 -24.30
CA SER D 23 31.88 -8.08 -23.48
C SER D 23 30.64 -8.63 -22.80
N VAL D 24 30.55 -9.94 -22.69
CA VAL D 24 29.41 -10.57 -22.02
C VAL D 24 29.56 -10.37 -20.51
N LEU D 25 30.65 -9.73 -20.11
CA LEU D 25 30.89 -9.45 -18.70
C LEU D 25 30.49 -8.02 -18.38
N SER D 26 29.84 -7.36 -19.35
CA SER D 26 29.40 -5.99 -19.14
C SER D 26 28.36 -5.93 -18.02
N HIS D 27 28.56 -4.99 -17.11
CA HIS D 27 27.67 -4.80 -15.97
C HIS D 27 26.19 -4.74 -16.39
N ALA D 28 25.90 -3.99 -17.44
CA ALA D 28 24.52 -3.84 -17.92
C ALA D 28 23.86 -5.12 -18.41
N LEU D 29 24.65 -6.07 -18.87
CA LEU D 29 24.09 -7.34 -19.35
C LEU D 29 23.66 -8.25 -18.20
N HIS D 30 24.22 -7.98 -17.01
CA HIS D 30 23.91 -8.79 -15.83
C HIS D 30 22.95 -8.10 -14.86
N TYR D 31 23.02 -6.78 -14.78
CA TYR D 31 22.23 -6.03 -13.83
C TYR D 31 21.26 -4.96 -14.35
N GLY D 32 21.02 -4.94 -15.66
CA GLY D 32 20.09 -3.99 -16.24
C GLY D 32 20.49 -2.53 -16.15
N THR D 33 21.77 -2.29 -15.90
CA THR D 33 22.30 -0.94 -15.75
C THR D 33 22.63 -0.19 -17.04
N SER D 34 21.59 0.12 -17.81
CA SER D 34 21.76 0.86 -19.06
C SER D 34 20.61 1.85 -19.18
N VAL D 35 20.75 2.81 -20.08
CA VAL D 35 19.70 3.79 -20.33
C VAL D 35 19.64 3.90 -21.84
N PHE D 36 18.46 4.18 -22.38
CA PHE D 36 18.35 4.29 -23.82
C PHE D 36 17.28 5.27 -24.22
N GLU D 37 17.19 5.53 -25.51
CA GLU D 37 16.18 6.41 -26.05
C GLU D 37 15.56 5.80 -27.29
N GLY D 38 14.44 6.39 -27.71
CA GLY D 38 13.75 5.92 -28.90
C GLY D 38 13.40 7.19 -29.63
N ILE D 39 13.98 7.38 -30.80
CA ILE D 39 13.73 8.58 -31.59
C ILE D 39 13.35 8.22 -33.02
N ARG D 40 12.34 8.90 -33.57
CA ARG D 40 11.93 8.62 -34.94
C ARG D 40 12.38 9.72 -35.89
N ALA D 41 12.66 9.32 -37.12
CA ALA D 41 13.02 10.24 -38.17
C ALA D 41 11.96 9.93 -39.23
N TYR D 42 11.38 10.97 -39.83
CA TYR D 42 10.36 10.77 -40.86
C TYR D 42 10.80 11.43 -42.16
N GLU D 43 10.40 10.83 -43.28
CA GLU D 43 10.72 11.39 -44.58
C GLU D 43 9.80 12.58 -44.80
N THR D 44 10.37 13.71 -45.22
CA THR D 44 9.59 14.91 -45.48
C THR D 44 9.96 15.40 -46.88
N ALA D 45 9.28 16.44 -47.34
CA ALA D 45 9.55 16.98 -48.66
C ALA D 45 10.97 17.53 -48.69
N LYS D 46 11.55 17.75 -47.50
CA LYS D 46 12.90 18.29 -47.39
C LYS D 46 13.91 17.26 -46.86
N GLY D 47 13.61 15.99 -47.09
CA GLY D 47 14.50 14.94 -46.62
C GLY D 47 14.12 14.45 -45.24
N PRO D 48 14.91 13.53 -44.66
CA PRO D 48 14.65 12.99 -43.32
C PRO D 48 14.64 14.07 -42.24
N ALA D 49 13.68 13.98 -41.33
CA ALA D 49 13.56 14.94 -40.23
C ALA D 49 13.41 14.19 -38.92
N ILE D 50 14.33 14.41 -37.99
CA ILE D 50 14.29 13.76 -36.67
C ILE D 50 13.31 14.55 -35.79
N PHE D 51 12.40 13.84 -35.13
CA PHE D 51 11.40 14.50 -34.30
C PHE D 51 11.83 14.76 -32.86
N ARG D 52 11.86 16.05 -32.50
CA ARG D 52 12.24 16.51 -31.17
C ARG D 52 13.50 15.84 -30.64
N LEU D 53 14.57 15.94 -31.43
CA LEU D 53 15.86 15.37 -31.10
C LEU D 53 16.41 15.86 -29.77
N LYS D 54 16.40 17.18 -29.58
CA LYS D 54 16.92 17.77 -28.36
C LYS D 54 16.21 17.32 -27.09
N GLU D 55 14.88 17.16 -27.16
CA GLU D 55 14.15 16.74 -25.98
C GLU D 55 14.55 15.30 -25.63
N HIS D 56 14.70 14.45 -26.64
CA HIS D 56 15.10 13.07 -26.41
C HIS D 56 16.51 12.97 -25.84
N VAL D 57 17.43 13.76 -26.37
CA VAL D 57 18.81 13.73 -25.90
C VAL D 57 18.88 14.20 -24.45
N LYS D 58 18.07 15.22 -24.11
CA LYS D 58 18.02 15.72 -22.75
C LYS D 58 17.56 14.61 -21.81
N ARG D 59 16.56 13.84 -22.25
CA ARG D 59 16.04 12.76 -21.42
C ARG D 59 17.07 11.64 -21.28
N PHE D 60 17.85 11.42 -22.34
CA PHE D 60 18.89 10.40 -22.34
C PHE D 60 19.86 10.70 -21.20
N TYR D 61 20.31 11.95 -21.13
CA TYR D 61 21.24 12.33 -20.07
C TYR D 61 20.58 12.37 -18.71
N ASN D 62 19.29 12.73 -18.67
CA ASN D 62 18.55 12.76 -17.41
C ASN D 62 18.44 11.34 -16.87
N SER D 63 18.23 10.37 -17.75
CA SER D 63 18.11 8.97 -17.33
C SER D 63 19.44 8.51 -16.72
N ALA D 64 20.54 8.88 -17.35
CA ALA D 64 21.86 8.50 -16.87
C ALA D 64 22.07 9.07 -15.47
N LYS D 65 21.62 10.29 -15.26
CA LYS D 65 21.76 10.98 -13.98
C LYS D 65 21.12 10.16 -12.85
N VAL D 66 19.99 9.55 -13.13
CA VAL D 66 19.29 8.74 -12.15
C VAL D 66 20.15 7.57 -11.65
N LEU D 67 20.94 6.98 -12.54
CA LEU D 67 21.81 5.86 -12.17
C LEU D 67 23.21 6.35 -11.78
N ARG D 68 23.38 7.67 -11.72
CA ARG D 68 24.68 8.24 -11.40
C ARG D 68 25.69 7.74 -12.44
N MET D 69 25.18 7.55 -13.66
CA MET D 69 25.98 7.07 -14.78
C MET D 69 26.60 8.27 -15.51
N GLU D 70 27.89 8.19 -15.80
CA GLU D 70 28.59 9.26 -16.48
C GLU D 70 28.69 8.98 -17.98
N ILE D 71 28.13 9.87 -18.80
CA ILE D 71 28.20 9.71 -20.26
C ILE D 71 29.36 10.58 -20.72
N PRO D 72 30.46 9.95 -21.19
CA PRO D 72 31.66 10.63 -21.66
C PRO D 72 31.58 11.36 -23.00
N PHE D 73 30.45 11.98 -23.27
CA PHE D 73 30.27 12.74 -24.50
C PHE D 73 29.34 13.90 -24.21
N ALA D 74 29.58 15.03 -24.87
CA ALA D 74 28.72 16.19 -24.68
C ALA D 74 27.45 15.94 -25.48
N PRO D 75 26.31 16.51 -25.03
CA PRO D 75 25.04 16.34 -25.74
C PRO D 75 25.15 16.68 -27.23
N GLU D 76 25.93 17.71 -27.53
CA GLU D 76 26.11 18.14 -28.91
C GLU D 76 26.74 17.03 -29.75
N GLU D 77 27.68 16.29 -29.16
CA GLU D 77 28.35 15.21 -29.87
C GLU D 77 27.40 14.07 -30.19
N LEU D 78 26.51 13.76 -29.24
CA LEU D 78 25.54 12.68 -29.42
C LEU D 78 24.49 13.07 -30.45
N GLU D 79 24.12 14.34 -30.49
CA GLU D 79 23.12 14.82 -31.44
C GLU D 79 23.70 14.75 -32.84
N GLU D 80 25.00 15.04 -32.96
CA GLU D 80 25.67 14.98 -34.25
C GLU D 80 25.75 13.52 -34.67
N ALA D 81 26.06 12.64 -33.73
CA ALA D 81 26.16 11.21 -34.00
C ALA D 81 24.79 10.66 -34.42
N ILE D 82 23.73 11.19 -33.82
CA ILE D 82 22.39 10.74 -34.14
C ILE D 82 22.04 11.17 -35.57
N LYS D 83 22.40 12.40 -35.93
CA LYS D 83 22.11 12.88 -37.28
C LYS D 83 22.88 12.01 -38.28
N GLU D 84 24.15 11.76 -37.97
CA GLU D 84 25.02 10.98 -38.83
C GLU D 84 24.59 9.52 -39.03
N VAL D 85 23.98 8.91 -38.02
CA VAL D 85 23.56 7.53 -38.17
C VAL D 85 22.47 7.43 -39.25
N VAL D 86 21.67 8.48 -39.37
CA VAL D 86 20.61 8.51 -40.38
C VAL D 86 21.25 8.71 -41.75
N ARG D 87 22.15 9.68 -41.85
CA ARG D 87 22.82 9.99 -43.11
C ARG D 87 23.69 8.87 -43.65
N ARG D 88 24.66 8.43 -42.85
CA ARG D 88 25.58 7.38 -43.28
C ARG D 88 24.91 6.08 -43.73
N ASN D 89 23.71 5.81 -43.23
CA ASN D 89 23.02 4.59 -43.63
C ASN D 89 21.98 4.88 -44.71
N GLY D 90 21.90 6.14 -45.12
CA GLY D 90 20.97 6.55 -46.15
C GLY D 90 19.50 6.36 -45.80
N TYR D 91 19.20 6.35 -44.51
CA TYR D 91 17.82 6.17 -44.03
C TYR D 91 16.91 7.35 -44.30
N ARG D 92 15.63 7.06 -44.44
CA ARG D 92 14.60 8.07 -44.63
C ARG D 92 13.81 7.90 -43.34
N SER D 93 12.67 7.21 -43.39
CA SER D 93 11.91 6.97 -42.18
C SER D 93 12.65 5.87 -41.43
N CYS D 94 12.98 6.13 -40.16
CA CYS D 94 13.71 5.15 -39.36
C CYS D 94 13.53 5.37 -37.86
N TYR D 95 13.97 4.37 -37.10
CA TYR D 95 13.91 4.41 -35.64
C TYR D 95 15.35 4.48 -35.18
N ILE D 96 15.65 5.38 -34.24
CA ILE D 96 17.00 5.56 -33.74
C ILE D 96 17.07 5.14 -32.27
N ARG D 97 18.03 4.27 -31.95
CA ARG D 97 18.17 3.76 -30.59
C ARG D 97 19.51 4.08 -29.92
N PRO D 98 19.60 5.22 -29.24
CA PRO D 98 20.85 5.57 -28.56
C PRO D 98 20.89 4.70 -27.30
N LEU D 99 22.07 4.24 -26.90
CA LEU D 99 22.19 3.39 -25.71
C LEU D 99 23.49 3.66 -24.95
N ALA D 100 23.40 3.75 -23.63
CA ALA D 100 24.56 3.95 -22.77
C ALA D 100 24.47 2.82 -21.76
N TRP D 101 25.55 2.08 -21.58
CA TRP D 101 25.56 0.96 -20.64
C TRP D 101 26.85 0.86 -19.83
N MET D 102 26.76 0.28 -18.64
CA MET D 102 27.93 0.11 -17.79
C MET D 102 28.74 -1.07 -18.33
N GLY D 103 30.02 -0.80 -18.57
CA GLY D 103 30.92 -1.80 -19.12
C GLY D 103 31.37 -2.94 -18.24
N ALA D 104 32.45 -3.61 -18.66
CA ALA D 104 32.99 -4.76 -17.96
C ALA D 104 34.19 -4.55 -17.03
N LYS D 105 34.28 -3.40 -16.38
CA LYS D 105 35.42 -3.17 -15.48
C LYS D 105 35.33 -4.07 -14.25
N ALA D 106 34.10 -4.28 -13.77
CA ALA D 106 33.86 -5.11 -12.59
C ALA D 106 32.40 -5.56 -12.60
N LEU D 107 32.09 -6.59 -11.82
CA LEU D 107 30.72 -7.08 -11.76
C LEU D 107 30.12 -7.03 -10.35
N GLY D 108 30.57 -6.07 -9.55
CA GLY D 108 29.99 -5.90 -8.24
C GLY D 108 28.65 -5.23 -8.56
N VAL D 109 27.65 -5.41 -7.71
CA VAL D 109 26.35 -4.81 -8.00
C VAL D 109 26.44 -3.29 -8.13
N ASN D 110 27.33 -2.66 -7.36
CA ASN D 110 27.51 -1.22 -7.43
C ASN D 110 28.10 -0.90 -8.80
N PRO D 111 27.41 -0.05 -9.58
CA PRO D 111 27.86 0.33 -10.92
C PRO D 111 28.90 1.46 -11.01
N LEU D 112 29.03 2.24 -9.94
CA LEU D 112 29.97 3.37 -9.93
C LEU D 112 31.40 3.05 -10.38
N PRO D 113 31.99 1.96 -9.88
CA PRO D 113 33.36 1.64 -10.30
C PRO D 113 33.46 1.37 -11.80
N ASN D 114 32.32 1.23 -12.47
CA ASN D 114 32.30 0.97 -13.90
C ASN D 114 32.28 2.20 -14.79
N ASN D 115 32.09 3.38 -14.20
CA ASN D 115 32.06 4.62 -14.98
C ASN D 115 33.40 4.88 -15.66
N PRO D 116 33.41 5.58 -16.79
CA PRO D 116 32.23 6.12 -17.47
C PRO D 116 31.54 5.05 -18.31
N ALA D 117 30.29 5.30 -18.67
CA ALA D 117 29.52 4.35 -19.45
C ALA D 117 29.99 4.30 -20.90
N GLU D 118 29.71 3.18 -21.55
CA GLU D 118 30.05 3.03 -22.96
C GLU D 118 28.80 3.49 -23.69
N VAL D 119 28.96 4.05 -24.89
CA VAL D 119 27.81 4.57 -25.61
C VAL D 119 27.77 4.18 -27.08
N MET D 120 26.57 4.02 -27.62
CA MET D 120 26.39 3.67 -29.02
C MET D 120 25.06 4.23 -29.53
N VAL D 121 24.99 4.44 -30.84
CA VAL D 121 23.78 4.92 -31.48
C VAL D 121 23.55 4.07 -32.72
N ALA D 122 22.42 3.39 -32.76
CA ALA D 122 22.07 2.55 -33.90
C ALA D 122 20.72 2.97 -34.42
N ALA D 123 20.45 2.68 -35.69
CA ALA D 123 19.17 3.03 -36.29
C ALA D 123 18.82 2.02 -37.37
N TRP D 124 17.53 1.85 -37.64
CA TRP D 124 17.09 0.92 -38.67
C TRP D 124 15.82 1.44 -39.32
N GLU D 125 15.56 1.01 -40.55
CA GLU D 125 14.37 1.46 -41.26
C GLU D 125 13.14 1.10 -40.46
N TRP D 126 12.18 2.01 -40.41
CA TRP D 126 10.94 1.79 -39.65
C TRP D 126 9.84 2.67 -40.19
N GLY D 127 8.63 2.13 -40.25
CA GLY D 127 7.50 2.89 -40.77
C GLY D 127 7.67 3.22 -42.24
N ALA D 128 8.12 2.24 -43.01
CA ALA D 128 8.34 2.40 -44.45
C ALA D 128 7.03 2.75 -45.16
N TYR D 129 5.90 2.53 -44.49
CA TYR D 129 4.60 2.83 -45.05
C TYR D 129 3.71 3.52 -44.03
N LEU D 130 2.90 4.47 -44.51
CA LEU D 130 2.00 5.23 -43.67
C LEU D 130 0.63 5.35 -44.35
N VAL D 135 -5.76 1.03 -38.33
CA VAL D 135 -5.87 2.04 -37.23
C VAL D 135 -7.33 2.36 -36.91
N ARG D 136 -8.17 2.43 -37.93
CA ARG D 136 -9.58 2.75 -37.73
C ARG D 136 -10.31 1.72 -36.86
N LYS D 137 -9.86 0.47 -36.91
CA LYS D 137 -10.49 -0.58 -36.12
C LYS D 137 -10.14 -0.38 -34.63
N GLY D 138 -8.96 0.17 -34.38
CA GLY D 138 -8.54 0.44 -33.02
C GLY D 138 -7.79 -0.71 -32.36
N ALA D 139 -6.86 -0.37 -31.47
CA ALA D 139 -6.08 -1.39 -30.76
C ALA D 139 -6.90 -1.97 -29.62
N ARG D 140 -6.57 -3.21 -29.25
CA ARG D 140 -7.26 -3.88 -28.15
C ARG D 140 -6.28 -4.04 -27.01
N LEU D 141 -6.65 -3.55 -25.85
CA LEU D 141 -5.78 -3.63 -24.68
C LEU D 141 -6.35 -4.56 -23.63
N ILE D 142 -5.47 -5.04 -22.76
CA ILE D 142 -5.91 -5.88 -21.66
C ILE D 142 -5.09 -5.41 -20.46
N THR D 143 -5.77 -5.21 -19.34
CA THR D 143 -5.12 -4.75 -18.12
C THR D 143 -4.21 -5.85 -17.58
N SER D 144 -2.95 -5.51 -17.36
CA SER D 144 -1.97 -6.47 -16.89
C SER D 144 -2.08 -6.88 -15.43
N SER D 145 -1.55 -8.06 -15.12
CA SER D 145 -1.53 -8.58 -13.77
C SER D 145 -0.21 -8.11 -13.11
N TRP D 146 0.59 -7.40 -13.89
CA TRP D 146 1.86 -6.86 -13.41
C TRP D 146 1.66 -5.36 -13.18
N ALA D 147 1.98 -4.90 -11.99
CA ALA D 147 1.82 -3.49 -11.67
C ALA D 147 3.05 -2.69 -12.03
N ARG D 148 2.83 -1.46 -12.50
CA ARG D 148 3.91 -0.57 -12.85
C ARG D 148 4.65 -0.28 -11.54
N PHE D 149 5.97 -0.25 -11.58
CA PHE D 149 6.77 -0.02 -10.38
C PHE D 149 6.55 1.26 -9.58
N PRO D 150 6.44 1.15 -8.24
CA PRO D 150 6.26 2.35 -7.42
C PRO D 150 7.47 3.25 -7.68
N ALA D 151 7.34 4.56 -7.44
CA ALA D 151 8.42 5.50 -7.68
C ALA D 151 9.64 5.35 -6.76
N ASN D 152 9.57 4.45 -5.79
CA ASN D 152 10.71 4.25 -4.90
C ASN D 152 11.21 2.81 -5.05
N VAL D 153 10.86 2.18 -6.17
CA VAL D 153 11.30 0.81 -6.47
C VAL D 153 12.17 0.82 -7.73
N MET D 154 11.65 1.44 -8.79
CA MET D 154 12.38 1.60 -10.05
C MET D 154 12.11 3.03 -10.50
N PRO D 155 13.11 3.70 -11.12
CA PRO D 155 12.93 5.08 -11.58
C PRO D 155 12.12 5.18 -12.88
N GLY D 156 10.80 5.24 -12.73
CA GLY D 156 9.90 5.32 -13.89
C GLY D 156 10.00 6.54 -14.78
N LYS D 157 10.70 7.59 -14.35
CA LYS D 157 10.84 8.78 -15.18
C LYS D 157 12.04 8.63 -16.13
N ALA D 158 12.82 7.58 -15.94
CA ALA D 158 13.99 7.32 -16.77
C ALA D 158 13.81 6.07 -17.60
N LYS D 159 14.53 5.98 -18.71
CA LYS D 159 14.46 4.79 -19.54
C LYS D 159 15.67 3.92 -19.19
N VAL D 160 15.59 3.31 -18.00
CA VAL D 160 16.64 2.43 -17.51
C VAL D 160 16.34 1.01 -18.00
N GLY D 161 17.34 0.35 -18.57
CA GLY D 161 17.16 -0.99 -19.08
C GLY D 161 16.37 -1.93 -18.19
N GLY D 162 16.77 -2.01 -16.92
CA GLY D 162 16.09 -2.90 -15.98
C GLY D 162 14.60 -2.66 -15.83
N ASN D 163 14.18 -1.42 -16.02
CA ASN D 163 12.76 -1.05 -15.91
C ASN D 163 11.92 -1.90 -16.86
N TYR D 164 12.45 -2.17 -18.04
CA TYR D 164 11.70 -2.90 -19.04
C TYR D 164 11.42 -4.38 -18.85
N VAL D 165 11.88 -4.93 -17.73
CA VAL D 165 11.57 -6.32 -17.41
C VAL D 165 10.08 -6.30 -17.08
N ASN D 166 9.66 -5.25 -16.38
CA ASN D 166 8.27 -5.04 -15.99
C ASN D 166 7.43 -4.84 -17.25
N SER D 167 7.94 -4.05 -18.19
CA SER D 167 7.24 -3.82 -19.45
C SER D 167 7.16 -5.11 -20.28
N ALA D 168 8.25 -5.86 -20.31
CA ALA D 168 8.32 -7.11 -21.06
C ALA D 168 7.34 -8.15 -20.54
N LEU D 169 7.27 -8.27 -19.21
CA LEU D 169 6.37 -9.23 -18.60
C LEU D 169 4.91 -8.89 -18.94
N ALA D 170 4.58 -7.60 -18.90
CA ALA D 170 3.23 -7.15 -19.21
C ALA D 170 2.88 -7.36 -20.68
N LYS D 171 3.80 -7.01 -21.57
CA LYS D 171 3.57 -7.18 -23.01
C LYS D 171 3.36 -8.65 -23.39
N MET D 172 4.21 -9.54 -22.89
CA MET D 172 4.06 -10.96 -23.20
C MET D 172 2.69 -11.45 -22.76
N GLU D 173 2.28 -11.04 -21.57
CA GLU D 173 0.99 -11.42 -21.02
C GLU D 173 -0.15 -10.93 -21.91
N ALA D 174 -0.06 -9.68 -22.35
CA ALA D 174 -1.10 -9.10 -23.20
C ALA D 174 -1.24 -9.85 -24.51
N VAL D 175 -0.11 -10.06 -25.20
CA VAL D 175 -0.11 -10.77 -26.47
C VAL D 175 -0.63 -12.19 -26.32
N ALA D 176 -0.20 -12.87 -25.26
CA ALA D 176 -0.64 -14.23 -25.00
C ALA D 176 -2.15 -14.28 -24.79
N ALA D 177 -2.69 -13.21 -24.21
CA ALA D 177 -4.12 -13.14 -23.95
C ALA D 177 -4.91 -12.76 -25.20
N GLY D 178 -4.20 -12.51 -26.30
CA GLY D 178 -4.86 -12.16 -27.54
C GLY D 178 -5.04 -10.68 -27.79
N ALA D 179 -4.38 -9.83 -27.00
CA ALA D 179 -4.49 -8.39 -27.16
C ALA D 179 -3.28 -7.78 -27.89
N ASP D 180 -3.41 -6.53 -28.28
CA ASP D 180 -2.35 -5.81 -28.97
C ASP D 180 -1.32 -5.20 -28.01
N GLU D 181 -1.78 -4.83 -26.82
CA GLU D 181 -0.89 -4.18 -25.87
C GLU D 181 -1.43 -4.32 -24.44
N ALA D 182 -0.56 -4.12 -23.46
CA ALA D 182 -0.96 -4.23 -22.07
C ALA D 182 -1.15 -2.85 -21.46
N LEU D 183 -2.12 -2.75 -20.56
CA LEU D 183 -2.39 -1.52 -19.84
C LEU D 183 -2.02 -1.87 -18.40
N LEU D 184 -1.01 -1.21 -17.86
CA LEU D 184 -0.61 -1.50 -16.49
C LEU D 184 -1.23 -0.53 -15.48
N LEU D 185 -1.54 -1.04 -14.30
CA LEU D 185 -2.09 -0.23 -13.22
C LEU D 185 -0.93 -0.04 -12.25
N ASP D 186 -0.98 1.00 -11.41
CA ASP D 186 0.08 1.17 -10.42
C ASP D 186 -0.29 0.24 -9.26
N GLU D 187 0.55 0.18 -8.23
CA GLU D 187 0.30 -0.71 -7.11
C GLU D 187 -0.99 -0.35 -6.34
N GLU D 188 -1.43 0.91 -6.45
CA GLU D 188 -2.63 1.35 -5.77
C GLU D 188 -3.92 0.97 -6.51
N GLY D 189 -3.78 0.55 -7.76
CA GLY D 189 -4.96 0.17 -8.52
C GLY D 189 -5.37 1.13 -9.62
N TYR D 190 -4.69 2.26 -9.73
CA TYR D 190 -5.03 3.24 -10.78
C TYR D 190 -4.28 2.95 -12.06
N VAL D 191 -4.82 3.42 -13.19
CA VAL D 191 -4.20 3.23 -14.47
C VAL D 191 -2.87 3.99 -14.49
N ALA D 192 -1.82 3.35 -15.01
CA ALA D 192 -0.51 3.98 -15.10
C ALA D 192 -0.18 4.29 -16.56
N GLU D 193 0.25 3.27 -17.30
CA GLU D 193 0.60 3.45 -18.72
C GLU D 193 0.65 2.10 -19.44
N GLY D 194 0.88 2.14 -20.75
CA GLY D 194 0.99 0.90 -21.50
C GLY D 194 2.40 0.38 -21.28
N SER D 195 2.72 -0.80 -21.78
CA SER D 195 4.07 -1.34 -21.59
C SER D 195 5.09 -0.40 -22.21
N GLY D 196 4.66 0.36 -23.21
CA GLY D 196 5.56 1.30 -23.87
C GLY D 196 4.88 2.54 -24.42
N GLU D 197 3.77 2.93 -23.81
CA GLU D 197 3.01 4.11 -24.27
C GLU D 197 2.32 4.82 -23.11
N ASN D 198 1.95 6.09 -23.33
CA ASN D 198 1.22 6.85 -22.32
C ASN D 198 -0.26 6.75 -22.71
N LEU D 199 -1.16 6.99 -21.78
CA LEU D 199 -2.60 6.90 -22.04
C LEU D 199 -3.39 8.19 -21.92
N PHE D 200 -4.45 8.28 -22.73
CA PHE D 200 -5.38 9.42 -22.75
C PHE D 200 -6.79 8.86 -22.92
N PHE D 201 -7.78 9.66 -22.55
CA PHE D 201 -9.17 9.28 -22.79
C PHE D 201 -9.96 10.54 -23.05
N VAL D 202 -11.09 10.39 -23.72
CA VAL D 202 -11.94 11.53 -24.06
C VAL D 202 -13.35 11.26 -23.54
N ARG D 203 -13.96 12.27 -22.95
CA ARG D 203 -15.31 12.12 -22.42
C ARG D 203 -16.04 13.45 -22.58
N ASP D 204 -17.20 13.40 -23.23
CA ASP D 204 -18.02 14.59 -23.46
C ASP D 204 -17.22 15.76 -24.03
N GLY D 205 -16.48 15.49 -25.10
CA GLY D 205 -15.69 16.53 -25.75
C GLY D 205 -14.39 16.95 -25.11
N VAL D 206 -14.15 16.53 -23.86
CA VAL D 206 -12.92 16.91 -23.17
C VAL D 206 -11.85 15.83 -23.27
N ILE D 207 -10.60 16.26 -23.47
CA ILE D 207 -9.48 15.33 -23.56
C ILE D 207 -8.80 15.22 -22.20
N TYR D 208 -8.67 13.99 -21.72
CA TYR D 208 -8.04 13.75 -20.43
C TYR D 208 -6.72 13.03 -20.59
N ALA D 209 -5.64 13.69 -20.24
CA ALA D 209 -4.32 13.08 -20.29
C ALA D 209 -4.10 12.57 -18.86
N LEU D 210 -3.38 11.47 -18.70
CA LEU D 210 -3.15 10.97 -17.34
C LEU D 210 -1.97 11.68 -16.69
N GLU D 211 -2.02 11.81 -15.37
CA GLU D 211 -0.94 12.46 -14.64
C GLU D 211 0.30 11.61 -14.84
N HIS D 212 1.46 12.18 -14.55
CA HIS D 212 2.70 11.44 -14.72
C HIS D 212 2.84 10.25 -13.77
N SER D 213 2.27 10.37 -12.57
CA SER D 213 2.35 9.34 -11.55
C SER D 213 3.69 8.59 -11.62
N VAL D 214 3.64 7.29 -11.86
CA VAL D 214 4.86 6.46 -11.95
C VAL D 214 5.30 6.21 -13.39
N ASN D 215 4.70 6.94 -14.33
CA ASN D 215 4.97 6.78 -15.76
C ASN D 215 6.13 7.59 -16.30
N LEU D 216 6.51 7.28 -17.54
CA LEU D 216 7.56 8.02 -18.22
C LEU D 216 6.84 9.28 -18.71
N GLU D 217 7.53 10.42 -18.72
CA GLU D 217 6.91 11.65 -19.21
C GLU D 217 7.10 11.62 -20.72
N GLY D 218 6.13 11.00 -21.41
CA GLY D 218 6.22 10.88 -22.86
C GLY D 218 6.35 12.17 -23.64
N ILE D 219 7.24 12.14 -24.63
CA ILE D 219 7.44 13.29 -25.49
C ILE D 219 6.29 13.34 -26.50
N THR D 220 5.73 12.18 -26.82
CA THR D 220 4.60 12.12 -27.75
C THR D 220 3.38 12.66 -27.02
N ARG D 221 3.27 12.31 -25.74
CA ARG D 221 2.17 12.77 -24.88
C ARG D 221 2.20 14.30 -24.88
N ASP D 222 3.38 14.84 -24.64
CA ASP D 222 3.58 16.28 -24.60
C ASP D 222 3.16 16.91 -25.93
N SER D 223 3.60 16.32 -27.03
CA SER D 223 3.26 16.82 -28.36
C SER D 223 1.75 16.79 -28.61
N VAL D 224 1.12 15.68 -28.24
CA VAL D 224 -0.31 15.53 -28.43
C VAL D 224 -1.11 16.57 -27.64
N ILE D 225 -0.64 16.91 -26.45
CA ILE D 225 -1.33 17.89 -25.63
C ILE D 225 -1.26 19.25 -26.29
N ARG D 226 -0.07 19.64 -26.78
CA ARG D 226 0.07 20.93 -27.43
C ARG D 226 -0.81 20.98 -28.69
N ILE D 227 -0.81 19.89 -29.44
CA ILE D 227 -1.62 19.82 -30.64
C ILE D 227 -3.10 19.96 -30.30
N ALA D 228 -3.55 19.21 -29.29
CA ALA D 228 -4.95 19.26 -28.87
C ALA D 228 -5.37 20.68 -28.54
N LYS D 229 -4.59 21.34 -27.71
CA LYS D 229 -4.89 22.71 -27.32
C LYS D 229 -4.87 23.66 -28.53
N ASP D 230 -3.91 23.45 -29.43
CA ASP D 230 -3.82 24.28 -30.62
C ASP D 230 -5.07 24.12 -31.47
N LEU D 231 -5.66 22.93 -31.44
CA LEU D 231 -6.87 22.67 -32.20
C LEU D 231 -8.13 23.17 -31.49
N GLY D 232 -7.98 23.64 -30.26
CA GLY D 232 -9.12 24.16 -29.53
C GLY D 232 -9.80 23.22 -28.55
N TYR D 233 -9.20 22.06 -28.32
CA TYR D 233 -9.77 21.10 -27.38
C TYR D 233 -9.40 21.48 -25.96
N GLU D 234 -10.27 21.17 -25.01
CA GLU D 234 -9.98 21.43 -23.62
C GLU D 234 -9.19 20.20 -23.17
N VAL D 235 -8.08 20.40 -22.46
CA VAL D 235 -7.28 19.27 -22.00
C VAL D 235 -7.14 19.32 -20.49
N GLN D 236 -7.48 18.22 -19.83
CA GLN D 236 -7.38 18.11 -18.38
C GLN D 236 -6.39 17.00 -18.06
N VAL D 237 -5.63 17.17 -16.98
CA VAL D 237 -4.66 16.15 -16.58
C VAL D 237 -5.21 15.55 -15.29
N VAL D 238 -5.47 14.25 -15.30
CA VAL D 238 -6.04 13.60 -14.12
C VAL D 238 -5.51 12.21 -13.84
N ARG D 239 -5.94 11.68 -12.70
CA ARG D 239 -5.60 10.32 -12.31
C ARG D 239 -6.83 9.55 -12.76
N ALA D 240 -6.65 8.34 -13.25
CA ALA D 240 -7.81 7.58 -13.74
C ALA D 240 -7.84 6.12 -13.32
N THR D 241 -9.06 5.57 -13.28
CA THR D 241 -9.26 4.18 -12.93
C THR D 241 -9.63 3.44 -14.23
N ARG D 242 -9.54 2.11 -14.18
CA ARG D 242 -9.85 1.32 -15.35
C ARG D 242 -11.29 1.52 -15.82
N ASP D 243 -12.24 1.68 -14.89
CA ASP D 243 -13.62 1.87 -15.32
C ASP D 243 -13.94 3.25 -15.87
N GLN D 244 -13.07 4.22 -15.60
CA GLN D 244 -13.29 5.55 -16.16
C GLN D 244 -12.98 5.40 -17.65
N LEU D 245 -12.01 4.55 -17.97
CA LEU D 245 -11.66 4.30 -19.37
C LEU D 245 -12.77 3.49 -20.03
N TYR D 246 -13.27 2.46 -19.35
CA TYR D 246 -14.35 1.62 -19.90
C TYR D 246 -15.54 2.48 -20.33
N MET D 247 -15.77 3.56 -19.60
CA MET D 247 -16.90 4.46 -19.84
C MET D 247 -16.60 5.69 -20.70
N ALA D 248 -15.35 5.86 -21.12
CA ALA D 248 -15.00 7.01 -21.93
C ALA D 248 -15.55 6.90 -23.35
N ASP D 249 -15.66 8.03 -24.04
CA ASP D 249 -16.14 8.01 -25.43
C ASP D 249 -15.00 7.49 -26.28
N GLU D 250 -13.78 7.83 -25.88
CA GLU D 250 -12.59 7.39 -26.60
C GLU D 250 -11.40 7.19 -25.68
N VAL D 251 -10.45 6.39 -26.14
CA VAL D 251 -9.22 6.13 -25.42
C VAL D 251 -8.13 5.98 -26.48
N PHE D 252 -6.94 6.51 -26.21
CA PHE D 252 -5.85 6.36 -27.14
C PHE D 252 -4.49 6.36 -26.45
N MET D 253 -3.49 5.79 -27.10
CA MET D 253 -2.13 5.73 -26.56
C MET D 253 -1.22 6.63 -27.40
N THR D 254 -0.12 7.07 -26.79
CA THR D 254 0.86 7.88 -27.49
C THR D 254 2.24 7.33 -27.16
N GLY D 255 3.15 7.44 -28.12
CA GLY D 255 4.50 6.95 -27.92
C GLY D 255 5.29 7.18 -29.20
N THR D 256 6.60 7.17 -29.09
CA THR D 256 7.42 7.39 -30.27
C THR D 256 7.11 6.33 -31.35
N ALA D 257 7.01 5.07 -30.93
CA ALA D 257 6.70 3.98 -31.86
C ALA D 257 5.21 3.90 -32.16
N ALA D 258 4.39 4.10 -31.12
CA ALA D 258 2.94 4.02 -31.28
C ALA D 258 2.32 5.26 -31.93
N GLU D 259 3.06 6.36 -31.96
CA GLU D 259 2.54 7.61 -32.54
C GLU D 259 1.26 7.91 -31.73
N VAL D 260 0.11 7.99 -32.40
CA VAL D 260 -1.16 8.20 -31.71
C VAL D 260 -2.02 7.02 -32.15
N THR D 261 -2.24 6.09 -31.22
CA THR D 261 -3.01 4.89 -31.53
C THR D 261 -4.35 4.81 -30.82
N PRO D 262 -5.45 4.88 -31.58
CA PRO D 262 -6.79 4.79 -31.00
C PRO D 262 -6.98 3.42 -30.35
N VAL D 263 -7.64 3.39 -29.20
CA VAL D 263 -7.91 2.14 -28.49
C VAL D 263 -9.41 1.91 -28.53
N SER D 264 -9.84 0.84 -29.18
CA SER D 264 -11.26 0.56 -29.33
C SER D 264 -11.83 -0.46 -28.36
N MET D 265 -10.95 -1.13 -27.61
CA MET D 265 -11.40 -2.13 -26.65
C MET D 265 -10.40 -2.37 -25.52
N ILE D 266 -10.92 -2.51 -24.31
CA ILE D 266 -10.08 -2.77 -23.14
C ILE D 266 -10.77 -3.87 -22.36
N ASP D 267 -10.03 -4.93 -22.05
CA ASP D 267 -10.56 -6.05 -21.30
C ASP D 267 -11.88 -6.57 -21.92
N TRP D 268 -11.90 -6.65 -23.24
CA TRP D 268 -13.05 -7.15 -23.99
C TRP D 268 -14.31 -6.29 -23.89
N ARG D 269 -14.14 -5.08 -23.36
CA ARG D 269 -15.26 -4.15 -23.23
C ARG D 269 -15.02 -3.04 -24.25
N PRO D 270 -15.90 -2.91 -25.24
CA PRO D 270 -15.74 -1.87 -26.26
C PRO D 270 -15.76 -0.45 -25.71
N ILE D 271 -14.88 0.40 -26.24
CA ILE D 271 -14.79 1.79 -25.83
C ILE D 271 -15.65 2.62 -26.78
N GLY D 272 -16.66 3.28 -26.25
CA GLY D 272 -17.52 4.10 -27.08
C GLY D 272 -18.14 3.29 -28.21
N LYS D 273 -17.96 3.76 -29.44
CA LYS D 273 -18.51 3.09 -30.61
C LYS D 273 -17.85 1.77 -30.99
N GLY D 274 -16.75 1.41 -30.33
CA GLY D 274 -16.11 0.14 -30.64
C GLY D 274 -15.07 0.19 -31.75
N THR D 275 -14.81 1.39 -32.26
CA THR D 275 -13.82 1.60 -33.31
C THR D 275 -13.14 2.92 -32.98
N ALA D 276 -12.06 3.25 -33.68
CA ALA D 276 -11.36 4.50 -33.46
C ALA D 276 -12.34 5.67 -33.51
N GLY D 277 -12.16 6.63 -32.60
CA GLY D 277 -13.03 7.77 -32.54
C GLY D 277 -12.52 8.96 -33.34
N PRO D 278 -13.36 9.99 -33.53
CA PRO D 278 -12.97 11.19 -34.28
C PRO D 278 -11.85 12.02 -33.67
N VAL D 279 -11.86 12.17 -32.34
CA VAL D 279 -10.83 12.97 -31.69
C VAL D 279 -9.45 12.36 -31.87
N ALA D 280 -9.28 11.10 -31.48
CA ALA D 280 -8.01 10.44 -31.61
C ALA D 280 -7.51 10.44 -33.06
N LEU D 281 -8.41 10.17 -34.00
CA LEU D 281 -8.05 10.14 -35.41
C LEU D 281 -7.55 11.51 -35.87
N ARG D 282 -8.23 12.57 -35.43
CA ARG D 282 -7.84 13.92 -35.79
C ARG D 282 -6.47 14.26 -35.19
N LEU D 283 -6.27 13.93 -33.92
CA LEU D 283 -5.00 14.21 -33.27
C LEU D 283 -3.89 13.46 -33.99
N ARG D 284 -4.19 12.25 -34.42
CA ARG D 284 -3.22 11.42 -35.11
C ARG D 284 -2.86 12.04 -36.46
N GLU D 285 -3.85 12.49 -37.20
CA GLU D 285 -3.58 13.10 -38.51
C GLU D 285 -2.71 14.33 -38.37
N VAL D 286 -3.05 15.22 -37.45
CA VAL D 286 -2.27 16.43 -37.26
C VAL D 286 -0.86 16.08 -36.80
N TYR D 287 -0.75 15.10 -35.91
CA TYR D 287 0.57 14.68 -35.42
C TYR D 287 1.42 14.17 -36.59
N LEU D 288 0.82 13.35 -37.45
CA LEU D 288 1.54 12.81 -38.60
C LEU D 288 1.94 13.90 -39.59
N GLU D 289 1.10 14.93 -39.71
CA GLU D 289 1.42 16.04 -40.60
C GLU D 289 2.58 16.81 -40.01
N ALA D 290 2.59 16.93 -38.68
CA ALA D 290 3.66 17.65 -38.01
C ALA D 290 5.01 16.97 -38.18
N VAL D 291 5.08 15.68 -37.86
CA VAL D 291 6.33 14.93 -37.96
C VAL D 291 6.85 14.79 -39.39
N THR D 292 5.97 14.90 -40.37
CA THR D 292 6.40 14.78 -41.77
C THR D 292 6.69 16.16 -42.38
N GLY D 293 6.78 17.17 -41.52
CA GLY D 293 7.08 18.52 -41.97
C GLY D 293 6.04 19.22 -42.82
N ARG D 294 4.77 18.93 -42.60
CA ARG D 294 3.71 19.56 -43.36
C ARG D 294 2.99 20.64 -42.57
N ARG D 295 3.44 20.89 -41.34
CA ARG D 295 2.82 21.91 -40.48
C ARG D 295 3.89 22.94 -40.08
N PRO D 296 3.84 24.12 -40.70
CA PRO D 296 4.81 25.19 -40.41
C PRO D 296 4.88 25.54 -38.93
N GLU D 297 3.73 25.50 -38.26
CA GLU D 297 3.68 25.85 -36.84
C GLU D 297 4.43 24.87 -35.93
N TYR D 298 4.81 23.71 -36.45
CA TYR D 298 5.53 22.72 -35.66
C TYR D 298 6.94 22.42 -36.18
N GLU D 299 7.42 23.25 -37.12
CA GLU D 299 8.75 23.05 -37.68
C GLU D 299 9.84 23.05 -36.62
N GLY D 300 9.61 23.79 -35.53
CA GLY D 300 10.59 23.86 -34.47
C GLY D 300 10.92 22.51 -33.85
N TRP D 301 9.99 21.55 -34.00
CA TRP D 301 10.19 20.21 -33.45
C TRP D 301 11.06 19.33 -34.32
N LEU D 302 11.28 19.76 -35.55
CA LEU D 302 12.06 18.97 -36.50
C LEU D 302 13.51 19.38 -36.70
N THR D 303 14.35 18.37 -36.92
CA THR D 303 15.76 18.56 -37.18
C THR D 303 16.03 17.85 -38.50
N TYR D 304 16.11 18.62 -39.58
CA TYR D 304 16.36 18.04 -40.89
C TYR D 304 17.83 17.63 -41.01
N VAL D 305 18.07 16.36 -41.32
CA VAL D 305 19.44 15.87 -41.43
C VAL D 305 20.21 16.41 -42.63
N ASN D 306 19.49 16.79 -43.68
CA ASN D 306 20.13 17.32 -44.88
C ASN D 306 19.82 18.79 -45.11
N GLN E 2 -43.12 -2.12 4.57
CA GLN E 2 -43.13 -2.45 3.11
C GLN E 2 -42.95 -1.18 2.29
N ILE E 3 -42.43 -1.35 1.07
CA ILE E 3 -42.21 -0.22 0.18
C ILE E 3 -43.43 0.00 -0.69
N LYS E 4 -43.98 1.22 -0.66
CA LYS E 4 -45.15 1.55 -1.46
C LYS E 4 -44.71 1.96 -2.86
N ALA E 5 -44.39 0.96 -3.67
CA ALA E 5 -43.93 1.20 -5.03
C ALA E 5 -45.07 1.29 -6.04
N GLY E 6 -46.04 0.38 -5.91
CA GLY E 6 -47.17 0.38 -6.82
C GLY E 6 -46.84 -0.37 -8.10
N LEU E 7 -47.18 0.21 -9.24
CA LEU E 7 -46.91 -0.42 -10.52
C LEU E 7 -45.41 -0.38 -10.81
N ILE E 8 -44.83 -1.54 -11.13
CA ILE E 8 -43.42 -1.65 -11.44
C ILE E 8 -43.22 -2.15 -12.87
N TRP E 9 -42.32 -1.50 -13.59
CA TRP E 9 -42.00 -1.88 -14.96
C TRP E 9 -41.09 -3.10 -14.90
N MET E 10 -41.57 -4.22 -15.44
CA MET E 10 -40.80 -5.46 -15.44
C MET E 10 -40.49 -5.91 -16.87
N ASN E 11 -39.23 -5.81 -17.26
CA ASN E 11 -38.80 -6.24 -18.59
C ASN E 11 -39.77 -5.92 -19.74
N GLY E 12 -40.25 -4.69 -19.82
CA GLY E 12 -41.13 -4.33 -20.91
C GLY E 12 -42.57 -3.95 -20.59
N ALA E 13 -43.06 -4.28 -19.41
CA ALA E 13 -44.44 -3.94 -19.06
C ALA E 13 -44.64 -3.78 -17.55
N PHE E 14 -45.58 -2.92 -17.18
CA PHE E 14 -45.87 -2.69 -15.77
C PHE E 14 -46.72 -3.80 -15.18
N VAL E 15 -46.47 -4.09 -13.91
CA VAL E 15 -47.21 -5.12 -13.20
C VAL E 15 -47.37 -4.70 -11.75
N PRO E 16 -48.44 -5.17 -11.08
CA PRO E 16 -48.63 -4.79 -9.68
C PRO E 16 -47.37 -5.17 -8.90
N GLN E 17 -47.08 -4.43 -7.84
CA GLN E 17 -45.89 -4.69 -7.04
C GLN E 17 -45.77 -6.15 -6.63
N GLU E 18 -46.90 -6.73 -6.21
CA GLU E 18 -46.93 -8.13 -5.75
C GLU E 18 -46.38 -9.11 -6.79
N GLU E 19 -46.51 -8.77 -8.07
CA GLU E 19 -46.03 -9.62 -9.14
C GLU E 19 -44.60 -9.32 -9.58
N ALA E 20 -44.00 -8.29 -8.99
CA ALA E 20 -42.63 -7.92 -9.35
C ALA E 20 -41.65 -8.77 -8.53
N LYS E 21 -41.45 -10.01 -8.96
CA LYS E 21 -40.56 -10.93 -8.27
C LYS E 21 -39.63 -11.65 -9.23
N THR E 22 -38.58 -12.25 -8.68
CA THR E 22 -37.60 -12.97 -9.50
C THR E 22 -37.13 -14.21 -8.74
N SER E 23 -36.65 -15.20 -9.48
CA SER E 23 -36.18 -16.45 -8.86
C SER E 23 -35.12 -16.22 -7.80
N VAL E 24 -35.20 -16.98 -6.72
CA VAL E 24 -34.23 -16.88 -5.65
C VAL E 24 -32.91 -17.52 -6.10
N LEU E 25 -32.91 -18.04 -7.33
CA LEU E 25 -31.72 -18.65 -7.91
C LEU E 25 -31.05 -17.66 -8.85
N SER E 26 -31.54 -16.41 -8.84
CA SER E 26 -30.96 -15.37 -9.69
C SER E 26 -29.51 -15.12 -9.27
N HIS E 27 -28.65 -15.05 -10.27
CA HIS E 27 -27.22 -14.84 -10.07
C HIS E 27 -26.94 -13.62 -9.18
N ALA E 28 -27.66 -12.52 -9.41
CA ALA E 28 -27.48 -11.29 -8.64
C ALA E 28 -27.81 -11.41 -7.14
N LEU E 29 -28.68 -12.35 -6.80
CA LEU E 29 -29.06 -12.52 -5.40
C LEU E 29 -27.95 -13.29 -4.67
N HIS E 30 -27.13 -14.01 -5.43
CA HIS E 30 -26.04 -14.79 -4.86
C HIS E 30 -24.66 -14.15 -4.95
N TYR E 31 -24.42 -13.42 -6.03
CA TYR E 31 -23.12 -12.83 -6.28
C TYR E 31 -23.01 -11.30 -6.48
N GLY E 32 -24.06 -10.56 -6.11
CA GLY E 32 -24.04 -9.11 -6.22
C GLY E 32 -23.93 -8.55 -7.63
N THR E 33 -24.21 -9.39 -8.62
CA THR E 33 -24.13 -8.99 -10.01
C THR E 33 -25.34 -8.23 -10.57
N SER E 34 -25.54 -7.01 -10.08
CA SER E 34 -26.61 -6.16 -10.55
C SER E 34 -26.10 -4.74 -10.63
N VAL E 35 -26.84 -3.89 -11.33
CA VAL E 35 -26.48 -2.48 -11.44
C VAL E 35 -27.77 -1.70 -11.24
N PHE E 36 -27.67 -0.49 -10.71
CA PHE E 36 -28.87 0.30 -10.49
C PHE E 36 -28.60 1.79 -10.57
N GLU E 37 -29.67 2.57 -10.49
CA GLU E 37 -29.56 4.01 -10.51
C GLU E 37 -30.47 4.59 -9.45
N GLY E 38 -30.24 5.87 -9.16
CA GLY E 38 -31.05 6.58 -8.18
C GLY E 38 -31.40 7.87 -8.90
N ILE E 39 -32.68 8.05 -9.21
CA ILE E 39 -33.14 9.23 -9.93
C ILE E 39 -34.30 9.89 -9.21
N ARG E 40 -34.29 11.22 -9.19
CA ARG E 40 -35.37 11.93 -8.53
C ARG E 40 -36.24 12.80 -9.42
N ALA E 41 -37.50 12.89 -9.03
CA ALA E 41 -38.47 13.73 -9.72
C ALA E 41 -38.93 14.72 -8.67
N TYR E 42 -39.01 15.99 -9.04
CA TYR E 42 -39.46 17.02 -8.12
C TYR E 42 -40.71 17.66 -8.69
N GLU E 43 -41.57 18.18 -7.82
CA GLU E 43 -42.79 18.83 -8.26
C GLU E 43 -42.44 20.26 -8.67
N THR E 44 -42.91 20.67 -9.84
CA THR E 44 -42.66 22.03 -10.33
C THR E 44 -44.00 22.68 -10.62
N ALA E 45 -43.96 23.93 -11.08
CA ALA E 45 -45.19 24.64 -11.41
C ALA E 45 -45.82 23.98 -12.63
N LYS E 46 -45.01 23.24 -13.39
CA LYS E 46 -45.46 22.55 -14.59
C LYS E 46 -45.51 21.04 -14.39
N GLY E 47 -45.83 20.61 -13.18
CA GLY E 47 -45.91 19.19 -12.90
C GLY E 47 -44.56 18.58 -12.58
N PRO E 48 -44.51 17.25 -12.33
CA PRO E 48 -43.29 16.51 -12.00
C PRO E 48 -42.18 16.65 -13.03
N ALA E 49 -40.95 16.80 -12.54
CA ALA E 49 -39.80 16.93 -13.42
C ALA E 49 -38.66 16.06 -12.92
N ILE E 50 -38.18 15.17 -13.78
CA ILE E 50 -37.10 14.26 -13.44
C ILE E 50 -35.78 15.00 -13.64
N PHE E 51 -34.88 14.87 -12.67
CA PHE E 51 -33.61 15.57 -12.74
C PHE E 51 -32.49 14.81 -13.45
N ARG E 52 -31.97 15.42 -14.52
CA ARG E 52 -30.90 14.85 -15.32
C ARG E 52 -31.09 13.37 -15.61
N LEU E 53 -32.23 13.06 -16.23
CA LEU E 53 -32.58 11.69 -16.58
C LEU E 53 -31.55 11.08 -17.53
N LYS E 54 -31.20 11.82 -18.57
CA LYS E 54 -30.23 11.36 -19.57
C LYS E 54 -28.89 10.91 -18.95
N GLU E 55 -28.32 11.72 -18.06
CA GLU E 55 -27.05 11.37 -17.45
C GLU E 55 -27.17 10.11 -16.61
N HIS E 56 -28.28 9.99 -15.89
CA HIS E 56 -28.50 8.82 -15.06
C HIS E 56 -28.67 7.56 -15.90
N VAL E 57 -29.37 7.67 -17.04
CA VAL E 57 -29.57 6.52 -17.91
C VAL E 57 -28.23 6.15 -18.52
N LYS E 58 -27.46 7.16 -18.92
CA LYS E 58 -26.15 6.91 -19.51
C LYS E 58 -25.28 6.15 -18.51
N ARG E 59 -25.31 6.56 -17.25
CA ARG E 59 -24.50 5.89 -16.23
C ARG E 59 -24.99 4.47 -15.97
N PHE E 60 -26.30 4.26 -16.11
CA PHE E 60 -26.90 2.95 -15.92
C PHE E 60 -26.28 1.96 -16.90
N TYR E 61 -26.24 2.33 -18.18
CA TYR E 61 -25.67 1.45 -19.19
C TYR E 61 -24.15 1.35 -19.03
N ASN E 62 -23.53 2.41 -18.54
CA ASN E 62 -22.08 2.42 -18.33
C ASN E 62 -21.75 1.40 -17.24
N SER E 63 -22.55 1.38 -16.17
CA SER E 63 -22.33 0.43 -15.07
C SER E 63 -22.44 -1.01 -15.57
N ALA E 64 -23.41 -1.27 -16.43
CA ALA E 64 -23.61 -2.62 -16.97
C ALA E 64 -22.40 -3.03 -17.80
N LYS E 65 -21.84 -2.08 -18.55
CA LYS E 65 -20.67 -2.36 -19.38
C LYS E 65 -19.52 -2.89 -18.53
N VAL E 66 -19.38 -2.35 -17.32
CA VAL E 66 -18.32 -2.77 -16.43
C VAL E 66 -18.42 -4.26 -16.07
N LEU E 67 -19.64 -4.77 -15.95
CA LEU E 67 -19.86 -6.18 -15.65
C LEU E 67 -20.05 -7.00 -16.92
N ARG E 68 -19.88 -6.35 -18.07
CA ARG E 68 -20.08 -7.03 -19.36
C ARG E 68 -21.51 -7.55 -19.38
N MET E 69 -22.39 -6.80 -18.71
CA MET E 69 -23.80 -7.13 -18.63
C MET E 69 -24.52 -6.51 -19.82
N GLU E 70 -25.43 -7.27 -20.43
CA GLU E 70 -26.18 -6.79 -21.59
C GLU E 70 -27.59 -6.36 -21.19
N ILE E 71 -27.94 -5.11 -21.47
CA ILE E 71 -29.26 -4.59 -21.16
C ILE E 71 -30.07 -4.74 -22.45
N PRO E 72 -31.03 -5.68 -22.48
CA PRO E 72 -31.87 -5.94 -23.65
C PRO E 72 -32.93 -4.89 -23.98
N PHE E 73 -32.60 -3.62 -23.76
CA PHE E 73 -33.51 -2.50 -24.05
C PHE E 73 -32.70 -1.29 -24.49
N ALA E 74 -33.27 -0.50 -25.39
CA ALA E 74 -32.59 0.70 -25.86
C ALA E 74 -32.76 1.77 -24.78
N PRO E 75 -31.78 2.67 -24.64
CA PRO E 75 -31.87 3.72 -23.63
C PRO E 75 -33.20 4.47 -23.71
N GLU E 76 -33.63 4.77 -24.92
CA GLU E 76 -34.89 5.48 -25.15
C GLU E 76 -36.08 4.73 -24.54
N GLU E 77 -36.02 3.40 -24.56
CA GLU E 77 -37.09 2.58 -23.99
C GLU E 77 -37.12 2.71 -22.48
N LEU E 78 -35.93 2.68 -21.87
CA LEU E 78 -35.83 2.78 -20.42
C LEU E 78 -36.28 4.16 -19.97
N GLU E 79 -35.89 5.19 -20.73
CA GLU E 79 -36.26 6.55 -20.40
C GLU E 79 -37.77 6.72 -20.39
N GLU E 80 -38.47 6.06 -21.32
CA GLU E 80 -39.92 6.15 -21.37
C GLU E 80 -40.50 5.42 -20.17
N ALA E 81 -39.93 4.26 -19.86
CA ALA E 81 -40.40 3.47 -18.72
C ALA E 81 -40.25 4.28 -17.43
N ILE E 82 -39.16 5.02 -17.32
CA ILE E 82 -38.91 5.84 -16.14
C ILE E 82 -39.95 6.95 -16.04
N LYS E 83 -40.30 7.56 -17.17
CA LYS E 83 -41.31 8.62 -17.17
C LYS E 83 -42.68 8.02 -16.82
N GLU E 84 -42.94 6.81 -17.33
CA GLU E 84 -44.22 6.14 -17.08
C GLU E 84 -44.39 5.63 -15.65
N VAL E 85 -43.31 5.24 -14.98
CA VAL E 85 -43.44 4.75 -13.61
C VAL E 85 -43.88 5.91 -12.72
N VAL E 86 -43.58 7.13 -13.14
CA VAL E 86 -43.96 8.32 -12.39
C VAL E 86 -45.42 8.68 -12.64
N ARG E 87 -45.82 8.81 -13.90
CA ARG E 87 -47.20 9.16 -14.18
C ARG E 87 -48.23 8.07 -13.92
N ARG E 88 -47.90 6.82 -14.23
CA ARG E 88 -48.85 5.73 -13.99
C ARG E 88 -49.14 5.52 -12.50
N ASN E 89 -48.20 5.93 -11.65
CA ASN E 89 -48.37 5.78 -10.20
C ASN E 89 -48.90 7.07 -9.57
N GLY E 90 -48.99 8.12 -10.39
CA GLY E 90 -49.49 9.40 -9.90
C GLY E 90 -48.54 10.13 -8.96
N TYR E 91 -47.24 9.88 -9.12
CA TYR E 91 -46.23 10.51 -8.28
C TYR E 91 -45.92 11.94 -8.70
N ARG E 92 -45.53 12.75 -7.72
CA ARG E 92 -45.16 14.14 -7.94
C ARG E 92 -43.68 14.20 -7.57
N SER E 93 -43.39 14.07 -6.29
CA SER E 93 -42.02 14.05 -5.80
C SER E 93 -41.73 12.61 -5.45
N CYS E 94 -40.75 12.00 -6.12
CA CYS E 94 -40.44 10.60 -5.86
C CYS E 94 -39.00 10.24 -6.19
N TYR E 95 -38.61 9.04 -5.75
CA TYR E 95 -37.28 8.50 -6.01
C TYR E 95 -37.51 7.34 -6.98
N ILE E 96 -36.74 7.29 -8.05
CA ILE E 96 -36.87 6.24 -9.05
C ILE E 96 -35.65 5.32 -9.00
N ARG E 97 -35.92 4.02 -8.92
CA ARG E 97 -34.86 3.02 -8.83
C ARG E 97 -34.85 2.02 -9.98
N PRO E 98 -34.07 2.30 -11.04
CA PRO E 98 -34.02 1.36 -12.16
C PRO E 98 -33.04 0.27 -11.71
N LEU E 99 -33.27 -0.97 -12.12
CA LEU E 99 -32.40 -2.07 -11.74
C LEU E 99 -32.26 -3.11 -12.84
N ALA E 100 -31.02 -3.54 -13.08
CA ALA E 100 -30.74 -4.57 -14.08
C ALA E 100 -29.94 -5.62 -13.31
N TRP E 101 -30.35 -6.88 -13.41
CA TRP E 101 -29.65 -7.93 -12.68
C TRP E 101 -29.53 -9.24 -13.45
N MET E 102 -28.50 -10.02 -13.12
CA MET E 102 -28.28 -11.30 -13.77
C MET E 102 -29.27 -12.29 -13.18
N GLY E 103 -29.96 -13.02 -14.06
CA GLY E 103 -30.98 -13.96 -13.64
C GLY E 103 -30.57 -15.37 -13.23
N ALA E 104 -31.54 -16.28 -13.25
CA ALA E 104 -31.33 -17.66 -12.84
C ALA E 104 -31.04 -18.70 -13.91
N LYS E 105 -30.32 -18.33 -14.97
CA LYS E 105 -30.01 -19.31 -16.01
C LYS E 105 -28.98 -20.32 -15.50
N ALA E 106 -28.08 -19.85 -14.64
CA ALA E 106 -27.04 -20.69 -14.07
C ALA E 106 -26.45 -20.01 -12.84
N LEU E 107 -25.69 -20.77 -12.05
CA LEU E 107 -25.09 -20.19 -10.86
C LEU E 107 -23.57 -20.32 -10.77
N GLY E 108 -22.93 -20.35 -11.94
CA GLY E 108 -21.47 -20.40 -11.96
C GLY E 108 -21.13 -18.95 -11.64
N VAL E 109 -19.99 -18.68 -11.00
CA VAL E 109 -19.66 -17.30 -10.66
C VAL E 109 -19.55 -16.39 -11.88
N ASN E 110 -19.17 -16.96 -13.02
CA ASN E 110 -19.07 -16.19 -14.27
C ASN E 110 -20.51 -15.82 -14.65
N PRO E 111 -20.81 -14.52 -14.81
CA PRO E 111 -22.17 -14.12 -15.16
C PRO E 111 -22.49 -14.08 -16.66
N LEU E 112 -21.48 -14.17 -17.51
CA LEU E 112 -21.70 -14.13 -18.96
C LEU E 112 -22.76 -15.10 -19.46
N PRO E 113 -22.79 -16.33 -18.92
CA PRO E 113 -23.80 -17.29 -19.38
C PRO E 113 -25.24 -16.86 -19.05
N ASN E 114 -25.38 -15.91 -18.14
CA ASN E 114 -26.71 -15.45 -17.73
C ASN E 114 -27.30 -14.30 -18.54
N ASN E 115 -26.51 -13.70 -19.43
CA ASN E 115 -27.02 -12.60 -20.25
C ASN E 115 -28.15 -13.08 -21.16
N PRO E 116 -29.06 -12.17 -21.54
CA PRO E 116 -29.06 -10.76 -21.16
C PRO E 116 -29.66 -10.56 -19.77
N ALA E 117 -29.37 -9.41 -19.17
CA ALA E 117 -29.88 -9.12 -17.83
C ALA E 117 -31.38 -8.84 -17.86
N GLU E 118 -32.02 -9.03 -16.72
CA GLU E 118 -33.43 -8.73 -16.57
C GLU E 118 -33.45 -7.30 -16.04
N VAL E 119 -34.48 -6.54 -16.37
CA VAL E 119 -34.55 -5.15 -15.94
C VAL E 119 -35.91 -4.74 -15.39
N MET E 120 -35.88 -3.86 -14.39
CA MET E 120 -37.11 -3.35 -13.80
C MET E 120 -36.91 -1.90 -13.38
N VAL E 121 -38.02 -1.16 -13.28
CA VAL E 121 -37.96 0.22 -12.86
C VAL E 121 -39.07 0.45 -11.85
N ALA E 122 -38.68 0.78 -10.63
CA ALA E 122 -39.65 1.04 -9.56
C ALA E 122 -39.47 2.45 -9.03
N ALA E 123 -40.51 2.98 -8.40
CA ALA E 123 -40.46 4.32 -7.83
C ALA E 123 -41.42 4.42 -6.66
N TRP E 124 -41.11 5.32 -5.72
CA TRP E 124 -41.94 5.53 -4.55
C TRP E 124 -41.84 6.97 -4.05
N GLU E 125 -42.89 7.42 -3.38
CA GLU E 125 -42.97 8.78 -2.85
C GLU E 125 -41.75 9.08 -1.98
N TRP E 126 -41.11 10.23 -2.24
CA TRP E 126 -39.93 10.62 -1.50
C TRP E 126 -40.23 11.00 -0.04
N ALA E 134 -31.12 17.45 10.47
CA ALA E 134 -29.96 17.07 9.60
C ALA E 134 -29.57 18.24 8.71
N VAL E 135 -30.44 18.59 7.77
CA VAL E 135 -30.16 19.71 6.88
C VAL E 135 -30.24 21.00 7.71
N ARG E 136 -31.03 20.95 8.78
CA ARG E 136 -31.22 22.09 9.67
C ARG E 136 -30.00 22.36 10.55
N LYS E 137 -29.57 21.35 11.29
CA LYS E 137 -28.42 21.50 12.19
C LYS E 137 -27.11 21.00 11.56
N GLY E 138 -27.23 20.34 10.42
CA GLY E 138 -26.05 19.80 9.77
C GLY E 138 -25.89 18.35 10.17
N ALA E 139 -25.44 17.52 9.24
CA ALA E 139 -25.24 16.10 9.51
C ALA E 139 -23.96 15.87 10.30
N ARG E 140 -23.94 14.78 11.06
CA ARG E 140 -22.78 14.41 11.86
C ARG E 140 -22.22 13.14 11.23
N LEU E 141 -20.93 13.17 10.88
CA LEU E 141 -20.32 12.00 10.28
C LEU E 141 -19.22 11.42 11.15
N ILE E 142 -18.91 10.16 10.90
CA ILE E 142 -17.82 9.49 11.59
C ILE E 142 -17.02 8.77 10.51
N THR E 143 -15.70 8.80 10.63
CA THR E 143 -14.85 8.14 9.64
C THR E 143 -14.95 6.64 9.89
N SER E 144 -15.25 5.90 8.83
CA SER E 144 -15.41 4.45 8.93
C SER E 144 -14.10 3.67 9.09
N SER E 145 -14.21 2.46 9.62
CA SER E 145 -13.06 1.58 9.78
C SER E 145 -13.02 0.66 8.55
N TRP E 146 -13.94 0.90 7.62
CA TRP E 146 -13.99 0.15 6.37
C TRP E 146 -13.49 1.11 5.30
N ALA E 147 -12.45 0.71 4.59
CA ALA E 147 -11.86 1.56 3.55
C ALA E 147 -12.61 1.37 2.24
N ARG E 148 -12.73 2.45 1.48
CA ARG E 148 -13.40 2.38 0.19
C ARG E 148 -12.54 1.48 -0.69
N PHE E 149 -13.18 0.64 -1.49
CA PHE E 149 -12.44 -0.28 -2.35
C PHE E 149 -11.50 0.32 -3.40
N PRO E 150 -10.29 -0.24 -3.51
CA PRO E 150 -9.32 0.25 -4.50
C PRO E 150 -9.95 0.07 -5.89
N ALA E 151 -9.50 0.85 -6.87
CA ALA E 151 -10.05 0.77 -8.22
C ALA E 151 -9.78 -0.53 -8.97
N ASN E 152 -8.97 -1.42 -8.38
CA ASN E 152 -8.69 -2.70 -9.01
C ASN E 152 -9.24 -3.85 -8.17
N VAL E 153 -10.21 -3.53 -7.30
CA VAL E 153 -10.85 -4.52 -6.43
C VAL E 153 -12.35 -4.55 -6.77
N MET E 154 -12.97 -3.37 -6.75
CA MET E 154 -14.40 -3.22 -7.10
C MET E 154 -14.50 -1.97 -7.99
N PRO E 155 -15.37 -2.00 -9.01
CA PRO E 155 -15.51 -0.85 -9.93
C PRO E 155 -16.29 0.32 -9.31
N GLY E 156 -15.57 1.20 -8.62
CA GLY E 156 -16.20 2.33 -7.95
C GLY E 156 -16.89 3.38 -8.79
N LYS E 157 -16.67 3.35 -10.11
CA LYS E 157 -17.30 4.33 -10.99
C LYS E 157 -18.67 3.83 -11.42
N ALA E 158 -18.98 2.59 -11.07
CA ALA E 158 -20.26 1.98 -11.44
C ALA E 158 -21.09 1.71 -10.19
N LYS E 159 -22.41 1.66 -10.37
CA LYS E 159 -23.30 1.37 -9.26
C LYS E 159 -23.64 -0.11 -9.35
N VAL E 160 -22.65 -0.92 -9.01
CA VAL E 160 -22.77 -2.37 -9.02
C VAL E 160 -23.25 -2.82 -7.65
N GLY E 161 -24.28 -3.66 -7.62
CA GLY E 161 -24.81 -4.15 -6.37
C GLY E 161 -23.77 -4.55 -5.33
N GLY E 162 -22.89 -5.46 -5.71
CA GLY E 162 -21.86 -5.92 -4.80
C GLY E 162 -21.06 -4.82 -4.11
N ASN E 163 -20.85 -3.71 -4.80
CA ASN E 163 -20.10 -2.59 -4.23
C ASN E 163 -20.70 -2.08 -2.93
N TYR E 164 -22.03 -2.11 -2.86
CA TYR E 164 -22.71 -1.58 -1.70
C TYR E 164 -22.66 -2.38 -0.41
N VAL E 165 -21.92 -3.48 -0.42
CA VAL E 165 -21.73 -4.27 0.80
C VAL E 165 -20.76 -3.40 1.61
N ASN E 166 -19.83 -2.78 0.90
CA ASN E 166 -18.84 -1.90 1.51
C ASN E 166 -19.56 -0.68 2.09
N SER E 167 -20.50 -0.12 1.34
CA SER E 167 -21.27 1.03 1.80
C SER E 167 -22.15 0.66 3.00
N ALA E 168 -22.80 -0.49 2.91
CA ALA E 168 -23.68 -0.98 3.96
C ALA E 168 -22.91 -1.15 5.27
N LEU E 169 -21.75 -1.80 5.21
CA LEU E 169 -20.94 -2.01 6.40
C LEU E 169 -20.57 -0.67 7.04
N ALA E 170 -20.19 0.31 6.22
CA ALA E 170 -19.82 1.63 6.73
C ALA E 170 -21.00 2.36 7.34
N LYS E 171 -22.14 2.34 6.67
CA LYS E 171 -23.34 3.02 7.16
C LYS E 171 -23.81 2.44 8.49
N MET E 172 -23.81 1.12 8.61
CA MET E 172 -24.23 0.48 9.86
C MET E 172 -23.31 0.91 11.00
N GLU E 173 -22.02 0.95 10.72
CA GLU E 173 -21.02 1.34 11.72
C GLU E 173 -21.26 2.77 12.19
N ALA E 174 -21.45 3.69 11.25
CA ALA E 174 -21.70 5.09 11.58
C ALA E 174 -22.96 5.24 12.42
N VAL E 175 -24.04 4.59 12.00
CA VAL E 175 -25.29 4.67 12.74
C VAL E 175 -25.15 4.07 14.14
N ALA E 176 -24.47 2.93 14.24
CA ALA E 176 -24.27 2.29 15.54
C ALA E 176 -23.44 3.18 16.47
N ALA E 177 -22.59 4.02 15.89
CA ALA E 177 -21.75 4.92 16.67
C ALA E 177 -22.47 6.20 17.06
N GLY E 178 -23.69 6.37 16.54
CA GLY E 178 -24.47 7.56 16.86
C GLY E 178 -24.40 8.68 15.85
N ALA E 179 -23.85 8.41 14.67
CA ALA E 179 -23.74 9.45 13.64
C ALA E 179 -24.83 9.29 12.59
N ASP E 180 -24.93 10.25 11.69
CA ASP E 180 -25.92 10.23 10.63
C ASP E 180 -25.42 9.49 9.40
N GLU E 181 -24.13 9.64 9.13
CA GLU E 181 -23.55 9.02 7.95
C GLU E 181 -22.09 8.68 8.17
N ALA E 182 -21.56 7.85 7.28
CA ALA E 182 -20.18 7.43 7.36
C ALA E 182 -19.33 8.12 6.30
N LEU E 183 -18.09 8.40 6.66
CA LEU E 183 -17.12 8.99 5.76
C LEU E 183 -16.07 7.90 5.60
N LEU E 184 -15.91 7.41 4.37
CA LEU E 184 -14.92 6.35 4.14
C LEU E 184 -13.63 6.91 3.57
N LEU E 185 -12.51 6.33 3.99
CA LEU E 185 -11.20 6.71 3.48
C LEU E 185 -10.83 5.62 2.48
N ASP E 186 -9.90 5.93 1.57
CA ASP E 186 -9.44 4.91 0.63
C ASP E 186 -8.36 4.14 1.38
N GLU E 187 -7.84 3.07 0.78
CA GLU E 187 -6.83 2.26 1.43
C GLU E 187 -5.56 3.02 1.79
N GLU E 188 -5.30 4.13 1.08
CA GLU E 188 -4.11 4.93 1.34
C GLU E 188 -4.26 5.89 2.52
N GLY E 189 -5.49 6.06 2.99
CA GLY E 189 -5.74 6.94 4.12
C GLY E 189 -6.37 8.28 3.79
N TYR E 190 -6.60 8.55 2.50
CA TYR E 190 -7.23 9.82 2.12
C TYR E 190 -8.74 9.70 2.14
N VAL E 191 -9.41 10.83 2.23
CA VAL E 191 -10.87 10.83 2.22
C VAL E 191 -11.34 10.37 0.84
N ALA E 192 -12.36 9.53 0.81
CA ALA E 192 -12.90 9.04 -0.45
C ALA E 192 -14.29 9.64 -0.65
N GLU E 193 -15.30 9.06 -0.03
CA GLU E 193 -16.66 9.54 -0.16
C GLU E 193 -17.53 9.00 0.98
N GLY E 194 -18.80 9.41 1.01
CA GLY E 194 -19.71 8.91 2.04
C GLY E 194 -20.17 7.54 1.58
N SER E 195 -20.99 6.85 2.37
CA SER E 195 -21.45 5.53 1.96
C SER E 195 -22.33 5.65 0.72
N GLY E 196 -22.92 6.82 0.53
CA GLY E 196 -23.78 7.02 -0.62
C GLY E 196 -23.78 8.44 -1.14
N GLU E 197 -22.69 9.16 -0.92
CA GLU E 197 -22.60 10.54 -1.40
C GLU E 197 -21.16 11.04 -1.56
N ASN E 198 -21.00 12.15 -2.28
CA ASN E 198 -19.68 12.74 -2.50
C ASN E 198 -19.43 13.85 -1.48
N LEU E 199 -18.17 14.17 -1.25
CA LEU E 199 -17.78 15.18 -0.27
C LEU E 199 -17.14 16.43 -0.85
N PHE E 200 -17.35 17.54 -0.16
CA PHE E 200 -16.79 18.84 -0.51
C PHE E 200 -16.44 19.51 0.81
N PHE E 201 -15.54 20.48 0.77
CA PHE E 201 -15.23 21.24 1.97
C PHE E 201 -14.98 22.67 1.51
N VAL E 202 -15.07 23.62 2.43
CA VAL E 202 -14.89 25.03 2.10
C VAL E 202 -13.85 25.63 3.04
N ARG E 203 -12.92 26.38 2.49
CA ARG E 203 -11.87 27.00 3.28
C ARG E 203 -11.61 28.40 2.76
N ASP E 204 -11.74 29.39 3.64
CA ASP E 204 -11.53 30.79 3.28
C ASP E 204 -12.32 31.19 2.03
N GLY E 205 -13.59 30.81 1.95
CA GLY E 205 -14.40 31.17 0.81
C GLY E 205 -14.23 30.35 -0.46
N VAL E 206 -13.21 29.50 -0.48
CA VAL E 206 -12.94 28.66 -1.65
C VAL E 206 -13.60 27.29 -1.49
N ILE E 207 -14.30 26.84 -2.52
CA ILE E 207 -14.97 25.55 -2.48
C ILE E 207 -14.06 24.46 -3.05
N TYR E 208 -13.87 23.39 -2.27
CA TYR E 208 -13.03 22.29 -2.71
C TYR E 208 -13.81 21.00 -2.92
N ALA E 209 -13.88 20.56 -4.18
CA ALA E 209 -14.56 19.31 -4.48
C ALA E 209 -13.45 18.26 -4.45
N LEU E 210 -13.77 17.04 -4.01
CA LEU E 210 -12.75 16.00 -3.98
C LEU E 210 -12.60 15.37 -5.35
N GLU E 211 -11.38 14.93 -5.68
CA GLU E 211 -11.13 14.28 -6.97
C GLU E 211 -11.97 13.00 -6.99
N HIS E 212 -12.16 12.43 -8.17
CA HIS E 212 -12.95 11.21 -8.30
C HIS E 212 -12.32 9.99 -7.61
N SER E 213 -11.01 9.95 -7.59
CA SER E 213 -10.24 8.83 -7.02
C SER E 213 -10.99 7.50 -7.20
N VAL E 214 -11.37 6.85 -6.10
CA VAL E 214 -12.08 5.57 -6.17
C VAL E 214 -13.58 5.73 -5.97
N ASN E 215 -14.06 6.97 -6.02
CA ASN E 215 -15.47 7.26 -5.81
C ASN E 215 -16.32 7.24 -7.06
N LEU E 216 -17.62 7.37 -6.85
CA LEU E 216 -18.57 7.42 -7.96
C LEU E 216 -18.52 8.87 -8.44
N GLU E 217 -18.61 9.08 -9.76
CA GLU E 217 -18.63 10.44 -10.31
C GLU E 217 -20.06 10.93 -10.16
N GLY E 218 -20.36 11.51 -9.00
CA GLY E 218 -21.70 11.99 -8.72
C GLY E 218 -22.27 13.05 -9.64
N ILE E 219 -23.54 12.86 -10.00
CA ILE E 219 -24.23 13.80 -10.87
C ILE E 219 -24.62 15.03 -10.05
N THR E 220 -24.84 14.85 -8.75
CA THR E 220 -25.19 15.96 -7.87
C THR E 220 -23.91 16.79 -7.69
N ARG E 221 -22.78 16.11 -7.51
CA ARG E 221 -21.49 16.76 -7.37
C ARG E 221 -21.27 17.64 -8.60
N ASP E 222 -21.49 17.06 -9.77
CA ASP E 222 -21.33 17.78 -11.04
C ASP E 222 -22.23 19.02 -11.06
N SER E 223 -23.48 18.85 -10.67
CA SER E 223 -24.45 19.94 -10.65
C SER E 223 -24.03 21.03 -9.66
N VAL E 224 -23.57 20.61 -8.48
CA VAL E 224 -23.13 21.54 -7.44
C VAL E 224 -21.96 22.41 -7.90
N ILE E 225 -21.00 21.80 -8.58
CA ILE E 225 -19.84 22.54 -9.07
C ILE E 225 -20.27 23.59 -10.09
N ARG E 226 -21.14 23.23 -11.02
CA ARG E 226 -21.59 24.19 -12.02
C ARG E 226 -22.32 25.36 -11.35
N ILE E 227 -23.21 25.02 -10.42
CA ILE E 227 -23.97 26.04 -9.69
C ILE E 227 -23.02 26.95 -8.92
N ALA E 228 -22.09 26.35 -8.17
CA ALA E 228 -21.13 27.14 -7.39
C ALA E 228 -20.38 28.12 -8.29
N LYS E 229 -19.92 27.64 -9.44
CA LYS E 229 -19.21 28.49 -10.38
C LYS E 229 -20.11 29.60 -10.92
N ASP E 230 -21.34 29.25 -11.27
CA ASP E 230 -22.28 30.25 -11.79
C ASP E 230 -22.53 31.33 -10.75
N LEU E 231 -22.46 30.97 -9.48
CA LEU E 231 -22.69 31.92 -8.39
C LEU E 231 -21.46 32.79 -8.07
N GLY E 232 -20.35 32.53 -8.75
CA GLY E 232 -19.16 33.32 -8.53
C GLY E 232 -18.14 32.73 -7.57
N TYR E 233 -18.38 31.52 -7.09
CA TYR E 233 -17.44 30.86 -6.17
C TYR E 233 -16.27 30.26 -6.93
N GLU E 234 -15.10 30.30 -6.29
CA GLU E 234 -13.91 29.69 -6.89
C GLU E 234 -14.02 28.22 -6.48
N VAL E 235 -13.85 27.31 -7.42
CA VAL E 235 -13.93 25.90 -7.11
C VAL E 235 -12.66 25.18 -7.51
N GLN E 236 -12.08 24.43 -6.58
CA GLN E 236 -10.88 23.68 -6.86
C GLN E 236 -11.19 22.21 -6.61
N VAL E 237 -10.53 21.32 -7.33
CA VAL E 237 -10.75 19.90 -7.16
C VAL E 237 -9.45 19.35 -6.57
N VAL E 238 -9.53 18.69 -5.43
CA VAL E 238 -8.32 18.18 -4.79
C VAL E 238 -8.48 16.85 -4.08
N ARG E 239 -7.34 16.35 -3.59
CA ARG E 239 -7.28 15.13 -2.81
C ARG E 239 -7.28 15.70 -1.40
N ALA E 240 -8.01 15.09 -0.47
CA ALA E 240 -8.07 15.62 0.89
C ALA E 240 -7.89 14.57 1.96
N THR E 241 -7.41 15.00 3.12
CA THR E 241 -7.21 14.13 4.26
C THR E 241 -8.28 14.47 5.29
N ARG E 242 -8.46 13.59 6.27
CA ARG E 242 -9.47 13.82 7.29
C ARG E 242 -9.23 15.13 8.03
N ASP E 243 -7.97 15.43 8.37
CA ASP E 243 -7.71 16.66 9.10
C ASP E 243 -7.88 17.95 8.28
N GLN E 244 -7.87 17.83 6.96
CA GLN E 244 -8.12 19.01 6.14
C GLN E 244 -9.60 19.34 6.34
N LEU E 245 -10.43 18.30 6.45
CA LEU E 245 -11.86 18.51 6.67
C LEU E 245 -12.08 19.06 8.09
N TYR E 246 -11.40 18.49 9.08
CA TYR E 246 -11.53 18.95 10.47
C TYR E 246 -11.25 20.44 10.59
N MET E 247 -10.28 20.90 9.82
CA MET E 247 -9.86 22.30 9.85
C MET E 247 -10.57 23.22 8.87
N ALA E 248 -11.50 22.66 8.08
CA ALA E 248 -12.25 23.45 7.11
C ALA E 248 -13.28 24.35 7.77
N ASP E 249 -13.77 25.34 7.03
CA ASP E 249 -14.78 26.25 7.54
C ASP E 249 -16.13 25.56 7.41
N GLU E 250 -16.28 24.77 6.35
CA GLU E 250 -17.52 24.04 6.11
C GLU E 250 -17.22 22.73 5.39
N VAL E 251 -18.14 21.78 5.53
CA VAL E 251 -18.05 20.49 4.86
C VAL E 251 -19.48 20.14 4.48
N PHE E 252 -19.68 19.56 3.30
CA PHE E 252 -21.01 19.14 2.90
C PHE E 252 -20.96 17.94 1.95
N MET E 253 -22.06 17.20 1.90
CA MET E 253 -22.16 16.02 1.04
C MET E 253 -23.14 16.32 -0.08
N THR E 254 -23.02 15.59 -1.19
CA THR E 254 -23.94 15.74 -2.30
C THR E 254 -24.34 14.33 -2.74
N GLY E 255 -25.57 14.19 -3.22
CA GLY E 255 -26.06 12.91 -3.68
C GLY E 255 -27.49 13.06 -4.13
N THR E 256 -27.98 12.14 -4.96
CA THR E 256 -29.35 12.24 -5.43
C THR E 256 -30.33 12.28 -4.26
N ALA E 257 -30.14 11.38 -3.30
CA ALA E 257 -31.02 11.35 -2.14
C ALA E 257 -30.68 12.45 -1.14
N ALA E 258 -29.39 12.64 -0.89
CA ALA E 258 -28.92 13.64 0.05
C ALA E 258 -28.99 15.09 -0.45
N GLU E 259 -29.15 15.25 -1.77
CA GLU E 259 -29.21 16.58 -2.37
C GLU E 259 -27.91 17.25 -1.93
N VAL E 260 -28.00 18.40 -1.26
CA VAL E 260 -26.81 19.07 -0.74
C VAL E 260 -27.05 19.10 0.77
N THR E 261 -26.25 18.35 1.51
CA THR E 261 -26.39 18.26 2.96
C THR E 261 -25.18 18.79 3.72
N PRO E 262 -25.37 19.86 4.49
CA PRO E 262 -24.26 20.44 5.26
C PRO E 262 -23.80 19.45 6.33
N VAL E 263 -22.50 19.46 6.63
CA VAL E 263 -21.93 18.58 7.66
C VAL E 263 -21.39 19.47 8.77
N SER E 264 -21.98 19.37 9.95
CA SER E 264 -21.58 20.21 11.07
C SER E 264 -20.54 19.58 11.99
N MET E 265 -20.31 18.29 11.86
CA MET E 265 -19.37 17.60 12.73
C MET E 265 -18.82 16.30 12.12
N ILE E 266 -17.56 16.01 12.38
CA ILE E 266 -16.92 14.79 11.89
C ILE E 266 -16.06 14.24 13.02
N ASP E 267 -16.31 12.99 13.40
CA ASP E 267 -15.56 12.35 14.47
C ASP E 267 -15.59 13.21 15.74
N TRP E 268 -16.77 13.72 16.06
CA TRP E 268 -17.01 14.53 17.25
C TRP E 268 -16.23 15.83 17.30
N ARG E 269 -15.74 16.26 16.15
CA ARG E 269 -15.00 17.51 16.06
C ARG E 269 -15.88 18.46 15.25
N PRO E 270 -16.29 19.59 15.86
CA PRO E 270 -17.13 20.53 15.14
C PRO E 270 -16.45 21.12 13.91
N ILE E 271 -17.21 21.25 12.83
CA ILE E 271 -16.66 21.83 11.60
C ILE E 271 -16.98 23.32 11.65
N GLY E 272 -15.93 24.14 11.68
CA GLY E 272 -16.14 25.58 11.74
C GLY E 272 -16.94 25.96 12.97
N LYS E 273 -18.03 26.69 12.76
CA LYS E 273 -18.91 27.12 13.84
C LYS E 273 -19.69 25.96 14.45
N GLY E 274 -19.59 24.78 13.86
CA GLY E 274 -20.29 23.63 14.41
C GLY E 274 -21.74 23.48 13.99
N THR E 275 -22.17 24.25 13.00
CA THR E 275 -23.54 24.17 12.49
C THR E 275 -23.47 24.31 10.98
N ALA E 276 -24.60 24.14 10.31
CA ALA E 276 -24.62 24.28 8.86
C ALA E 276 -24.07 25.67 8.50
N GLY E 277 -23.15 25.71 7.54
CA GLY E 277 -22.56 26.98 7.14
C GLY E 277 -23.32 27.64 6.01
N PRO E 278 -23.04 28.92 5.72
CA PRO E 278 -23.72 29.68 4.66
C PRO E 278 -23.50 29.18 3.23
N VAL E 279 -22.28 28.76 2.92
CA VAL E 279 -22.00 28.29 1.56
C VAL E 279 -22.81 27.04 1.25
N ALA E 280 -22.79 26.07 2.16
CA ALA E 280 -23.52 24.83 1.96
C ALA E 280 -25.02 25.10 1.88
N LEU E 281 -25.53 25.93 2.79
CA LEU E 281 -26.95 26.25 2.81
C LEU E 281 -27.37 26.97 1.53
N ARG E 282 -26.49 27.82 1.01
CA ARG E 282 -26.80 28.56 -0.20
C ARG E 282 -26.81 27.64 -1.42
N LEU E 283 -25.81 26.76 -1.50
CA LEU E 283 -25.74 25.82 -2.61
C LEU E 283 -26.97 24.90 -2.57
N ARG E 284 -27.36 24.48 -1.37
CA ARG E 284 -28.53 23.62 -1.25
C ARG E 284 -29.77 24.33 -1.79
N GLU E 285 -30.01 25.55 -1.34
CA GLU E 285 -31.18 26.30 -1.77
C GLU E 285 -31.21 26.55 -3.28
N VAL E 286 -30.08 26.95 -3.86
CA VAL E 286 -30.04 27.20 -5.30
C VAL E 286 -30.30 25.88 -6.04
N TYR E 287 -29.76 24.79 -5.52
CA TYR E 287 -29.96 23.48 -6.14
C TYR E 287 -31.44 23.12 -6.14
N LEU E 288 -32.12 23.41 -5.04
CA LEU E 288 -33.55 23.11 -4.96
C LEU E 288 -34.34 23.95 -5.94
N GLU E 289 -33.90 25.19 -6.13
CA GLU E 289 -34.56 26.10 -7.06
C GLU E 289 -34.36 25.60 -8.48
N ALA E 290 -33.19 25.01 -8.73
CA ALA E 290 -32.87 24.48 -10.04
C ALA E 290 -33.73 23.26 -10.38
N VAL E 291 -33.79 22.29 -9.45
CA VAL E 291 -34.56 21.08 -9.67
C VAL E 291 -36.07 21.29 -9.72
N THR E 292 -36.56 22.37 -9.10
CA THR E 292 -37.99 22.65 -9.11
C THR E 292 -38.39 23.58 -10.27
N GLY E 293 -37.46 23.81 -11.18
CA GLY E 293 -37.72 24.64 -12.35
C GLY E 293 -37.84 26.14 -12.16
N ARG E 294 -37.17 26.69 -11.14
CA ARG E 294 -37.24 28.12 -10.88
C ARG E 294 -36.09 28.90 -11.52
N ARG E 295 -35.07 28.19 -11.99
CA ARG E 295 -33.90 28.83 -12.59
C ARG E 295 -33.81 28.46 -14.09
N PRO E 296 -34.20 29.39 -14.97
CA PRO E 296 -34.16 29.14 -16.41
C PRO E 296 -32.82 28.60 -16.91
N GLU E 297 -31.74 29.08 -16.32
CA GLU E 297 -30.39 28.66 -16.71
C GLU E 297 -30.16 27.15 -16.58
N TYR E 298 -30.96 26.47 -15.76
CA TYR E 298 -30.78 25.03 -15.58
C TYR E 298 -31.94 24.19 -16.11
N GLU E 299 -32.79 24.80 -16.95
CA GLU E 299 -33.94 24.09 -17.50
C GLU E 299 -33.55 22.83 -18.29
N GLY E 300 -32.39 22.87 -18.91
CA GLY E 300 -31.93 21.73 -19.69
C GLY E 300 -31.73 20.45 -18.88
N TRP E 301 -31.62 20.60 -17.56
CA TRP E 301 -31.42 19.44 -16.68
C TRP E 301 -32.74 18.74 -16.35
N LEU E 302 -33.86 19.38 -16.65
CA LEU E 302 -35.16 18.82 -16.31
C LEU E 302 -35.93 18.17 -17.45
N THR E 303 -36.65 17.10 -17.11
CA THR E 303 -37.48 16.38 -18.06
C THR E 303 -38.88 16.36 -17.46
N TYR E 304 -39.75 17.25 -17.92
CA TYR E 304 -41.11 17.31 -17.42
C TYR E 304 -41.89 16.08 -17.87
N VAL E 305 -42.47 15.37 -16.90
CA VAL E 305 -43.24 14.17 -17.17
C VAL E 305 -44.54 14.44 -17.92
N ASN E 306 -45.13 15.61 -17.67
CA ASN E 306 -46.39 15.98 -18.32
C ASN E 306 -46.14 16.81 -19.59
N GLN F 2 22.14 25.52 26.48
CA GLN F 2 20.81 26.04 26.94
C GLN F 2 20.22 27.03 25.95
N ILE F 3 18.90 27.19 25.98
CA ILE F 3 18.21 28.12 25.10
C ILE F 3 18.05 29.45 25.84
N LYS F 4 18.34 30.55 25.15
CA LYS F 4 18.21 31.87 25.76
C LYS F 4 16.85 32.47 25.41
N ALA F 5 15.81 32.00 26.07
CA ALA F 5 14.45 32.47 25.81
C ALA F 5 14.08 33.72 26.61
N GLY F 6 14.52 33.78 27.86
CA GLY F 6 14.22 34.92 28.70
C GLY F 6 12.86 34.79 29.36
N LEU F 7 12.04 35.83 29.25
CA LEU F 7 10.71 35.80 29.84
C LEU F 7 9.79 34.95 28.98
N ILE F 8 9.12 33.98 29.60
CA ILE F 8 8.21 33.09 28.91
C ILE F 8 6.79 33.27 29.42
N TRP F 9 5.85 33.30 28.49
CA TRP F 9 4.43 33.46 28.82
C TRP F 9 3.91 32.08 29.25
N MET F 10 3.41 31.98 30.48
CA MET F 10 2.89 30.73 31.01
C MET F 10 1.43 30.89 31.43
N ASN F 11 0.51 30.39 30.61
CA ASN F 11 -0.91 30.47 30.92
C ASN F 11 -1.39 31.84 31.41
N GLY F 12 -1.17 32.86 30.60
CA GLY F 12 -1.63 34.20 30.97
C GLY F 12 -0.66 35.13 31.66
N ALA F 13 0.54 34.65 32.01
CA ALA F 13 1.51 35.51 32.69
C ALA F 13 2.96 35.17 32.37
N PHE F 14 3.79 36.19 32.22
CA PHE F 14 5.21 35.99 31.94
C PHE F 14 5.97 35.63 33.20
N VAL F 15 6.91 34.69 33.06
CA VAL F 15 7.73 34.27 34.18
C VAL F 15 9.14 34.02 33.69
N PRO F 16 10.13 34.12 34.59
CA PRO F 16 11.51 33.88 34.18
C PRO F 16 11.61 32.48 33.59
N GLN F 17 12.54 32.29 32.65
CA GLN F 17 12.71 30.98 32.01
C GLN F 17 12.83 29.85 33.04
N GLU F 18 13.46 30.13 34.16
CA GLU F 18 13.63 29.12 35.21
C GLU F 18 12.32 28.68 35.83
N GLU F 19 11.32 29.55 35.83
CA GLU F 19 10.02 29.21 36.39
C GLU F 19 9.09 28.54 35.38
N ALA F 20 9.50 28.53 34.12
CA ALA F 20 8.69 27.92 33.06
C ALA F 20 8.90 26.42 33.01
N LYS F 21 8.28 25.70 33.95
CA LYS F 21 8.41 24.25 34.00
C LYS F 21 7.05 23.58 34.19
N THR F 22 6.98 22.30 33.90
CA THR F 22 5.74 21.56 34.05
C THR F 22 6.06 20.19 34.64
N SER F 23 5.05 19.54 35.22
CA SER F 23 5.24 18.23 35.84
C SER F 23 5.74 17.18 34.85
N VAL F 24 6.59 16.28 35.35
CA VAL F 24 7.12 15.20 34.51
C VAL F 24 6.03 14.14 34.32
N LEU F 25 4.87 14.39 34.92
CA LEU F 25 3.74 13.48 34.79
C LEU F 25 2.75 14.04 33.77
N SER F 26 3.16 15.08 33.05
CA SER F 26 2.31 15.69 32.03
C SER F 26 2.08 14.71 30.89
N HIS F 27 0.82 14.54 30.52
CA HIS F 27 0.41 13.64 29.45
C HIS F 27 1.29 13.78 28.18
N ALA F 28 1.54 15.01 27.76
CA ALA F 28 2.32 15.27 26.55
C ALA F 28 3.77 14.80 26.62
N LEU F 29 4.32 14.72 27.82
CA LEU F 29 5.71 14.29 27.97
C LEU F 29 5.81 12.79 27.76
N HIS F 30 4.70 12.09 27.97
CA HIS F 30 4.63 10.63 27.83
C HIS F 30 4.01 10.16 26.50
N TYR F 31 3.05 10.93 25.98
CA TYR F 31 2.34 10.49 24.78
C TYR F 31 2.31 11.41 23.56
N GLY F 32 3.22 12.39 23.51
CA GLY F 32 3.30 13.29 22.37
C GLY F 32 2.09 14.16 22.09
N THR F 33 1.24 14.29 23.09
CA THR F 33 0.00 15.06 22.99
C THR F 33 0.11 16.57 23.19
N SER F 34 0.81 17.23 22.28
CA SER F 34 0.98 18.68 22.34
C SER F 34 0.88 19.19 20.93
N VAL F 35 0.69 20.50 20.78
CA VAL F 35 0.65 21.13 19.47
C VAL F 35 1.49 22.39 19.63
N PHE F 36 2.15 22.81 18.55
CA PHE F 36 2.98 24.01 18.62
C PHE F 36 2.98 24.75 17.31
N GLU F 37 3.60 25.92 17.31
CA GLU F 37 3.71 26.73 16.11
C GLU F 37 5.13 27.26 16.01
N GLY F 38 5.46 27.75 14.82
CA GLY F 38 6.77 28.31 14.55
C GLY F 38 6.49 29.62 13.86
N ILE F 39 6.84 30.73 14.50
CA ILE F 39 6.58 32.05 13.94
C ILE F 39 7.82 32.92 14.01
N ARG F 40 8.04 33.70 12.96
CA ARG F 40 9.21 34.57 12.92
C ARG F 40 8.89 36.06 12.92
N ALA F 41 9.80 36.79 13.54
CA ALA F 41 9.72 38.24 13.60
C ALA F 41 11.00 38.70 12.92
N TYR F 42 10.88 39.69 12.05
CA TYR F 42 12.03 40.23 11.34
C TYR F 42 12.16 41.72 11.65
N GLU F 43 13.36 42.26 11.53
CA GLU F 43 13.55 43.69 11.78
C GLU F 43 13.19 44.44 10.52
N THR F 44 12.59 45.62 10.69
CA THR F 44 12.21 46.46 9.57
C THR F 44 12.52 47.90 9.98
N ALA F 45 12.33 48.83 9.05
CA ALA F 45 12.59 50.24 9.35
C ALA F 45 11.56 50.76 10.33
N LYS F 46 10.46 50.02 10.49
CA LYS F 46 9.39 50.40 11.41
C LYS F 46 9.38 49.54 12.67
N GLY F 47 10.49 48.85 12.94
CA GLY F 47 10.56 48.01 14.11
C GLY F 47 10.33 46.55 13.78
N PRO F 48 10.41 45.65 14.77
CA PRO F 48 10.19 44.22 14.51
C PRO F 48 8.80 43.95 13.94
N ALA F 49 8.72 43.01 13.01
CA ALA F 49 7.46 42.64 12.39
C ALA F 49 7.30 41.13 12.39
N ILE F 50 6.19 40.66 12.94
CA ILE F 50 5.91 39.23 12.98
C ILE F 50 5.26 38.85 11.66
N PHE F 51 5.73 37.78 11.05
CA PHE F 51 5.20 37.36 9.77
C PHE F 51 3.98 36.44 9.81
N ARG F 52 2.89 36.91 9.20
CA ARG F 52 1.62 36.19 9.13
C ARG F 52 1.20 35.55 10.45
N LEU F 53 1.19 36.38 11.50
CA LEU F 53 0.81 35.99 12.85
C LEU F 53 -0.58 35.36 12.86
N LYS F 54 -1.52 35.99 12.16
CA LYS F 54 -2.89 35.51 12.07
C LYS F 54 -3.01 34.07 11.58
N GLU F 55 -2.33 33.76 10.48
CA GLU F 55 -2.38 32.41 9.92
C GLU F 55 -1.77 31.38 10.85
N HIS F 56 -0.67 31.76 11.51
CA HIS F 56 0.00 30.84 12.43
C HIS F 56 -0.87 30.52 13.65
N VAL F 57 -1.51 31.54 14.21
CA VAL F 57 -2.36 31.33 15.38
C VAL F 57 -3.57 30.47 14.98
N LYS F 58 -4.12 30.77 13.82
CA LYS F 58 -5.25 30.01 13.30
C LYS F 58 -4.88 28.53 13.15
N ARG F 59 -3.66 28.26 12.68
CA ARG F 59 -3.23 26.88 12.52
C ARG F 59 -2.97 26.25 13.89
N PHE F 60 -2.56 27.07 14.85
CA PHE F 60 -2.29 26.59 16.21
C PHE F 60 -3.59 26.00 16.76
N TYR F 61 -4.68 26.75 16.64
CA TYR F 61 -5.97 26.30 17.13
C TYR F 61 -6.50 25.11 16.32
N ASN F 62 -6.24 25.12 15.02
CA ASN F 62 -6.66 24.02 14.16
C ASN F 62 -5.95 22.73 14.57
N SER F 63 -4.65 22.82 14.88
CA SER F 63 -3.91 21.62 15.30
C SER F 63 -4.55 21.04 16.57
N ALA F 64 -4.96 21.91 17.48
CA ALA F 64 -5.60 21.48 18.73
C ALA F 64 -6.89 20.73 18.43
N LYS F 65 -7.66 21.24 17.47
CA LYS F 65 -8.92 20.61 17.07
C LYS F 65 -8.72 19.13 16.75
N VAL F 66 -7.65 18.83 16.03
CA VAL F 66 -7.36 17.45 15.64
C VAL F 66 -7.24 16.51 16.84
N LEU F 67 -6.63 17.00 17.92
CA LEU F 67 -6.45 16.21 19.14
C LEU F 67 -7.65 16.37 20.06
N ARG F 68 -8.61 17.19 19.66
CA ARG F 68 -9.78 17.49 20.48
C ARG F 68 -9.28 18.16 21.76
N MET F 69 -8.19 18.91 21.59
CA MET F 69 -7.55 19.64 22.67
C MET F 69 -8.21 21.00 22.84
N GLU F 70 -8.49 21.37 24.08
CA GLU F 70 -9.12 22.65 24.36
C GLU F 70 -8.08 23.66 24.84
N ILE F 71 -7.94 24.76 24.10
CA ILE F 71 -7.00 25.82 24.46
C ILE F 71 -7.84 26.87 25.19
N PRO F 72 -7.63 27.00 26.51
CA PRO F 72 -8.35 27.94 27.39
C PRO F 72 -8.04 29.43 27.23
N PHE F 73 -7.81 29.86 26.00
CA PHE F 73 -7.51 31.26 25.74
C PHE F 73 -8.07 31.62 24.38
N ALA F 74 -8.54 32.86 24.24
CA ALA F 74 -9.07 33.33 22.97
C ALA F 74 -7.88 33.62 22.06
N PRO F 75 -8.03 33.42 20.75
CA PRO F 75 -6.94 33.68 19.81
C PRO F 75 -6.30 35.06 20.02
N GLU F 76 -7.13 36.06 20.27
CA GLU F 76 -6.64 37.41 20.49
C GLU F 76 -5.67 37.48 21.65
N GLU F 77 -5.95 36.74 22.72
CA GLU F 77 -5.06 36.71 23.88
C GLU F 77 -3.71 36.15 23.51
N LEU F 78 -3.72 35.06 22.75
CA LEU F 78 -2.47 34.43 22.35
C LEU F 78 -1.68 35.35 21.42
N GLU F 79 -2.38 36.09 20.57
CA GLU F 79 -1.74 37.01 19.65
C GLU F 79 -1.05 38.14 20.41
N GLU F 80 -1.69 38.62 21.47
CA GLU F 80 -1.12 39.68 22.28
C GLU F 80 0.10 39.12 23.01
N ALA F 81 -0.02 37.88 23.47
CA ALA F 81 1.07 37.21 24.17
C ALA F 81 2.30 37.05 23.27
N ILE F 82 2.05 36.75 22.00
CA ILE F 82 3.12 36.57 21.02
C ILE F 82 3.84 37.90 20.76
N LYS F 83 3.08 38.98 20.69
CA LYS F 83 3.69 40.29 20.46
C LYS F 83 4.52 40.67 21.68
N GLU F 84 3.94 40.46 22.87
CA GLU F 84 4.63 40.82 24.10
C GLU F 84 5.87 39.99 24.41
N VAL F 85 5.92 38.73 23.95
CA VAL F 85 7.11 37.92 24.22
C VAL F 85 8.29 38.54 23.46
N VAL F 86 7.99 39.23 22.38
CA VAL F 86 9.02 39.89 21.58
C VAL F 86 9.42 41.18 22.30
N ARG F 87 8.42 41.98 22.64
CA ARG F 87 8.63 43.25 23.34
C ARG F 87 9.40 43.11 24.65
N ARG F 88 8.79 42.41 25.60
CA ARG F 88 9.38 42.22 26.92
C ARG F 88 10.81 41.69 26.92
N ASN F 89 11.18 40.93 25.90
CA ASN F 89 12.53 40.40 25.82
C ASN F 89 13.44 41.27 24.95
N GLY F 90 12.87 42.33 24.40
CA GLY F 90 13.63 43.24 23.56
C GLY F 90 14.16 42.57 22.30
N TYR F 91 13.36 41.69 21.71
CA TYR F 91 13.77 40.99 20.48
C TYR F 91 13.46 41.79 19.23
N ARG F 92 14.22 41.53 18.18
CA ARG F 92 14.04 42.19 16.89
C ARG F 92 13.89 41.08 15.86
N SER F 93 14.93 40.27 15.72
CA SER F 93 14.93 39.13 14.82
C SER F 93 14.83 37.92 15.73
N CYS F 94 13.71 37.19 15.67
CA CYS F 94 13.56 36.04 16.55
C CYS F 94 12.58 34.98 16.06
N TYR F 95 12.66 33.82 16.70
CA TYR F 95 11.80 32.70 16.41
C TYR F 95 10.87 32.58 17.62
N ILE F 96 9.57 32.53 17.37
CA ILE F 96 8.57 32.45 18.42
C ILE F 96 7.96 31.05 18.43
N ARG F 97 7.89 30.45 19.63
CA ARG F 97 7.37 29.10 19.77
C ARG F 97 6.20 28.91 20.74
N PRO F 98 4.96 29.01 20.23
CA PRO F 98 3.81 28.83 21.11
C PRO F 98 3.67 27.31 21.29
N LEU F 99 3.25 26.87 22.46
CA LEU F 99 3.09 25.44 22.72
C LEU F 99 1.87 25.20 23.63
N ALA F 100 1.05 24.22 23.25
CA ALA F 100 -0.11 23.85 24.03
C ALA F 100 0.06 22.36 24.31
N TRP F 101 0.02 21.98 25.58
CA TRP F 101 0.21 20.56 25.91
C TRP F 101 -0.74 20.04 26.97
N MET F 102 -1.05 18.75 26.89
CA MET F 102 -1.91 18.11 27.87
C MET F 102 -1.12 17.94 29.16
N GLY F 103 -1.70 18.41 30.27
CA GLY F 103 -1.04 18.36 31.56
C GLY F 103 -1.05 17.04 32.31
N ALA F 104 -0.81 17.13 33.61
CA ALA F 104 -0.72 15.96 34.47
C ALA F 104 -1.94 15.57 35.32
N LYS F 105 -3.15 15.78 34.81
CA LYS F 105 -4.33 15.40 35.60
C LYS F 105 -4.44 13.88 35.67
N ALA F 106 -4.04 13.21 34.58
CA ALA F 106 -4.09 11.75 34.51
C ALA F 106 -3.16 11.24 33.42
N LEU F 107 -2.81 9.96 33.49
CA LEU F 107 -1.93 9.39 32.48
C LEU F 107 -2.52 8.23 31.68
N GLY F 108 -3.84 8.24 31.54
CA GLY F 108 -4.49 7.23 30.73
C GLY F 108 -4.18 7.73 29.34
N VAL F 109 -4.02 6.84 28.36
CA VAL F 109 -3.70 7.28 27.00
C VAL F 109 -4.70 8.29 26.44
N ASN F 110 -5.97 8.16 26.82
CA ASN F 110 -7.00 9.10 26.35
C ASN F 110 -6.69 10.45 26.99
N PRO F 111 -6.45 11.50 26.16
CA PRO F 111 -6.13 12.84 26.65
C PRO F 111 -7.31 13.74 27.07
N LEU F 112 -8.53 13.38 26.67
CA LEU F 112 -9.70 14.19 27.02
C LEU F 112 -9.82 14.55 28.49
N PRO F 113 -9.58 13.59 29.39
CA PRO F 113 -9.68 13.91 30.83
C PRO F 113 -8.68 14.96 31.28
N ASN F 114 -7.69 15.24 30.45
CA ASN F 114 -6.67 16.24 30.82
C ASN F 114 -6.98 17.67 30.38
N ASN F 115 -8.04 17.86 29.60
CA ASN F 115 -8.40 19.22 29.17
C ASN F 115 -8.76 20.08 30.38
N PRO F 116 -8.56 21.39 30.27
CA PRO F 116 -8.02 22.08 29.09
C PRO F 116 -6.50 21.99 29.05
N ALA F 117 -5.92 22.24 27.88
CA ALA F 117 -4.48 22.18 27.72
C ALA F 117 -3.79 23.35 28.40
N GLU F 118 -2.53 23.16 28.75
CA GLU F 118 -1.72 24.21 29.36
C GLU F 118 -1.05 24.89 28.17
N VAL F 119 -0.76 26.19 28.30
CA VAL F 119 -0.16 26.91 27.18
C VAL F 119 0.99 27.81 27.60
N MET F 120 1.95 27.98 26.68
CA MET F 120 3.09 28.85 26.92
C MET F 120 3.62 29.35 25.59
N VAL F 121 4.23 30.53 25.61
CA VAL F 121 4.81 31.11 24.42
C VAL F 121 6.22 31.57 24.77
N ALA F 122 7.20 31.03 24.07
CA ALA F 122 8.58 31.38 24.30
C ALA F 122 9.18 31.89 22.99
N ALA F 123 10.30 32.58 23.08
CA ALA F 123 10.97 33.11 21.90
C ALA F 123 12.45 33.28 22.16
N TRP F 124 13.24 33.29 21.10
CA TRP F 124 14.68 33.46 21.22
C TRP F 124 15.27 34.06 19.96
N GLU F 125 16.32 34.88 20.12
CA GLU F 125 16.97 35.50 18.98
C GLU F 125 17.34 34.47 17.93
N TRP F 126 17.04 34.80 16.68
CA TRP F 126 17.32 33.90 15.57
C TRP F 126 18.73 34.12 15.04
N ALA F 134 27.16 30.10 0.61
CA ALA F 134 26.34 29.19 1.47
C ALA F 134 24.99 28.93 0.81
N VAL F 135 24.13 29.93 0.82
CA VAL F 135 22.80 29.82 0.21
C VAL F 135 22.95 29.59 -1.28
N ARG F 136 23.96 30.21 -1.88
CA ARG F 136 24.23 30.07 -3.30
C ARG F 136 24.71 28.66 -3.58
N LYS F 137 25.49 28.11 -2.64
CA LYS F 137 26.00 26.76 -2.78
C LYS F 137 24.81 25.82 -2.89
N GLY F 138 23.79 26.05 -2.06
CA GLY F 138 22.59 25.23 -2.07
C GLY F 138 22.63 24.13 -1.03
N ALA F 139 21.45 23.71 -0.58
CA ALA F 139 21.34 22.67 0.42
C ALA F 139 21.42 21.29 -0.24
N ARG F 140 21.96 20.32 0.48
CA ARG F 140 22.06 18.96 -0.04
C ARG F 140 21.10 18.08 0.76
N LEU F 141 20.26 17.34 0.04
CA LEU F 141 19.30 16.46 0.69
C LEU F 141 19.57 15.00 0.38
N ILE F 142 19.04 14.14 1.24
CA ILE F 142 19.15 12.71 1.05
C ILE F 142 17.77 12.17 1.36
N THR F 143 17.26 11.30 0.49
CA THR F 143 15.94 10.72 0.70
C THR F 143 15.98 9.76 1.87
N SER F 144 15.05 9.94 2.80
CA SER F 144 14.97 9.14 4.02
C SER F 144 14.41 7.73 3.86
N SER F 145 14.82 6.85 4.77
CA SER F 145 14.34 5.47 4.79
C SER F 145 13.10 5.41 5.68
N TRP F 146 12.69 6.57 6.19
CA TRP F 146 11.50 6.67 7.00
C TRP F 146 10.47 7.39 6.15
N ALA F 147 9.31 6.76 5.96
CA ALA F 147 8.25 7.33 5.16
C ALA F 147 7.40 8.29 5.98
N ARG F 148 6.88 9.31 5.33
CA ARG F 148 6.02 10.28 6.00
C ARG F 148 4.74 9.53 6.32
N PHE F 149 4.18 9.76 7.50
CA PHE F 149 2.97 9.06 7.92
C PHE F 149 1.73 9.21 7.03
N PRO F 150 1.03 8.11 6.76
CA PRO F 150 -0.18 8.17 5.93
C PRO F 150 -1.19 9.06 6.67
N ALA F 151 -2.15 9.62 5.94
CA ALA F 151 -3.15 10.52 6.53
C ALA F 151 -4.09 9.88 7.54
N ASN F 152 -4.02 8.56 7.70
CA ASN F 152 -4.87 7.88 8.67
C ASN F 152 -4.06 7.24 9.79
N VAL F 153 -2.82 7.72 9.95
CA VAL F 153 -1.92 7.21 10.97
C VAL F 153 -1.54 8.34 11.94
N MET F 154 -1.17 9.50 11.39
CA MET F 154 -0.84 10.68 12.19
C MET F 154 -1.41 11.86 11.42
N PRO F 155 -1.94 12.87 12.13
CA PRO F 155 -2.51 14.04 11.46
C PRO F 155 -1.45 15.00 10.91
N GLY F 156 -1.04 14.75 9.67
CA GLY F 156 -0.01 15.55 9.02
C GLY F 156 -0.30 17.02 8.77
N LYS F 157 -1.56 17.43 8.84
CA LYS F 157 -1.93 18.83 8.63
C LYS F 157 -1.76 19.65 9.91
N ALA F 158 -1.53 18.97 11.02
CA ALA F 158 -1.36 19.64 12.31
C ALA F 158 0.06 19.50 12.83
N LYS F 159 0.47 20.43 13.68
CA LYS F 159 1.79 20.37 14.25
C LYS F 159 1.67 19.74 15.63
N VAL F 160 1.38 18.44 15.63
CA VAL F 160 1.23 17.65 16.84
C VAL F 160 2.61 17.14 17.25
N GLY F 161 2.94 17.31 18.53
CA GLY F 161 4.24 16.89 19.03
C GLY F 161 4.68 15.52 18.53
N GLY F 162 3.84 14.51 18.75
CA GLY F 162 4.15 13.15 18.35
C GLY F 162 4.55 12.98 16.89
N ASN F 163 3.96 13.77 16.00
CA ASN F 163 4.29 13.68 14.57
C ASN F 163 5.79 13.83 14.34
N TYR F 164 6.42 14.71 15.12
CA TYR F 164 7.85 14.97 14.95
C TYR F 164 8.85 13.89 15.33
N VAL F 165 8.34 12.73 15.74
CA VAL F 165 9.22 11.62 16.03
C VAL F 165 9.66 11.14 14.64
N ASN F 166 8.71 11.16 13.70
CA ASN F 166 8.96 10.76 12.32
C ASN F 166 9.98 11.74 11.72
N SER F 167 9.78 13.03 11.96
CA SER F 167 10.69 14.05 11.46
C SER F 167 12.07 13.90 12.10
N ALA F 168 12.10 13.67 13.41
CA ALA F 168 13.38 13.52 14.13
C ALA F 168 14.19 12.35 13.59
N LEU F 169 13.53 11.21 13.35
CA LEU F 169 14.21 10.05 12.83
C LEU F 169 14.82 10.34 11.46
N ALA F 170 14.06 11.01 10.61
CA ALA F 170 14.54 11.35 9.27
C ALA F 170 15.69 12.37 9.33
N LYS F 171 15.54 13.41 10.15
CA LYS F 171 16.59 14.41 10.26
C LYS F 171 17.91 13.80 10.76
N MET F 172 17.85 13.00 11.81
CA MET F 172 19.06 12.37 12.35
C MET F 172 19.74 11.54 11.27
N GLU F 173 18.94 10.82 10.50
CA GLU F 173 19.46 9.96 9.43
C GLU F 173 20.16 10.78 8.36
N ALA F 174 19.53 11.87 7.94
CA ALA F 174 20.08 12.74 6.90
C ALA F 174 21.41 13.35 7.34
N VAL F 175 21.45 13.85 8.57
CA VAL F 175 22.66 14.46 9.10
C VAL F 175 23.76 13.40 9.24
N ALA F 176 23.41 12.24 9.77
CA ALA F 176 24.37 11.16 9.93
C ALA F 176 24.92 10.75 8.57
N ALA F 177 24.13 10.91 7.51
CA ALA F 177 24.55 10.56 6.16
C ALA F 177 25.39 11.66 5.51
N GLY F 178 25.55 12.78 6.20
CA GLY F 178 26.34 13.88 5.67
C GLY F 178 25.56 14.94 4.91
N ALA F 179 24.24 14.86 4.93
CA ALA F 179 23.41 15.84 4.23
C ALA F 179 22.91 16.92 5.19
N ASP F 180 22.31 17.96 4.64
CA ASP F 180 21.79 19.08 5.44
C ASP F 180 20.37 18.81 5.93
N GLU F 181 19.60 18.10 5.12
CA GLU F 181 18.22 17.84 5.46
C GLU F 181 17.72 16.57 4.80
N ALA F 182 16.66 16.00 5.37
CA ALA F 182 16.08 14.79 4.83
C ALA F 182 14.89 15.11 3.94
N LEU F 183 14.66 14.25 2.96
CA LEU F 183 13.54 14.38 2.04
C LEU F 183 12.77 13.08 2.29
N LEU F 184 11.53 13.20 2.75
CA LEU F 184 10.74 12.00 3.03
C LEU F 184 9.76 11.69 1.91
N LEU F 185 9.55 10.40 1.67
CA LEU F 185 8.61 9.95 0.67
C LEU F 185 7.39 9.44 1.44
N ASP F 186 6.21 9.45 0.82
CA ASP F 186 5.05 8.90 1.51
C ASP F 186 5.17 7.39 1.33
N GLU F 187 4.30 6.63 1.98
CA GLU F 187 4.35 5.18 1.92
C GLU F 187 4.19 4.61 0.50
N GLU F 188 3.59 5.39 -0.41
CA GLU F 188 3.40 4.94 -1.78
C GLU F 188 4.64 5.17 -2.66
N GLY F 189 5.61 5.93 -2.12
CA GLY F 189 6.82 6.16 -2.87
C GLY F 189 6.99 7.54 -3.49
N TYR F 190 6.00 8.41 -3.34
CA TYR F 190 6.10 9.75 -3.89
C TYR F 190 6.77 10.68 -2.89
N VAL F 191 7.32 11.79 -3.38
CA VAL F 191 7.96 12.75 -2.49
C VAL F 191 6.88 13.40 -1.63
N ALA F 192 7.18 13.58 -0.35
CA ALA F 192 6.22 14.21 0.56
C ALA F 192 6.74 15.60 0.96
N GLU F 193 7.65 15.65 1.92
CA GLU F 193 8.21 16.92 2.39
C GLU F 193 9.52 16.70 3.14
N GLY F 194 10.17 17.80 3.54
CA GLY F 194 11.39 17.69 4.29
C GLY F 194 10.96 17.42 5.73
N SER F 195 11.92 17.14 6.62
CA SER F 195 11.55 16.87 8.00
C SER F 195 10.89 18.10 8.62
N GLY F 196 11.16 19.26 8.06
CA GLY F 196 10.57 20.47 8.59
C GLY F 196 10.25 21.52 7.55
N GLU F 197 10.06 21.10 6.30
CA GLU F 197 9.74 22.05 5.26
C GLU F 197 9.05 21.44 4.05
N ASN F 198 8.46 22.30 3.22
CA ASN F 198 7.75 21.87 2.02
C ASN F 198 8.69 21.92 0.82
N LEU F 199 8.32 21.22 -0.25
CA LEU F 199 9.16 21.16 -1.45
C LEU F 199 8.55 21.68 -2.74
N PHE F 200 9.42 22.23 -3.59
CA PHE F 200 9.07 22.75 -4.90
C PHE F 200 10.17 22.34 -5.87
N PHE F 201 9.86 22.36 -7.16
CA PHE F 201 10.87 22.11 -8.17
C PHE F 201 10.50 22.95 -9.39
N VAL F 202 11.48 23.24 -10.22
CA VAL F 202 11.26 24.07 -11.40
C VAL F 202 11.74 23.31 -12.62
N ARG F 203 10.96 23.35 -13.68
CA ARG F 203 11.32 22.66 -14.91
C ARG F 203 10.82 23.48 -16.10
N ASP F 204 11.75 23.87 -16.97
CA ASP F 204 11.42 24.64 -18.16
C ASP F 204 10.66 25.94 -17.85
N GLY F 205 11.10 26.66 -16.83
CA GLY F 205 10.44 27.91 -16.47
C GLY F 205 9.12 27.79 -15.71
N VAL F 206 8.64 26.56 -15.50
CA VAL F 206 7.40 26.39 -14.76
C VAL F 206 7.72 25.97 -13.33
N ILE F 207 7.06 26.61 -12.37
CA ILE F 207 7.26 26.30 -10.96
C ILE F 207 6.28 25.23 -10.53
N TYR F 208 6.78 24.16 -9.93
CA TYR F 208 5.92 23.08 -9.47
C TYR F 208 5.91 22.95 -7.95
N ALA F 209 4.77 23.27 -7.35
CA ALA F 209 4.59 23.14 -5.92
C ALA F 209 4.04 21.73 -5.72
N LEU F 210 4.46 21.05 -4.66
CA LEU F 210 3.95 19.70 -4.41
C LEU F 210 2.57 19.77 -3.74
N GLU F 211 1.70 18.83 -4.10
CA GLU F 211 0.36 18.78 -3.50
C GLU F 211 0.50 18.63 -1.99
N HIS F 212 -0.56 18.94 -1.25
CA HIS F 212 -0.51 18.83 0.21
C HIS F 212 -0.33 17.41 0.71
N SER F 213 -0.87 16.44 -0.04
CA SER F 213 -0.83 15.03 0.33
C SER F 213 -0.87 14.81 1.84
N VAL F 214 0.19 14.24 2.41
CA VAL F 214 0.27 13.98 3.84
C VAL F 214 1.09 15.04 4.58
N ASN F 215 1.45 16.11 3.87
CA ASN F 215 2.28 17.18 4.42
C ASN F 215 1.52 18.27 5.15
N LEU F 216 2.28 19.15 5.79
CA LEU F 216 1.73 20.29 6.49
C LEU F 216 1.48 21.33 5.41
N GLU F 217 0.40 22.10 5.53
CA GLU F 217 0.12 23.15 4.56
C GLU F 217 0.97 24.36 4.98
N GLY F 218 2.21 24.39 4.53
CA GLY F 218 3.11 25.46 4.89
C GLY F 218 2.66 26.87 4.57
N ILE F 219 2.90 27.77 5.52
CA ILE F 219 2.54 29.16 5.32
C ILE F 219 3.60 29.81 4.43
N THR F 220 4.83 29.29 4.49
CA THR F 220 5.89 29.83 3.65
C THR F 220 5.62 29.35 2.22
N ARG F 221 5.17 28.12 2.07
CA ARG F 221 4.83 27.56 0.77
C ARG F 221 3.75 28.46 0.15
N ASP F 222 2.74 28.77 0.94
CA ASP F 222 1.65 29.62 0.50
C ASP F 222 2.16 30.99 0.02
N SER F 223 3.05 31.58 0.81
CA SER F 223 3.62 32.89 0.49
C SER F 223 4.42 32.83 -0.80
N VAL F 224 5.20 31.77 -0.96
CA VAL F 224 6.02 31.58 -2.15
C VAL F 224 5.19 31.46 -3.43
N ILE F 225 4.07 30.75 -3.36
CA ILE F 225 3.20 30.58 -4.53
C ILE F 225 2.62 31.93 -4.95
N ARG F 226 2.19 32.73 -3.98
CA ARG F 226 1.63 34.03 -4.31
C ARG F 226 2.70 34.91 -4.93
N ILE F 227 3.89 34.91 -4.33
CA ILE F 227 4.98 35.71 -4.85
C ILE F 227 5.32 35.29 -6.28
N ALA F 228 5.46 33.99 -6.49
CA ALA F 228 5.79 33.45 -7.80
C ALA F 228 4.77 33.90 -8.86
N LYS F 229 3.49 33.83 -8.52
CA LYS F 229 2.46 34.24 -9.46
C LYS F 229 2.54 35.75 -9.69
N ASP F 230 2.80 36.51 -8.64
CA ASP F 230 2.92 37.96 -8.78
C ASP F 230 4.08 38.29 -9.72
N LEU F 231 5.16 37.50 -9.64
CA LEU F 231 6.32 37.72 -10.51
C LEU F 231 6.05 37.23 -11.94
N GLY F 232 4.90 36.59 -12.14
CA GLY F 232 4.56 36.14 -13.48
C GLY F 232 4.89 34.71 -13.86
N TYR F 233 5.35 33.91 -12.89
CA TYR F 233 5.67 32.52 -13.17
C TYR F 233 4.40 31.68 -13.17
N GLU F 234 4.38 30.67 -14.01
CA GLU F 234 3.25 29.76 -14.05
C GLU F 234 3.53 28.79 -12.91
N VAL F 235 2.52 28.51 -12.11
CA VAL F 235 2.69 27.58 -11.00
C VAL F 235 1.69 26.43 -11.13
N GLN F 236 2.19 25.21 -11.03
CA GLN F 236 1.33 24.04 -11.09
C GLN F 236 1.51 23.28 -9.79
N VAL F 237 0.43 22.69 -9.29
CA VAL F 237 0.47 21.91 -8.05
C VAL F 237 0.35 20.45 -8.49
N VAL F 238 1.40 19.68 -8.23
CA VAL F 238 1.42 18.28 -8.66
C VAL F 238 2.00 17.30 -7.66
N ARG F 239 1.88 16.02 -8.01
CA ARG F 239 2.44 14.94 -7.22
C ARG F 239 3.81 14.74 -7.88
N ALA F 240 4.84 14.45 -7.10
CA ALA F 240 6.17 14.30 -7.67
C ALA F 240 6.95 13.09 -7.17
N THR F 241 7.77 12.52 -8.06
CA THR F 241 8.60 11.37 -7.71
C THR F 241 10.03 11.88 -7.49
N ARG F 242 10.86 11.08 -6.85
CA ARG F 242 12.23 11.49 -6.60
C ARG F 242 12.99 11.77 -7.90
N ASP F 243 12.78 10.95 -8.94
CA ASP F 243 13.50 11.18 -10.17
C ASP F 243 13.00 12.39 -10.96
N GLN F 244 11.82 12.90 -10.62
CA GLN F 244 11.33 14.11 -11.29
C GLN F 244 12.16 15.26 -10.69
N LEU F 245 12.52 15.12 -9.41
CA LEU F 245 13.35 16.13 -8.76
C LEU F 245 14.78 16.04 -9.30
N TYR F 246 15.28 14.82 -9.47
CA TYR F 246 16.63 14.60 -9.98
C TYR F 246 16.82 15.26 -11.34
N MET F 247 15.75 15.27 -12.14
CA MET F 247 15.79 15.81 -13.49
C MET F 247 15.33 17.27 -13.61
N ALA F 248 14.95 17.89 -12.50
CA ALA F 248 14.47 19.27 -12.53
C ALA F 248 15.59 20.28 -12.76
N ASP F 249 15.21 21.48 -13.21
CA ASP F 249 16.21 22.53 -13.42
C ASP F 249 16.58 23.09 -12.05
N GLU F 250 15.61 23.13 -11.15
CA GLU F 250 15.83 23.61 -9.79
C GLU F 250 14.92 22.92 -8.80
N VAL F 251 15.36 22.93 -7.54
CA VAL F 251 14.59 22.36 -6.44
C VAL F 251 14.85 23.30 -5.26
N PHE F 252 13.81 23.56 -4.46
CA PHE F 252 13.98 24.39 -3.28
C PHE F 252 12.96 24.04 -2.20
N MET F 253 13.29 24.37 -0.96
CA MET F 253 12.45 24.11 0.19
C MET F 253 11.94 25.44 0.74
N THR F 254 10.82 25.39 1.45
CA THR F 254 10.26 26.58 2.07
C THR F 254 9.84 26.20 3.47
N GLY F 255 9.94 27.15 4.40
CA GLY F 255 9.55 26.89 5.77
C GLY F 255 9.83 28.14 6.60
N THR F 256 9.16 28.27 7.72
CA THR F 256 9.37 29.44 8.56
C THR F 256 10.86 29.62 8.88
N ALA F 257 11.53 28.53 9.25
CA ALA F 257 12.96 28.61 9.57
C ALA F 257 13.82 28.65 8.31
N ALA F 258 13.51 27.78 7.35
CA ALA F 258 14.29 27.71 6.12
C ALA F 258 14.02 28.84 5.13
N GLU F 259 12.96 29.61 5.36
CA GLU F 259 12.63 30.69 4.42
C GLU F 259 12.55 30.00 3.06
N VAL F 260 13.28 30.51 2.06
CA VAL F 260 13.29 29.85 0.76
C VAL F 260 14.72 29.38 0.58
N THR F 261 14.93 28.07 0.68
CA THR F 261 16.27 27.51 0.55
C THR F 261 16.48 26.67 -0.69
N PRO F 262 17.38 27.12 -1.59
CA PRO F 262 17.66 26.37 -2.81
C PRO F 262 18.29 25.02 -2.47
N VAL F 263 17.96 24.00 -3.26
CA VAL F 263 18.50 22.65 -3.07
C VAL F 263 19.35 22.31 -4.29
N SER F 264 20.66 22.22 -4.10
CA SER F 264 21.57 21.95 -5.20
C SER F 264 21.90 20.48 -5.44
N MET F 265 21.57 19.62 -4.49
CA MET F 265 21.85 18.20 -4.65
C MET F 265 20.92 17.31 -3.82
N ILE F 266 20.53 16.18 -4.40
CA ILE F 266 19.67 15.21 -3.73
C ILE F 266 20.24 13.82 -3.99
N ASP F 267 20.51 13.08 -2.93
CA ASP F 267 21.06 11.74 -3.06
C ASP F 267 22.33 11.72 -3.91
N TRP F 268 23.18 12.70 -3.64
CA TRP F 268 24.46 12.85 -4.34
C TRP F 268 24.33 13.08 -5.83
N ARG F 269 23.14 13.48 -6.26
CA ARG F 269 22.89 13.77 -7.66
C ARG F 269 22.65 15.28 -7.75
N PRO F 270 23.53 16.01 -8.44
CA PRO F 270 23.37 17.46 -8.58
C PRO F 270 22.09 17.84 -9.30
N ILE F 271 21.45 18.89 -8.83
CA ILE F 271 20.22 19.40 -9.43
C ILE F 271 20.55 20.51 -10.40
N GLY F 272 20.16 20.33 -11.66
CA GLY F 272 20.45 21.34 -12.66
C GLY F 272 21.94 21.62 -12.72
N LYS F 273 22.32 22.88 -12.60
CA LYS F 273 23.73 23.26 -12.65
C LYS F 273 24.55 22.89 -11.43
N GLY F 274 23.90 22.41 -10.38
CA GLY F 274 24.65 22.02 -9.19
C GLY F 274 24.82 23.09 -8.14
N THR F 275 24.17 24.23 -8.34
CA THR F 275 24.21 25.34 -7.38
C THR F 275 22.83 25.96 -7.35
N ALA F 276 22.64 26.95 -6.49
CA ALA F 276 21.35 27.63 -6.40
C ALA F 276 20.96 28.16 -7.77
N GLY F 277 19.69 27.98 -8.13
CA GLY F 277 19.22 28.46 -9.42
C GLY F 277 18.61 29.84 -9.34
N PRO F 278 18.39 30.50 -10.49
CA PRO F 278 17.82 31.84 -10.56
C PRO F 278 16.39 32.00 -10.02
N VAL F 279 15.50 31.06 -10.33
CA VAL F 279 14.14 31.17 -9.86
C VAL F 279 14.05 31.13 -8.34
N ALA F 280 14.64 30.10 -7.73
CA ALA F 280 14.62 29.98 -6.28
C ALA F 280 15.22 31.21 -5.62
N LEU F 281 16.28 31.75 -6.21
CA LEU F 281 16.94 32.93 -5.67
C LEU F 281 16.08 34.19 -5.77
N ARG F 282 15.31 34.34 -6.85
CA ARG F 282 14.44 35.51 -6.97
C ARG F 282 13.32 35.41 -5.94
N LEU F 283 12.77 34.22 -5.79
CA LEU F 283 11.68 34.03 -4.82
C LEU F 283 12.20 34.32 -3.41
N ARG F 284 13.42 33.88 -3.13
CA ARG F 284 14.00 34.11 -1.82
C ARG F 284 14.17 35.62 -1.61
N GLU F 285 14.67 36.32 -2.64
CA GLU F 285 14.87 37.76 -2.54
C GLU F 285 13.57 38.50 -2.28
N VAL F 286 12.53 38.22 -3.07
CA VAL F 286 11.27 38.91 -2.86
C VAL F 286 10.68 38.57 -1.47
N TYR F 287 10.79 37.30 -1.08
CA TYR F 287 10.28 36.88 0.22
C TYR F 287 10.99 37.65 1.33
N LEU F 288 12.31 37.76 1.26
CA LEU F 288 13.06 38.49 2.27
C LEU F 288 12.68 39.96 2.28
N GLU F 289 12.42 40.51 1.09
CA GLU F 289 12.01 41.90 0.97
C GLU F 289 10.64 42.07 1.64
N ALA F 290 9.79 41.08 1.45
CA ALA F 290 8.45 41.10 2.04
C ALA F 290 8.45 41.07 3.56
N VAL F 291 9.16 40.10 4.13
CA VAL F 291 9.19 39.96 5.59
C VAL F 291 9.90 41.10 6.30
N THR F 292 10.77 41.82 5.60
CA THR F 292 11.49 42.92 6.23
C THR F 292 10.77 44.25 5.98
N GLY F 293 9.53 44.16 5.50
CA GLY F 293 8.73 45.34 5.26
C GLY F 293 9.15 46.26 4.13
N ARG F 294 9.69 45.68 3.06
CA ARG F 294 10.12 46.47 1.92
C ARG F 294 9.24 46.25 0.69
N ARG F 295 8.11 45.57 0.88
CA ARG F 295 7.16 45.32 -0.21
C ARG F 295 5.78 45.77 0.24
N PRO F 296 5.35 46.96 -0.21
CA PRO F 296 4.04 47.51 0.14
C PRO F 296 2.88 46.57 -0.15
N GLU F 297 2.96 45.84 -1.25
CA GLU F 297 1.88 44.93 -1.63
C GLU F 297 1.72 43.74 -0.67
N TYR F 298 2.73 43.50 0.17
CA TYR F 298 2.67 42.39 1.12
C TYR F 298 2.62 42.84 2.58
N GLU F 299 2.44 44.14 2.81
CA GLU F 299 2.39 44.67 4.17
C GLU F 299 1.30 44.00 5.00
N GLY F 300 0.25 43.54 4.32
CA GLY F 300 -0.85 42.89 5.03
C GLY F 300 -0.40 41.64 5.76
N TRP F 301 0.75 41.09 5.39
CA TRP F 301 1.27 39.88 6.03
C TRP F 301 2.02 40.18 7.32
N LEU F 302 2.35 41.45 7.55
CA LEU F 302 3.11 41.83 8.73
C LEU F 302 2.32 42.41 9.89
N THR F 303 2.81 42.15 11.10
CA THR F 303 2.21 42.68 12.31
C THR F 303 3.36 43.36 13.05
N TYR F 304 3.37 44.69 13.03
CA TYR F 304 4.43 45.43 13.68
C TYR F 304 4.24 45.47 15.19
N VAL F 305 5.26 44.98 15.89
CA VAL F 305 5.25 44.92 17.34
C VAL F 305 5.21 46.29 18.02
N ASN F 306 5.77 47.31 17.37
CA ASN F 306 5.77 48.64 17.95
C ASN F 306 4.72 49.56 17.32
#